data_1GZL
# 
_entry.id   1GZL 
# 
_audit_conform.dict_name       mmcif_pdbx.dic 
_audit_conform.dict_version    5.397 
_audit_conform.dict_location   http://mmcif.pdb.org/dictionaries/ascii/mmcif_pdbx.dic 
# 
loop_
_database_2.database_id 
_database_2.database_code 
_database_2.pdbx_database_accession 
_database_2.pdbx_DOI 
PDB   1GZL         pdb_00001gzl 10.2210/pdb1gzl/pdb 
PDBE  EBI-9877     ?            ?                   
WWPDB D_1290009877 ?            ?                   
# 
loop_
_pdbx_audit_revision_history.ordinal 
_pdbx_audit_revision_history.data_content_type 
_pdbx_audit_revision_history.major_revision 
_pdbx_audit_revision_history.minor_revision 
_pdbx_audit_revision_history.revision_date 
1 'Structure model' 1 0 2002-10-10 
2 'Structure model' 1 1 2015-12-02 
3 'Structure model' 1 2 2019-11-20 
4 'Structure model' 1 3 2024-05-01 
5 'Structure model' 1 4 2024-10-16 
# 
_pdbx_audit_revision_details.ordinal             1 
_pdbx_audit_revision_details.revision_ordinal    1 
_pdbx_audit_revision_details.data_content_type   'Structure model' 
_pdbx_audit_revision_details.provider            repository 
_pdbx_audit_revision_details.type                'Initial release' 
_pdbx_audit_revision_details.description         ? 
_pdbx_audit_revision_details.details             ? 
# 
loop_
_pdbx_audit_revision_group.ordinal 
_pdbx_audit_revision_group.revision_ordinal 
_pdbx_audit_revision_group.data_content_type 
_pdbx_audit_revision_group.group 
1  2 'Structure model' 'Derived calculations'      
2  2 'Structure model' 'Non-polymer description'   
3  2 'Structure model' Other                       
4  2 'Structure model' 'Refinement description'    
5  2 'Structure model' 'Source and taxonomy'       
6  2 'Structure model' 'Version format compliance' 
7  3 'Structure model' 'Derived calculations'      
8  3 'Structure model' Other                       
9  3 'Structure model' 'Source and taxonomy'       
10 4 'Structure model' 'Data collection'           
11 4 'Structure model' 'Database references'       
12 4 'Structure model' 'Derived calculations'      
13 4 'Structure model' 'Refinement description'    
14 5 'Structure model' 'Structure summary'         
# 
loop_
_pdbx_audit_revision_category.ordinal 
_pdbx_audit_revision_category.revision_ordinal 
_pdbx_audit_revision_category.data_content_type 
_pdbx_audit_revision_category.category 
1  3 'Structure model' pdbx_database_status          
2  3 'Structure model' pdbx_entity_src_syn           
3  3 'Structure model' struct_conn                   
4  4 'Structure model' chem_comp_atom                
5  4 'Structure model' chem_comp_bond                
6  4 'Structure model' database_2                    
7  4 'Structure model' pdbx_initial_refinement_model 
8  4 'Structure model' struct_site                   
9  5 'Structure model' pdbx_entry_details            
10 5 'Structure model' pdbx_modification_feature     
# 
loop_
_pdbx_audit_revision_item.ordinal 
_pdbx_audit_revision_item.revision_ordinal 
_pdbx_audit_revision_item.data_content_type 
_pdbx_audit_revision_item.item 
1 3 'Structure model' '_pdbx_database_status.status_code_sf'         
2 3 'Structure model' '_struct_conn.pdbx_leaving_atom_flag'          
3 4 'Structure model' '_database_2.pdbx_DOI'                         
4 4 'Structure model' '_database_2.pdbx_database_accession'          
5 4 'Structure model' '_struct_site.pdbx_auth_asym_id'               
6 4 'Structure model' '_struct_site.pdbx_auth_comp_id'               
7 4 'Structure model' '_struct_site.pdbx_auth_seq_id'                
8 5 'Structure model' '_pdbx_entry_details.has_protein_modification' 
# 
_pdbx_database_status.status_code                     REL 
_pdbx_database_status.entry_id                        1GZL 
_pdbx_database_status.deposit_site                    PDBE 
_pdbx_database_status.process_site                    PDBE 
_pdbx_database_status.SG_entry                        . 
_pdbx_database_status.recvd_initial_deposition_date   2002-05-23 
_pdbx_database_status.pdb_format_compatible           Y 
_pdbx_database_status.status_code_sf                  REL 
_pdbx_database_status.status_code_mr                  ? 
_pdbx_database_status.status_code_cs                  ? 
_pdbx_database_status.methods_development_category    ? 
_pdbx_database_status.status_code_nmr_data            ? 
# 
loop_
_pdbx_database_related.db_name 
_pdbx_database_related.db_id 
_pdbx_database_related.content_type 
_pdbx_database_related.details 
PDB 1DGC unspecified 'GCN4 LEUCINE ZIPPER COMPLEXED WITH SPECIFIC ATF/CREB SITE DEOXYRIBONUCLEIC ACID' 
PDB 1E7T unspecified 'HUMAN VIMENTIN COIL 2B FRAGMENT LINKED TO GCN4 LEUCINE ZIPPER' 
PDB 1ENV unspecified 'ATOMIC STRUCTURE OF THE ECTODOMAIN FROM HIV-1 GP41' 
PDB 1FAV unspecified 'THE STRUCTURE OF AN HIV-1 SPECIFIC CELL ENTRY INHIBITOR INCOMPLEX WITH THE HIV-1 GP41 TRIMERIC CORE' 
PDB 1GCL unspecified 'GCN4 LEUCINE ZIPPER CORE MUTANT P-LI' 
PDB 1GCM unspecified 'GCN4 LEUCINE ZIPPER CORE MUTANT P-LI' 
PDB 1GK6 unspecified 'HUMAN VIMENTIN COIL 2B FRAGMENT LINKED TO GCN4 LEUCINE ZIPPER (Z2B)' 
PDB 1IHQ unspecified 
'GLYTM1BZIP: A CHIMERIC PEPTIDE MODEL OF THE N-TERMINUS OF ARAT SHORT ALPHA TROPOMYOSIN WITH THE N-TERMINUS ENCODED BYEXON 1B' 
PDB 1IJ0 unspecified 'COILED COIL TRIMER GCN4-PVLS SER AT BURIED D POSITION' 
PDB 1IJ1 unspecified 'GCN4-PVLT COILED-COIL TRIMER WITH THREONINE AT THE D(12)POSITION' 
PDB 1IJ2 unspecified 'GCN4-PVTL COILED-COIL TRIMER WITH THREONINE AT THE A(16)POSITION' 
PDB 1IJ3 unspecified 'GCN4-PVSL COILED-COIL TRIMER WITH SERINE AT THE A(16)POSITION' 
PDB 1KQL unspecified 'CRYSTAL STRUCTURE OF THE C-TERMINAL REGION OF STRIATEDMUSCLE ALPHA-TROPOMYOSIN AT 2.7 ANGSTROM RESOLUTION' 
PDB 1PIQ unspecified 'CRYSTAL STRUCTURE OF GCN4-PIQ, A TRIMERIC COILED COIL WITH BURIED POLAR RESIDUES' 
PDB 1SWI unspecified 'GCN4-LEUCINE ZIPPER CORE MUTANT AS N16A COMPLEXED WITH BENZENE' 
PDB 1TMZ unspecified 'TMZIP: A CHIMERIC PEPTIDE MODEL OF THE N- TERMINUS OF ALPHA TROPOMYOSIN, NMR, 15 STRUCTURES' 
PDB 1YSA unspecified 'GCN4 (BASIC REGION, LEUCINE ZIPPER) COMPLEX WITH AP-1 DEOXYRIBONUCLEIC ACID' 
PDB 1ZII unspecified 'GCN4-LEUCINE ZIPPER CORE MUTANT ASN16ABA IN THE DIMERIC STATE' 
PDB 1ZIJ unspecified 'GCN4-LEUCINE ZIPPER CORE MUTANT ASN16ABA IN THE TRIMERIC STATE' 
PDB 1ZIK unspecified 'GCN4-LEUCINE ZIPPER CORE MUTANT ASN16LYS IN THE DIMERIC STATE' 
PDB 1ZIL unspecified 'GCN4-LEUCINE ZIPPER CORE MUTANT ASN16GLN IN THE DIMERIC STATE' 
PDB 1ZIM unspecified 'GCN4-LEUCINE ZIPPER CORE MUTANT ASN16GLN IN THE TRIMERIC STATE' 
PDB 1ZTA unspecified 'LEUCINE ZIPPER MONOMER (NMR, 20 STRUCTURES)' 
PDB 2DGC unspecified 'GCN4 BASIC DOMAIN, LEUCINE ZIPPER COMPLEXED WITH ATF/CREB SITE DEOXYRIBONUCLEIC ACID' 
PDB 2ZTA unspecified 'GCN4 LEUCINE ZIPPER' 
# 
loop_
_audit_author.name 
_audit_author.pdbx_ordinal 
'Sia, S.K.'          1 
'Carr, P.A.'         2 
'Cochran, A.G.'      3 
'Malashkevich, V.M.' 4 
'Kim, P.S.'          5 
# 
_citation.id                        primary 
_citation.title                     'Short Constrained Peptides that Inhibit HIV-1 Entry' 
_citation.journal_abbrev            Proc.Natl.Acad.Sci.USA 
_citation.journal_volume            99 
_citation.page_first                14664 
_citation.page_last                 ? 
_citation.year                      2002 
_citation.journal_id_ASTM           PNASA6 
_citation.country                   US 
_citation.journal_id_ISSN           0027-8424 
_citation.journal_id_CSD            0040 
_citation.book_publisher            ? 
_citation.pdbx_database_id_PubMed   12417739 
_citation.pdbx_database_id_DOI      10.1073/PNAS.232566599 
# 
loop_
_citation_author.citation_id 
_citation_author.name 
_citation_author.ordinal 
_citation_author.identifier_ORCID 
primary 'Sia, S.K.'          1 ? 
primary 'Carr, P.A.'         2 ? 
primary 'Cochran, A.G.'      3 ? 
primary 'Malashkevich, V.M.' 4 ? 
primary 'Kim, P.S.'          5 ? 
# 
loop_
_entity.id 
_entity.type 
_entity.src_method 
_entity.pdbx_description 
_entity.formula_weight 
_entity.pdbx_number_of_molecules 
_entity.pdbx_ec 
_entity.pdbx_mutation 
_entity.pdbx_fragment 
_entity.details 
1 polymer     syn 'FUSION PROTEIN BETWEEN THE HYDROPHOBIC POCKET OF HIV GP41 AND GENERAL CONTROL PROTEIN GCN4-PIQI' 5468.566 2  ? 
?   'GP41 HYDROPHOBIC POCKET, RESIDUES 565-581, GCN4, RESIDUES 249-276' ? 
2 polymer     syn 'ENVELOPE GLYCOPROTEIN GP41'                                                                      1670.710 2  ? 
YES 'RESIDUES 628-639'                                                  
;SEQUENCE OF THE HIV-1 GP41 WAS MUTATED AT MET 629 AND ASN 636 TO GLUTAMATE, AND THEIR SIDE-CHAINS CROSS-LINKED VIA A DIAMINOPENTANE GROUP
;
3 non-polymer syn 'CHLORIDE ION'                                                                                    35.453   2  ? 
?   ?                                                                   ? 
4 non-polymer syn PENTANE-1,5-DIAMINE                                                                               102.178  2  ? 
?   ?                                                                   ? 
5 water       nat water                                                                                             18.015   77 ? 
?   ?                                                                   ? 
# 
_entity_name_com.entity_id   2 
_entity_name_com.name        C14LINKMID 
# 
loop_
_entity_poly.entity_id 
_entity_poly.type 
_entity_poly.nstd_linkage 
_entity_poly.nstd_monomer 
_entity_poly.pdbx_seq_one_letter_code 
_entity_poly.pdbx_seq_one_letter_code_can 
_entity_poly.pdbx_strand_id 
_entity_poly.pdbx_target_identifier 
1 'polypeptide(L)' no yes '(ACE)RMKQIEDKIEEIESKQKKIENEIARIKKLLQLTVWGIKQLQARIL' XRMKQIEDKIEEIESKQKKIENEIARIKKLLQLTVWGIKQLQARIL A,B 
? 
2 'polypeptide(L)' no no  WEEWDREIENYT                                         WEEWDREIENYT                                   C,D 
? 
# 
loop_
_pdbx_entity_nonpoly.entity_id 
_pdbx_entity_nonpoly.name 
_pdbx_entity_nonpoly.comp_id 
3 'CHLORIDE ION'      CL  
4 PENTANE-1,5-DIAMINE N2P 
5 water               HOH 
# 
loop_
_entity_poly_seq.entity_id 
_entity_poly_seq.num 
_entity_poly_seq.mon_id 
_entity_poly_seq.hetero 
1 1  ACE n 
1 2  ARG n 
1 3  MET n 
1 4  LYS n 
1 5  GLN n 
1 6  ILE n 
1 7  GLU n 
1 8  ASP n 
1 9  LYS n 
1 10 ILE n 
1 11 GLU n 
1 12 GLU n 
1 13 ILE n 
1 14 GLU n 
1 15 SER n 
1 16 LYS n 
1 17 GLN n 
1 18 LYS n 
1 19 LYS n 
1 20 ILE n 
1 21 GLU n 
1 22 ASN n 
1 23 GLU n 
1 24 ILE n 
1 25 ALA n 
1 26 ARG n 
1 27 ILE n 
1 28 LYS n 
1 29 LYS n 
1 30 LEU n 
1 31 LEU n 
1 32 GLN n 
1 33 LEU n 
1 34 THR n 
1 35 VAL n 
1 36 TRP n 
1 37 GLY n 
1 38 ILE n 
1 39 LYS n 
1 40 GLN n 
1 41 LEU n 
1 42 GLN n 
1 43 ALA n 
1 44 ARG n 
1 45 ILE n 
1 46 LEU n 
2 1  TRP n 
2 2  GLU n 
2 3  GLU n 
2 4  TRP n 
2 5  ASP n 
2 6  ARG n 
2 7  GLU n 
2 8  ILE n 
2 9  GLU n 
2 10 ASN n 
2 11 TYR n 
2 12 THR n 
# 
loop_
_pdbx_entity_src_syn.entity_id 
_pdbx_entity_src_syn.pdbx_src_id 
_pdbx_entity_src_syn.pdbx_alt_source_flag 
_pdbx_entity_src_syn.pdbx_beg_seq_num 
_pdbx_entity_src_syn.pdbx_end_seq_num 
_pdbx_entity_src_syn.organism_scientific 
_pdbx_entity_src_syn.organism_common_name 
_pdbx_entity_src_syn.ncbi_taxonomy_id 
_pdbx_entity_src_syn.details 
1 1 sample ? ? 'SACCHAROMYCES CEREVISIAE'       
;BAKER'S YEAST
;
4932  'THIS PEPTIDE WAS CHEMICALLY SYNTHESIZED' 
1 2 sample ? ? 'HUMAN IMMUNODEFICIENCY VIRUS 1' HIV-1           11676 'THIS PEPTIDE WAS CHEMICALLY SYNTHESIZED' 
2 1 sample ? ? 'HUMAN IMMUNODEFICIENCY VIRUS'   HIV-1           12721 'THIS PEPTIDE WAS CHEMICALLY SYNTHESIZED' 
# 
loop_
_chem_comp.id 
_chem_comp.type 
_chem_comp.mon_nstd_flag 
_chem_comp.name 
_chem_comp.pdbx_synonyms 
_chem_comp.formula 
_chem_comp.formula_weight 
ACE non-polymer         . 'ACETYL GROUP'      ? 'C2 H4 O'        44.053  
ALA 'L-peptide linking' y ALANINE             ? 'C3 H7 N O2'     89.093  
ARG 'L-peptide linking' y ARGININE            ? 'C6 H15 N4 O2 1' 175.209 
ASN 'L-peptide linking' y ASPARAGINE          ? 'C4 H8 N2 O3'    132.118 
ASP 'L-peptide linking' y 'ASPARTIC ACID'     ? 'C4 H7 N O4'     133.103 
CL  non-polymer         . 'CHLORIDE ION'      ? 'Cl -1'          35.453  
GLN 'L-peptide linking' y GLUTAMINE           ? 'C5 H10 N2 O3'   146.144 
GLU 'L-peptide linking' y 'GLUTAMIC ACID'     ? 'C5 H9 N O4'     147.129 
GLY 'peptide linking'   y GLYCINE             ? 'C2 H5 N O2'     75.067  
HIS 'L-peptide linking' y HISTIDINE           ? 'C6 H10 N3 O2 1' 156.162 
HOH non-polymer         . WATER               ? 'H2 O'           18.015  
ILE 'L-peptide linking' y ISOLEUCINE          ? 'C6 H13 N O2'    131.173 
LEU 'L-peptide linking' y LEUCINE             ? 'C6 H13 N O2'    131.173 
LYS 'L-peptide linking' y LYSINE              ? 'C6 H15 N2 O2 1' 147.195 
MET 'L-peptide linking' y METHIONINE          ? 'C5 H11 N O2 S'  149.211 
N2P non-polymer         . PENTANE-1,5-DIAMINE ? 'C5 H14 N2'      102.178 
SER 'L-peptide linking' y SERINE              ? 'C3 H7 N O3'     105.093 
THR 'L-peptide linking' y THREONINE           ? 'C4 H9 N O3'     119.119 
TRP 'L-peptide linking' y TRYPTOPHAN          ? 'C11 H12 N2 O2'  204.225 
TYR 'L-peptide linking' y TYROSINE            ? 'C9 H11 N O3'    181.189 
VAL 'L-peptide linking' y VALINE              ? 'C5 H11 N O2'    117.146 
# 
loop_
_pdbx_poly_seq_scheme.asym_id 
_pdbx_poly_seq_scheme.entity_id 
_pdbx_poly_seq_scheme.seq_id 
_pdbx_poly_seq_scheme.mon_id 
_pdbx_poly_seq_scheme.ndb_seq_num 
_pdbx_poly_seq_scheme.pdb_seq_num 
_pdbx_poly_seq_scheme.auth_seq_num 
_pdbx_poly_seq_scheme.pdb_mon_id 
_pdbx_poly_seq_scheme.auth_mon_id 
_pdbx_poly_seq_scheme.pdb_strand_id 
_pdbx_poly_seq_scheme.pdb_ins_code 
_pdbx_poly_seq_scheme.hetero 
A 1 1  ACE 1  0   0   ACE ACE A . n 
A 1 2  ARG 2  1   1   ARG ARG A . n 
A 1 3  MET 3  2   2   MET MET A . n 
A 1 4  LYS 4  3   3   LYS LYS A . n 
A 1 5  GLN 5  4   4   GLN GLN A . n 
A 1 6  ILE 6  5   5   ILE ILE A . n 
A 1 7  GLU 7  6   6   GLU GLU A . n 
A 1 8  ASP 8  7   7   ASP ASP A . n 
A 1 9  LYS 9  8   8   LYS LYS A . n 
A 1 10 ILE 10 9   9   ILE ILE A . n 
A 1 11 GLU 11 10  10  GLU GLU A . n 
A 1 12 GLU 12 11  11  GLU GLU A . n 
A 1 13 ILE 13 12  12  ILE ILE A . n 
A 1 14 GLU 14 13  13  GLU GLU A . n 
A 1 15 SER 15 14  14  SER SER A . n 
A 1 16 LYS 16 15  15  LYS LYS A . n 
A 1 17 GLN 17 16  16  GLN GLN A . n 
A 1 18 LYS 18 17  17  LYS LYS A . n 
A 1 19 LYS 19 18  18  LYS LYS A . n 
A 1 20 ILE 20 19  19  ILE ILE A . n 
A 1 21 GLU 21 20  20  GLU GLU A . n 
A 1 22 ASN 22 21  21  ASN ASN A . n 
A 1 23 GLU 23 22  22  GLU GLU A . n 
A 1 24 ILE 24 23  23  ILE ILE A . n 
A 1 25 ALA 25 24  24  ALA ALA A . n 
A 1 26 ARG 26 25  25  ARG ARG A . n 
A 1 27 ILE 27 26  26  ILE ILE A . n 
A 1 28 LYS 28 27  27  LYS LYS A . n 
A 1 29 LYS 29 28  28  LYS LYS A . n 
A 1 30 LEU 30 29  29  LEU LEU A . n 
A 1 31 LEU 31 30  30  LEU LEU A . n 
A 1 32 GLN 32 31  31  GLN GLN A . n 
A 1 33 LEU 33 32  32  LEU LEU A . n 
A 1 34 THR 34 33  33  THR THR A . n 
A 1 35 VAL 35 34  34  VAL VAL A . n 
A 1 36 TRP 36 35  35  TRP TRP A . n 
A 1 37 GLY 37 36  36  GLY GLY A . n 
A 1 38 ILE 38 37  37  ILE ILE A . n 
A 1 39 LYS 39 38  38  LYS LYS A . n 
A 1 40 GLN 40 39  39  GLN GLN A . n 
A 1 41 LEU 41 40  40  LEU LEU A . n 
A 1 42 GLN 42 41  41  GLN GLN A . n 
A 1 43 ALA 43 42  42  ALA ALA A . n 
A 1 44 ARG 44 43  43  ARG ARG A . n 
A 1 45 ILE 45 44  44  ILE ILE A . n 
A 1 46 LEU 46 45  45  LEU LEU A . n 
B 1 1  ACE 1  0   0   ACE ACE B . n 
B 1 2  ARG 2  1   1   ARG ARG B . n 
B 1 3  MET 3  2   2   MET MET B . n 
B 1 4  LYS 4  3   3   LYS LYS B . n 
B 1 5  GLN 5  4   4   GLN GLN B . n 
B 1 6  ILE 6  5   5   ILE ILE B . n 
B 1 7  GLU 7  6   6   GLU GLU B . n 
B 1 8  ASP 8  7   7   ASP ASP B . n 
B 1 9  LYS 9  8   8   LYS LYS B . n 
B 1 10 ILE 10 9   9   ILE ILE B . n 
B 1 11 GLU 11 10  10  GLU GLU B . n 
B 1 12 GLU 12 11  11  GLU GLU B . n 
B 1 13 ILE 13 12  12  ILE ILE B . n 
B 1 14 GLU 14 13  13  GLU GLU B . n 
B 1 15 SER 15 14  14  SER SER B . n 
B 1 16 LYS 16 15  15  LYS LYS B . n 
B 1 17 GLN 17 16  16  GLN GLN B . n 
B 1 18 LYS 18 17  17  LYS LYS B . n 
B 1 19 LYS 19 18  18  LYS LYS B . n 
B 1 20 ILE 20 19  19  ILE ILE B . n 
B 1 21 GLU 21 20  20  GLU GLU B . n 
B 1 22 ASN 22 21  21  ASN ASN B . n 
B 1 23 GLU 23 22  22  GLU GLU B . n 
B 1 24 ILE 24 23  23  ILE ILE B . n 
B 1 25 ALA 25 24  24  ALA ALA B . n 
B 1 26 ARG 26 25  25  ARG ARG B . n 
B 1 27 ILE 27 26  26  ILE ILE B . n 
B 1 28 LYS 28 27  27  LYS LYS B . n 
B 1 29 LYS 29 28  28  LYS LYS B . n 
B 1 30 LEU 30 29  29  LEU LEU B . n 
B 1 31 LEU 31 30  30  LEU LEU B . n 
B 1 32 GLN 32 31  31  GLN GLN B . n 
B 1 33 LEU 33 32  32  LEU LEU B . n 
B 1 34 THR 34 33  33  THR THR B . n 
B 1 35 VAL 35 34  34  VAL VAL B . n 
B 1 36 TRP 36 35  35  TRP TRP B . n 
B 1 37 GLY 37 36  36  GLY GLY B . n 
B 1 38 ILE 38 37  37  ILE ILE B . n 
B 1 39 LYS 39 38  38  LYS LYS B . n 
B 1 40 GLN 40 39  39  GLN GLN B . n 
B 1 41 LEU 41 40  40  LEU LEU B . n 
B 1 42 GLN 42 41  41  GLN GLN B . n 
B 1 43 ALA 43 42  42  ALA ALA B . n 
B 1 44 ARG 44 43  43  ARG ARG B . n 
B 1 45 ILE 45 44  44  ILE ILE B . n 
B 1 46 LEU 46 45  45  LEU LEU B . n 
C 2 1  TRP 1  628 628 TRP TRP C . n 
C 2 2  GLU 2  629 629 GLU GLU C . n 
C 2 3  GLU 3  630 630 GLU GLU C . n 
C 2 4  TRP 4  631 631 TRP TRP C . n 
C 2 5  ASP 5  632 632 ASP ASP C . n 
C 2 6  ARG 6  633 633 ARG ARG C . n 
C 2 7  GLU 7  634 634 GLU GLU C . n 
C 2 8  ILE 8  635 635 ILE ILE C . n 
C 2 9  GLU 9  636 636 GLU GLU C . n 
C 2 10 ASN 10 637 637 ASN ASN C . n 
C 2 11 TYR 11 638 638 TYR TYR C . n 
C 2 12 THR 12 639 639 THR THR C . n 
D 2 1  TRP 1  628 628 TRP TRP D . n 
D 2 2  GLU 2  629 629 GLU GLU D . n 
D 2 3  GLU 3  630 630 GLU GLU D . n 
D 2 4  TRP 4  631 631 TRP TRP D . n 
D 2 5  ASP 5  632 632 ASP ASP D . n 
D 2 6  ARG 6  633 633 ARG ARG D . n 
D 2 7  GLU 7  634 634 GLU GLU D . n 
D 2 8  ILE 8  635 635 ILE ILE D . n 
D 2 9  GLU 9  636 636 GLU GLU D . n 
D 2 10 ASN 10 637 637 ASN ASN D . n 
D 2 11 TYR 11 638 638 TYR TYR D . n 
D 2 12 THR 12 639 639 THR THR D . n 
# 
loop_
_pdbx_nonpoly_scheme.asym_id 
_pdbx_nonpoly_scheme.entity_id 
_pdbx_nonpoly_scheme.mon_id 
_pdbx_nonpoly_scheme.ndb_seq_num 
_pdbx_nonpoly_scheme.pdb_seq_num 
_pdbx_nonpoly_scheme.auth_seq_num 
_pdbx_nonpoly_scheme.pdb_mon_id 
_pdbx_nonpoly_scheme.auth_mon_id 
_pdbx_nonpoly_scheme.pdb_strand_id 
_pdbx_nonpoly_scheme.pdb_ins_code 
E 3 CL  1  1046 1046 CL  CL  A . 
F 3 CL  1  1046 1046 CL  CL  B . 
G 4 N2P 1  1640 1640 N2P N2P C . 
H 4 N2P 1  1640 1640 N2P N2P D . 
I 5 HOH 1  2001 2001 HOH HOH A . 
I 5 HOH 2  2002 2002 HOH HOH A . 
I 5 HOH 3  2003 2003 HOH HOH A . 
I 5 HOH 4  2004 2004 HOH HOH A . 
I 5 HOH 5  2005 2005 HOH HOH A . 
I 5 HOH 6  2006 2006 HOH HOH A . 
I 5 HOH 7  2007 2007 HOH HOH A . 
I 5 HOH 8  2008 2008 HOH HOH A . 
I 5 HOH 9  2009 2009 HOH HOH A . 
I 5 HOH 10 2010 2010 HOH HOH A . 
I 5 HOH 11 2011 2011 HOH HOH A . 
I 5 HOH 12 2012 2012 HOH HOH A . 
I 5 HOH 13 2013 2013 HOH HOH A . 
I 5 HOH 14 2014 2014 HOH HOH A . 
I 5 HOH 15 2015 2015 HOH HOH A . 
I 5 HOH 16 2016 2016 HOH HOH A . 
I 5 HOH 17 2017 2017 HOH HOH A . 
I 5 HOH 18 2018 2018 HOH HOH A . 
I 5 HOH 19 2019 2019 HOH HOH A . 
I 5 HOH 20 2020 2020 HOH HOH A . 
I 5 HOH 21 2021 2021 HOH HOH A . 
I 5 HOH 22 2022 2022 HOH HOH A . 
I 5 HOH 23 2023 2023 HOH HOH A . 
I 5 HOH 24 2024 2024 HOH HOH A . 
I 5 HOH 25 2025 2025 HOH HOH A . 
I 5 HOH 26 2026 2026 HOH HOH A . 
I 5 HOH 27 2027 2027 HOH HOH A . 
I 5 HOH 28 2028 2028 HOH HOH A . 
I 5 HOH 29 2029 2029 HOH HOH A . 
I 5 HOH 30 2030 2030 HOH HOH A . 
J 5 HOH 1  2001 2001 HOH HOH B . 
J 5 HOH 2  2002 2002 HOH HOH B . 
J 5 HOH 3  2003 2003 HOH HOH B . 
J 5 HOH 4  2004 2004 HOH HOH B . 
J 5 HOH 5  2005 2005 HOH HOH B . 
J 5 HOH 6  2006 2006 HOH HOH B . 
J 5 HOH 7  2007 2007 HOH HOH B . 
J 5 HOH 8  2008 2008 HOH HOH B . 
J 5 HOH 9  2009 2009 HOH HOH B . 
J 5 HOH 10 2010 2010 HOH HOH B . 
J 5 HOH 11 2011 2011 HOH HOH B . 
J 5 HOH 12 2012 2012 HOH HOH B . 
J 5 HOH 13 2013 2013 HOH HOH B . 
J 5 HOH 14 2014 2014 HOH HOH B . 
J 5 HOH 15 2015 2015 HOH HOH B . 
J 5 HOH 16 2016 2016 HOH HOH B . 
J 5 HOH 17 2017 2017 HOH HOH B . 
J 5 HOH 18 2018 2018 HOH HOH B . 
J 5 HOH 19 2019 2019 HOH HOH B . 
J 5 HOH 20 2020 2020 HOH HOH B . 
J 5 HOH 21 2021 2021 HOH HOH B . 
J 5 HOH 22 2022 2022 HOH HOH B . 
J 5 HOH 23 2023 2023 HOH HOH B . 
J 5 HOH 24 2024 2024 HOH HOH B . 
J 5 HOH 25 2025 2025 HOH HOH B . 
J 5 HOH 26 2026 2026 HOH HOH B . 
J 5 HOH 27 2027 2027 HOH HOH B . 
J 5 HOH 28 2028 2028 HOH HOH B . 
J 5 HOH 29 2029 2029 HOH HOH B . 
J 5 HOH 30 2030 2030 HOH HOH B . 
J 5 HOH 31 2031 2031 HOH HOH B . 
J 5 HOH 32 2032 2032 HOH HOH B . 
K 5 HOH 1  2001 2001 HOH HOH C . 
K 5 HOH 2  2002 2002 HOH HOH C . 
K 5 HOH 3  2003 2003 HOH HOH C . 
K 5 HOH 4  2004 2004 HOH HOH C . 
K 5 HOH 5  2005 2005 HOH HOH C . 
K 5 HOH 6  2006 2006 HOH HOH C . 
K 5 HOH 7  2007 2007 HOH HOH C . 
L 5 HOH 1  2001 2001 HOH HOH D . 
L 5 HOH 2  2002 2002 HOH HOH D . 
L 5 HOH 3  2003 2003 HOH HOH D . 
L 5 HOH 4  2004 2004 HOH HOH D . 
L 5 HOH 5  2005 2005 HOH HOH D . 
L 5 HOH 6  2006 2006 HOH HOH D . 
L 5 HOH 7  2007 2007 HOH HOH D . 
L 5 HOH 8  2008 2008 HOH HOH D . 
# 
loop_
_software.name 
_software.classification 
_software.version 
_software.citation_id 
_software.pdbx_ordinal 
CNS       refinement       1.0 ? 1 
DENZO     'data reduction' .   ? 2 
SCALEPACK 'data scaling'   .   ? 3 
AMoRE     phasing          .   ? 4 
# 
_cell.entry_id           1GZL 
_cell.length_a           38.358 
_cell.length_b           38.358 
_cell.length_c           169.695 
_cell.angle_alpha        90.00 
_cell.angle_beta         90.00 
_cell.angle_gamma        120.00 
_cell.Z_PDB              12 
_cell.pdbx_unique_axis   ? 
# 
_symmetry.entry_id                         1GZL 
_symmetry.space_group_name_H-M             'P 63' 
_symmetry.pdbx_full_space_group_name_H-M   ? 
_symmetry.cell_setting                     ? 
_symmetry.Int_Tables_number                173 
# 
_exptl.entry_id          1GZL 
_exptl.method            'X-RAY DIFFRACTION' 
_exptl.crystals_number   1 
# 
_exptl_crystal.id                    1 
_exptl_crystal.density_meas          ? 
_exptl_crystal.density_Matthews      2.46 
_exptl_crystal.density_percent_sol   49.6 
_exptl_crystal.description           ? 
# 
_exptl_crystal_grow.crystal_id      1 
_exptl_crystal_grow.method          ? 
_exptl_crystal_grow.temp            ? 
_exptl_crystal_grow.temp_details    ? 
_exptl_crystal_grow.pH              8.60 
_exptl_crystal_grow.pdbx_pH_range   ? 
_exptl_crystal_grow.pdbx_details    '16% ISOPROPANOL, 0.1 M TRIS, PH 8.6, 1 M (NH4)2SO4' 
# 
_diffrn.id                     1 
_diffrn.ambient_temp           100.0 
_diffrn.ambient_temp_details   ? 
_diffrn.crystal_id             1 
# 
_diffrn_detector.diffrn_id              1 
_diffrn_detector.detector               CCD 
_diffrn_detector.type                   'ADSC CCD' 
_diffrn_detector.pdbx_collection_date   2000-06-19 
_diffrn_detector.details                ? 
# 
_diffrn_radiation.diffrn_id                        1 
_diffrn_radiation.wavelength_id                    1 
_diffrn_radiation.pdbx_monochromatic_or_laue_m_l   M 
_diffrn_radiation.monochromator                    GRAPHITE 
_diffrn_radiation.pdbx_diffrn_protocol             'SINGLE WAVELENGTH' 
_diffrn_radiation.pdbx_scattering_type             x-ray 
# 
_diffrn_radiation_wavelength.id           1 
_diffrn_radiation_wavelength.wavelength   1.00930 
_diffrn_radiation_wavelength.wt           1.0 
# 
_diffrn_source.diffrn_id                   1 
_diffrn_source.source                      SYNCHROTRON 
_diffrn_source.type                        'NSLS BEAMLINE X4A' 
_diffrn_source.pdbx_synchrotron_site       NSLS 
_diffrn_source.pdbx_synchrotron_beamline   X4A 
_diffrn_source.pdbx_wavelength             1.00930 
_diffrn_source.pdbx_wavelength_list        ? 
# 
_reflns.pdbx_diffrn_id               1 
_reflns.pdbx_ordinal                 1 
_reflns.entry_id                     1GZL 
_reflns.observed_criterion_sigma_I   0.000 
_reflns.observed_criterion_sigma_F   ? 
_reflns.d_resolution_low             20.000 
_reflns.d_resolution_high            1.800 
_reflns.number_obs                   59821 
_reflns.number_all                   ? 
_reflns.percent_possible_obs         91.9 
_reflns.pdbx_Rmerge_I_obs            ? 
_reflns.pdbx_Rsym_value              0.04400 
_reflns.pdbx_netI_over_sigmaI        13.6000 
_reflns.B_iso_Wilson_estimate        26.9 
_reflns.pdbx_redundancy              5.000 
# 
_reflns_shell.pdbx_diffrn_id         1 
_reflns_shell.pdbx_ordinal           1 
_reflns_shell.d_res_high             1.80 
_reflns_shell.d_res_low              1.86 
_reflns_shell.percent_possible_all   69.5 
_reflns_shell.Rmerge_I_obs           0.18700 
_reflns_shell.pdbx_Rsym_value        ? 
_reflns_shell.meanI_over_sigI_obs    7.200 
_reflns_shell.pdbx_redundancy        2.10 
# 
_refine.pdbx_refine_id                           'X-RAY DIFFRACTION' 
_refine.entry_id                                 1GZL 
_refine.pdbx_diffrn_id                           1 
_refine.pdbx_TLS_residual_ADP_flag               ? 
_refine.ls_number_reflns_obs                     10672 
_refine.ls_number_reflns_all                     ? 
_refine.pdbx_ls_sigma_I                          ? 
_refine.pdbx_ls_sigma_F                          0.0 
_refine.pdbx_data_cutoff_high_absF               505253.07 
_refine.pdbx_data_cutoff_low_absF                ? 
_refine.pdbx_data_cutoff_high_rms_absF           ? 
_refine.ls_d_res_low                             19.58 
_refine.ls_d_res_high                            1.80 
_refine.ls_percent_reflns_obs                    81.7 
_refine.ls_R_factor_obs                          0.208 
_refine.ls_R_factor_all                          ? 
_refine.ls_R_factor_R_work                       0.208 
_refine.ls_R_factor_R_free                       0.243 
_refine.ls_R_factor_R_free_error                 0.009 
_refine.ls_R_factor_R_free_error_details         ? 
_refine.ls_percent_reflns_R_free                 6.4 
_refine.ls_number_reflns_R_free                  685 
_refine.ls_number_parameters                     ? 
_refine.ls_number_restraints                     ? 
_refine.occupancy_min                            ? 
_refine.occupancy_max                            ? 
_refine.correlation_coeff_Fo_to_Fc               ? 
_refine.correlation_coeff_Fo_to_Fc_free          ? 
_refine.B_iso_mean                               36.0 
_refine.aniso_B[1][1]                            0.00 
_refine.aniso_B[2][2]                            0.00 
_refine.aniso_B[3][3]                            0.00 
_refine.aniso_B[1][2]                            0.01 
_refine.aniso_B[1][3]                            0.00 
_refine.aniso_B[2][3]                            0.00 
_refine.solvent_model_details                    'FLAT MODEL' 
_refine.solvent_model_param_ksol                 0.428224 
_refine.solvent_model_param_bsol                 97.565 
_refine.pdbx_solvent_vdw_probe_radii             ? 
_refine.pdbx_solvent_ion_probe_radii             ? 
_refine.pdbx_solvent_shrinkage_radii             ? 
_refine.pdbx_ls_cross_valid_method               THROUGHOUT 
_refine.details                                  
;FINAL REFINEMENT IS AFTER DETWINNING DATA. 529 REFLECTIONS WERE REJECTED BY CNS AFTER MEROHEDRAL DETWINNING. THE THREE CHAINS OF THE TRIMER ARE RELATED BY CRYSTALLOGRAPHIC SYMMETRY. TO GENERATE THE TRIMER, APPLY SYMMETRY TRANSFORMATIONS. THE FINAL MODEL CONSISTS OF ALL RESIDUES EXCEPT FOR THE TWO N-TERMINAL RESIDUES OF C14LINKMID, WHICH ARE DISORDERED.
;
_refine.pdbx_starting_model                      'UNBOUND IQN17 AND A MODEL OF C14LINKMID BOUND TO THE HYDROPHOBIC POCKET' 
_refine.pdbx_method_to_determine_struct          'MOLECULAR REPLACEMENT' 
_refine.pdbx_isotropic_thermal_model             RESTRAINED 
_refine.pdbx_stereochemistry_target_values       ? 
_refine.pdbx_stereochem_target_val_spec_case     ? 
_refine.pdbx_R_Free_selection_details            RANDOM 
_refine.pdbx_overall_ESU_R                       ? 
_refine.pdbx_overall_ESU_R_Free                  ? 
_refine.overall_SU_ML                            ? 
_refine.pdbx_overall_phase_error                 ? 
_refine.overall_SU_B                             ? 
_refine.overall_SU_R_Cruickshank_DPI             ? 
_refine.pdbx_overall_SU_R_free_Cruickshank_DPI   ? 
_refine.pdbx_overall_SU_R_Blow_DPI               ? 
_refine.pdbx_overall_SU_R_free_Blow_DPI          ? 
# 
_refine_analyze.pdbx_refine_id                  'X-RAY DIFFRACTION' 
_refine_analyze.entry_id                        1GZL 
_refine_analyze.Luzzati_coordinate_error_obs    0.23 
_refine_analyze.Luzzati_sigma_a_obs             0.24 
_refine_analyze.Luzzati_d_res_low_obs           5.00 
_refine_analyze.Luzzati_coordinate_error_free   0.29 
_refine_analyze.Luzzati_sigma_a_free            0.19 
_refine_analyze.Luzzati_d_res_low_free          ? 
_refine_analyze.number_disordered_residues      ? 
_refine_analyze.occupancy_sum_hydrogen          ? 
_refine_analyze.occupancy_sum_non_hydrogen      ? 
# 
_refine_hist.pdbx_refine_id                   'X-RAY DIFFRACTION' 
_refine_hist.cycle_id                         LAST 
_refine_hist.pdbx_number_atoms_protein        1002 
_refine_hist.pdbx_number_atoms_nucleic_acid   0 
_refine_hist.pdbx_number_atoms_ligand         16 
_refine_hist.number_atoms_solvent             77 
_refine_hist.number_atoms_total               1095 
_refine_hist.d_res_high                       1.80 
_refine_hist.d_res_low                        19.58 
# 
loop_
_refine_ls_restr.type 
_refine_ls_restr.dev_ideal 
_refine_ls_restr.dev_ideal_target 
_refine_ls_restr.weight 
_refine_ls_restr.number 
_refine_ls_restr.pdbx_refine_id 
_refine_ls_restr.pdbx_restraint_function 
c_bond_d                0.009 ?    ? ? 'X-RAY DIFFRACTION' ? 
c_bond_d_na             ?     ?    ? ? 'X-RAY DIFFRACTION' ? 
c_bond_d_prot           ?     ?    ? ? 'X-RAY DIFFRACTION' ? 
c_angle_d               ?     ?    ? ? 'X-RAY DIFFRACTION' ? 
c_angle_d_na            ?     ?    ? ? 'X-RAY DIFFRACTION' ? 
c_angle_d_prot          ?     ?    ? ? 'X-RAY DIFFRACTION' ? 
c_angle_deg             1.0   ?    ? ? 'X-RAY DIFFRACTION' ? 
c_angle_deg_na          ?     ?    ? ? 'X-RAY DIFFRACTION' ? 
c_angle_deg_prot        ?     ?    ? ? 'X-RAY DIFFRACTION' ? 
c_dihedral_angle_d      15.9  ?    ? ? 'X-RAY DIFFRACTION' ? 
c_dihedral_angle_d_na   ?     ?    ? ? 'X-RAY DIFFRACTION' ? 
c_dihedral_angle_d_prot ?     ?    ? ? 'X-RAY DIFFRACTION' ? 
c_improper_angle_d      0.67  ?    ? ? 'X-RAY DIFFRACTION' ? 
c_improper_angle_d_na   ?     ?    ? ? 'X-RAY DIFFRACTION' ? 
c_improper_angle_d_prot ?     ?    ? ? 'X-RAY DIFFRACTION' ? 
c_mcbond_it             1.40  1.50 ? ? 'X-RAY DIFFRACTION' ? 
c_mcangle_it            2.30  2.00 ? ? 'X-RAY DIFFRACTION' ? 
c_scbond_it             2.13  2.00 ? ? 'X-RAY DIFFRACTION' ? 
c_scangle_it            3.30  2.50 ? ? 'X-RAY DIFFRACTION' ? 
# 
_refine_ls_shell.pdbx_refine_id                   'X-RAY DIFFRACTION' 
_refine_ls_shell.pdbx_total_number_of_bins_used   6 
_refine_ls_shell.d_res_high                       1.80 
_refine_ls_shell.d_res_low                        1.91 
_refine_ls_shell.number_reflns_R_work             1143 
_refine_ls_shell.R_factor_R_work                  0.296 
_refine_ls_shell.percent_reflns_obs               55.9 
_refine_ls_shell.R_factor_R_free                  0.296 
_refine_ls_shell.R_factor_R_free_error            0.034 
_refine_ls_shell.percent_reflns_R_free            6.2 
_refine_ls_shell.number_reflns_R_free             76 
_refine_ls_shell.number_reflns_all                ? 
_refine_ls_shell.R_factor_all                     ? 
# 
loop_
_pdbx_xplor_file.pdbx_refine_id 
_pdbx_xplor_file.serial_no 
_pdbx_xplor_file.param_file 
_pdbx_xplor_file.topol_file 
'X-RAY DIFFRACTION' 1 PROTEIN_REP_D.PARAM PROTEIN_GN.TOP 
'X-RAY DIFFRACTION' 2 WATER_REP.PARAM     ?              
'X-RAY DIFFRACTION' 3 ION.PARAM           ?              
# 
_struct.entry_id                  1GZL 
_struct.title                     
'Crystal structure of C14linkmid/IQN17: a cross-linked inhibitor of HIV-1 entry bound to the gp41 hydrophobic pocket' 
_struct.pdbx_model_details        ? 
_struct.pdbx_CASP_flag            ? 
_struct.pdbx_model_type_details   ? 
# 
_struct_keywords.entry_id        1GZL 
_struct_keywords.pdbx_keywords   GLYCOPROTEIN 
_struct_keywords.text            'GLYCOPROTEIN, HIV ENTRY, INHIBITOR, CROSS-LINK, GP41, COILED COIL' 
# 
loop_
_struct_asym.id 
_struct_asym.pdbx_blank_PDB_chainid_flag 
_struct_asym.pdbx_modified 
_struct_asym.entity_id 
_struct_asym.details 
A N N 1 ? 
B N N 1 ? 
C N N 2 ? 
D N N 2 ? 
E N N 3 ? 
F N N 3 ? 
G N N 4 ? 
H N N 4 ? 
I N N 5 ? 
J N N 5 ? 
K N N 5 ? 
L N N 5 ? 
# 
loop_
_struct_ref.id 
_struct_ref.db_name 
_struct_ref.db_code 
_struct_ref.entity_id 
_struct_ref.pdbx_seq_one_letter_code 
_struct_ref.pdbx_align_begin 
_struct_ref.pdbx_db_accession 
_struct_ref.pdbx_db_isoform 
1 PDB 1GZL       1 ? ? 1GZL   ? 
2 UNP GCN4_YEAST 1 ? ? P03069 ? 
3 UNP ENV_HV1H2  1 ? ? P04578 ? 
4 UNP ENV_HV1H2  2 ? ? P04578 ? 
# 
loop_
_struct_ref_seq.align_id 
_struct_ref_seq.ref_id 
_struct_ref_seq.pdbx_PDB_id_code 
_struct_ref_seq.pdbx_strand_id 
_struct_ref_seq.seq_align_beg 
_struct_ref_seq.pdbx_seq_align_beg_ins_code 
_struct_ref_seq.seq_align_end 
_struct_ref_seq.pdbx_seq_align_end_ins_code 
_struct_ref_seq.pdbx_db_accession 
_struct_ref_seq.db_align_beg 
_struct_ref_seq.pdbx_db_align_beg_ins_code 
_struct_ref_seq.db_align_end 
_struct_ref_seq.pdbx_db_align_end_ins_code 
_struct_ref_seq.pdbx_auth_seq_align_beg 
_struct_ref_seq.pdbx_auth_seq_align_end 
1 1 1GZL A 1  ? 1  ? 1GZL   0   ? 0   ? 0   0   
2 2 1GZL A 2  ? 29 ? P03069 249 ? 276 ? 1   28  
3 3 1GZL A 30 ? 46 ? P04578 565 ? 581 ? 29  45  
4 1 1GZL B 1  ? 1  ? 1GZL   0   ? 0   ? 0   0   
5 2 1GZL B 2  ? 29 ? P03069 249 ? 276 ? 1   28  
6 3 1GZL B 30 ? 46 ? P04578 565 ? 581 ? 29  45  
7 4 1GZL C 1  ? 12 ? P04578 628 ? 639 ? 628 639 
8 4 1GZL D 1  ? 12 ? P04578 628 ? 639 ? 628 639 
# 
loop_
_struct_ref_seq_dif.align_id 
_struct_ref_seq_dif.pdbx_pdb_id_code 
_struct_ref_seq_dif.mon_id 
_struct_ref_seq_dif.pdbx_pdb_strand_id 
_struct_ref_seq_dif.seq_num 
_struct_ref_seq_dif.pdbx_pdb_ins_code 
_struct_ref_seq_dif.pdbx_seq_db_name 
_struct_ref_seq_dif.pdbx_seq_db_accession_code 
_struct_ref_seq_dif.db_mon_id 
_struct_ref_seq_dif.pdbx_seq_db_seq_num 
_struct_ref_seq_dif.details 
_struct_ref_seq_dif.pdbx_auth_seq_num 
_struct_ref_seq_dif.pdbx_ordinal 
1 1GZL ILE A 6  ? UNP P03069 LEU 253 conflict              5   1  
1 1GZL ILE A 10 ? UNP P03069 VAL 257 conflict              9   2  
1 1GZL ILE A 13 ? UNP P03069 LEU 260 conflict              12  3  
1 1GZL GLU A 14 ? UNP P03069 LEU 261 conflict              13  4  
1 1GZL GLN A 17 ? UNP P03069 ASN 264 conflict              16  5  
1 1GZL LYS A 18 ? UNP P03069 TYR 265 conflict              17  6  
1 1GZL LYS A 19 ? UNP P03069 HIS 266 conflict              18  7  
1 1GZL ILE A 20 ? UNP P03069 LEU 267 conflict              19  8  
1 1GZL ILE A 24 ? UNP P03069 VAL 271 conflict              23  9  
1 1GZL ILE A 27 ? UNP P03069 LEU 274 conflict              26  10 
4 1GZL ILE B 6  ? UNP P03069 LEU 253 conflict              5   11 
4 1GZL ILE B 10 ? UNP P03069 VAL 257 conflict              9   12 
4 1GZL ILE B 13 ? UNP P03069 LEU 260 conflict              12  13 
4 1GZL GLU B 14 ? UNP P03069 LEU 261 conflict              13  14 
4 1GZL GLN B 17 ? UNP P03069 ASN 264 conflict              16  15 
4 1GZL LYS B 18 ? UNP P03069 TYR 265 conflict              17  16 
4 1GZL LYS B 19 ? UNP P03069 HIS 266 conflict              18  17 
4 1GZL ILE B 20 ? UNP P03069 LEU 267 conflict              19  18 
4 1GZL ILE B 24 ? UNP P03069 VAL 271 conflict              23  19 
4 1GZL ILE B 27 ? UNP P03069 LEU 274 conflict              26  20 
7 1GZL GLU C 2  ? UNP P04578 MET 629 'engineered mutation' 629 21 
7 1GZL GLU C 9  ? UNP P04578 ASN 636 'engineered mutation' 636 22 
8 1GZL GLU D 2  ? UNP P04578 MET 629 'engineered mutation' 629 23 
8 1GZL GLU D 9  ? UNP P04578 ASN 636 'engineered mutation' 636 24 
# 
loop_
_pdbx_struct_assembly.id 
_pdbx_struct_assembly.details 
_pdbx_struct_assembly.method_details 
_pdbx_struct_assembly.oligomeric_details 
_pdbx_struct_assembly.oligomeric_count 
1 author_and_software_defined_assembly PISA hexameric 6 
2 author_and_software_defined_assembly PISA hexameric 6 
# 
loop_
_pdbx_struct_assembly_prop.biol_id 
_pdbx_struct_assembly_prop.type 
_pdbx_struct_assembly_prop.value 
_pdbx_struct_assembly_prop.details 
1 'ABSA (A^2)' 9780  ? 
1 MORE         -84.2 ? 
1 'SSA (A^2)'  10500 ? 
2 'ABSA (A^2)' 9990  ? 
2 MORE         -81.4 ? 
2 'SSA (A^2)'  9840  ? 
# 
loop_
_pdbx_struct_assembly_gen.assembly_id 
_pdbx_struct_assembly_gen.oper_expression 
_pdbx_struct_assembly_gen.asym_id_list 
1 1,2,3 A,C,E,G,I,K 
2 1,4,5 B,D,F,H,J,L 
# 
loop_
_pdbx_struct_oper_list.id 
_pdbx_struct_oper_list.type 
_pdbx_struct_oper_list.name 
_pdbx_struct_oper_list.symmetry_operation 
_pdbx_struct_oper_list.matrix[1][1] 
_pdbx_struct_oper_list.matrix[1][2] 
_pdbx_struct_oper_list.matrix[1][3] 
_pdbx_struct_oper_list.vector[1] 
_pdbx_struct_oper_list.matrix[2][1] 
_pdbx_struct_oper_list.matrix[2][2] 
_pdbx_struct_oper_list.matrix[2][3] 
_pdbx_struct_oper_list.vector[2] 
_pdbx_struct_oper_list.matrix[3][1] 
_pdbx_struct_oper_list.matrix[3][2] 
_pdbx_struct_oper_list.matrix[3][3] 
_pdbx_struct_oper_list.vector[3] 
1 'identity operation'         1_555 x,y,z         1.0000000000 0.0000000000 0.0000000000  0.0000000000   0.0000000000 1.0000000000 0.0000000000  0.0000000000   0.0000000000  0.0000000000  1.0000000000  0.0000000000   
2 'crystal symmetry operation' 3_675 -x+y+1,-x+2,z 0.2941192530 0.9097633154 -0.2929583161 9.3675782266   0.4920571303 0.1186415185 0.8624407056  -5.7657689719  0.8193739351  -0.3978126444 -0.4127607715 -12.9087651869 
3 'crystal symmetry operation' 2_765 -y+2,x-y+1,z  0.2941192530 0.4920571303 0.8193739351  10.6590083533  0.9097633154 0.1186415185 -0.3978126444 -12.9734894537 -0.2929583161 0.8624407056  -0.4127607715 2.3887119255   
4 'crystal symmetry operation' 3_665 -x+y+1,-x+1,z 0.2941192530 0.9097633154 -0.2929583161 -15.3418957492 0.4920571303 0.1186415185 0.8624407056  14.1337840048  0.8193739351  -0.3978126444 -0.4127607715 8.6501274370   
5 'crystal symmetry operation' 2_655 -y+1,x-y,z    0.2941192530 0.4920571303 0.8193739351  -9.5299712377  0.9097633154 0.1186415185 -0.3978126444 15.7217704143  -0.2929583161 0.8624407056  -0.4127607715 -13.1136533192 
# 
_struct_biol.id        1 
_struct_biol.details   
;AND CHAINS B AND D). APPLYING CRYSTAL                        
 SYMMETRY GENERATES TWO TRIMERS OF HETERODIMERS                       
 (HEXAMERS).
;
# 
loop_
_struct_conf.conf_type_id 
_struct_conf.id 
_struct_conf.pdbx_PDB_helix_id 
_struct_conf.beg_label_comp_id 
_struct_conf.beg_label_asym_id 
_struct_conf.beg_label_seq_id 
_struct_conf.pdbx_beg_PDB_ins_code 
_struct_conf.end_label_comp_id 
_struct_conf.end_label_asym_id 
_struct_conf.end_label_seq_id 
_struct_conf.pdbx_end_PDB_ins_code 
_struct_conf.beg_auth_comp_id 
_struct_conf.beg_auth_asym_id 
_struct_conf.beg_auth_seq_id 
_struct_conf.end_auth_comp_id 
_struct_conf.end_auth_asym_id 
_struct_conf.end_auth_seq_id 
_struct_conf.pdbx_PDB_helix_class 
_struct_conf.details 
_struct_conf.pdbx_PDB_helix_length 
HELX_P HELX_P1 1 ARG A 2 ? ILE A 45 ? ARG A 1   ILE A 44  1 ? 44 
HELX_P HELX_P2 2 ARG B 2 ? LEU B 46 ? ARG B 1   LEU B 45  1 ? 45 
HELX_P HELX_P3 3 TRP C 1 ? THR C 12 ? TRP C 628 THR C 639 1 ? 12 
HELX_P HELX_P4 4 TRP D 1 ? THR D 12 ? TRP D 628 THR D 639 1 ? 12 
# 
_struct_conf_type.id          HELX_P 
_struct_conf_type.criteria    ? 
_struct_conf_type.reference   ? 
# 
loop_
_struct_conn.id 
_struct_conn.conn_type_id 
_struct_conn.pdbx_leaving_atom_flag 
_struct_conn.pdbx_PDB_id 
_struct_conn.ptnr1_label_asym_id 
_struct_conn.ptnr1_label_comp_id 
_struct_conn.ptnr1_label_seq_id 
_struct_conn.ptnr1_label_atom_id 
_struct_conn.pdbx_ptnr1_label_alt_id 
_struct_conn.pdbx_ptnr1_PDB_ins_code 
_struct_conn.pdbx_ptnr1_standard_comp_id 
_struct_conn.ptnr1_symmetry 
_struct_conn.ptnr2_label_asym_id 
_struct_conn.ptnr2_label_comp_id 
_struct_conn.ptnr2_label_seq_id 
_struct_conn.ptnr2_label_atom_id 
_struct_conn.pdbx_ptnr2_label_alt_id 
_struct_conn.pdbx_ptnr2_PDB_ins_code 
_struct_conn.ptnr1_auth_asym_id 
_struct_conn.ptnr1_auth_comp_id 
_struct_conn.ptnr1_auth_seq_id 
_struct_conn.ptnr2_auth_asym_id 
_struct_conn.ptnr2_auth_comp_id 
_struct_conn.ptnr2_auth_seq_id 
_struct_conn.ptnr2_symmetry 
_struct_conn.pdbx_ptnr3_label_atom_id 
_struct_conn.pdbx_ptnr3_label_seq_id 
_struct_conn.pdbx_ptnr3_label_comp_id 
_struct_conn.pdbx_ptnr3_label_asym_id 
_struct_conn.pdbx_ptnr3_label_alt_id 
_struct_conn.pdbx_ptnr3_PDB_ins_code 
_struct_conn.details 
_struct_conn.pdbx_dist_value 
_struct_conn.pdbx_value_order 
_struct_conn.pdbx_role 
covale1 covale both ? A ACE 1 C  ? ? ? 1_555 A ARG 2 N   ? ? A ACE 0   A ARG 1    1_555 ? ? ? ? ? ? ? 1.335 ? ? 
covale2 covale both ? B ACE 1 C  ? ? ? 1_555 B ARG 2 N   ? ? B ACE 0   B ARG 1    1_555 ? ? ? ? ? ? ? 1.333 ? ? 
covale3 covale none ? C GLU 2 CD ? ? ? 1_555 G N2P . N1  ? ? C GLU 629 C N2P 1640 1_555 ? ? ? ? ? ? ? 1.334 ? ? 
covale4 covale none ? C GLU 9 CD ? ? ? 1_555 G N2P . NE2 ? ? C GLU 636 C N2P 1640 1_555 ? ? ? ? ? ? ? 1.329 ? ? 
covale5 covale none ? D GLU 2 CD ? ? ? 1_555 H N2P . N1  ? ? D GLU 629 D N2P 1640 1_555 ? ? ? ? ? ? ? 1.345 ? ? 
covale6 covale none ? D GLU 9 CD ? ? ? 1_555 H N2P . NE2 ? ? D GLU 636 D N2P 1640 1_555 ? ? ? ? ? ? ? 1.338 ? ? 
# 
_struct_conn_type.id          covale 
_struct_conn_type.criteria    ? 
_struct_conn_type.reference   ? 
# 
loop_
_pdbx_modification_feature.ordinal 
_pdbx_modification_feature.label_comp_id 
_pdbx_modification_feature.label_asym_id 
_pdbx_modification_feature.label_seq_id 
_pdbx_modification_feature.label_alt_id 
_pdbx_modification_feature.modified_residue_label_comp_id 
_pdbx_modification_feature.modified_residue_label_asym_id 
_pdbx_modification_feature.modified_residue_label_seq_id 
_pdbx_modification_feature.modified_residue_label_alt_id 
_pdbx_modification_feature.auth_comp_id 
_pdbx_modification_feature.auth_asym_id 
_pdbx_modification_feature.auth_seq_id 
_pdbx_modification_feature.PDB_ins_code 
_pdbx_modification_feature.symmetry 
_pdbx_modification_feature.modified_residue_auth_comp_id 
_pdbx_modification_feature.modified_residue_auth_asym_id 
_pdbx_modification_feature.modified_residue_auth_seq_id 
_pdbx_modification_feature.modified_residue_PDB_ins_code 
_pdbx_modification_feature.modified_residue_symmetry 
_pdbx_modification_feature.comp_id_linking_atom 
_pdbx_modification_feature.modified_residue_id_linking_atom 
_pdbx_modification_feature.modified_residue_id 
_pdbx_modification_feature.ref_pcm_id 
_pdbx_modification_feature.ref_comp_id 
_pdbx_modification_feature.type 
_pdbx_modification_feature.category 
1 ACE A 1 ? ARG A 2 ? ACE A 0    ? 1_555 ARG A 1   ? 1_555 .   .  ARG 8 ACE None 'Terminal acetylation' 
2 ACE B 1 ? ARG B 2 ? ACE B 0    ? 1_555 ARG B 1   ? 1_555 .   .  ARG 8 ACE None 'Terminal acetylation' 
3 N2P G . ? GLU C 2 ? N2P C 1640 ? 1_555 GLU C 629 ? 1_555 N1  CD GLU 1 N2P None Crosslinker            
4 N2P G . ? GLU C 9 ? N2P C 1640 ? 1_555 GLU C 636 ? 1_555 NE2 CD GLU 2 N2P None Crosslinker            
5 N2P H . ? GLU D 2 ? N2P D 1640 ? 1_555 GLU D 629 ? 1_555 N1  CD GLU 1 N2P None Crosslinker            
6 N2P H . ? GLU D 9 ? N2P D 1640 ? 1_555 GLU D 636 ? 1_555 NE2 CD GLU 2 N2P None Crosslinker            
# 
loop_
_struct_site.id 
_struct_site.pdbx_evidence_code 
_struct_site.pdbx_auth_asym_id 
_struct_site.pdbx_auth_comp_id 
_struct_site.pdbx_auth_seq_id 
_struct_site.pdbx_auth_ins_code 
_struct_site.pdbx_num_residues 
_struct_site.details 
AC1 Software A CL  1046 ? 3 'BINDING SITE FOR RESIDUE CL A 1046'  
AC2 Software B CL  1046 ? 3 'BINDING SITE FOR RESIDUE CL B 1046'  
AC3 Software C N2P 1640 ? 4 'BINDING SITE FOR RESIDUE N2P C 1640' 
AC4 Software D N2P 1640 ? 4 'BINDING SITE FOR RESIDUE N2P D 1640' 
# 
loop_
_struct_site_gen.id 
_struct_site_gen.site_id 
_struct_site_gen.pdbx_num_res 
_struct_site_gen.label_comp_id 
_struct_site_gen.label_asym_id 
_struct_site_gen.label_seq_id 
_struct_site_gen.pdbx_auth_ins_code 
_struct_site_gen.auth_comp_id 
_struct_site_gen.auth_asym_id 
_struct_site_gen.auth_seq_id 
_struct_site_gen.label_atom_id 
_struct_site_gen.label_alt_id 
_struct_site_gen.symmetry 
_struct_site_gen.details 
1  AC1 3 GLN A 17 ? GLN A 16  . ? 2_765 ? 
2  AC1 3 GLN A 17 ? GLN A 16  . ? 3_675 ? 
3  AC1 3 GLN A 17 ? GLN A 16  . ? 1_555 ? 
4  AC2 3 ILE B 20 ? ILE B 19  . ? 3_665 ? 
5  AC2 3 ILE B 20 ? ILE B 19  . ? 1_555 ? 
6  AC2 3 ILE B 20 ? ILE B 19  . ? 2_655 ? 
7  AC3 4 GLU C 2  ? GLU C 629 . ? 1_555 ? 
8  AC3 4 ASP C 5  ? ASP C 632 . ? 1_555 ? 
9  AC3 4 ARG C 6  ? ARG C 633 . ? 1_555 ? 
10 AC3 4 GLU C 9  ? GLU C 636 . ? 1_555 ? 
11 AC4 4 GLU D 2  ? GLU D 629 . ? 1_555 ? 
12 AC4 4 ASP D 5  ? ASP D 632 . ? 1_555 ? 
13 AC4 4 ARG D 6  ? ARG D 633 . ? 1_555 ? 
14 AC4 4 GLU D 9  ? GLU D 636 . ? 1_555 ? 
# 
_pdbx_entry_details.entry_id                   1GZL 
_pdbx_entry_details.compound_details           
;ENGINEERED MUTATION MET 629 GLU CHAINS C AND D
 ENGINEERED MUTATION ASN 636 GLU CHAINS C AND D
;
_pdbx_entry_details.source_details             ? 
_pdbx_entry_details.nonpolymer_details         ? 
_pdbx_entry_details.sequence_details           
;IN CHAINS C AND D, MET 629 AND ASN 636 ARE MUTATED TO
GLUTAMIC ACID. A DIAMINOPENTANE GROUP LINKS GLU 629
AND GLU 636
;
_pdbx_entry_details.has_ligand_of_interest     ? 
_pdbx_entry_details.has_protein_modification   Y 
# 
loop_
_pdbx_validate_torsion.id 
_pdbx_validate_torsion.PDB_model_num 
_pdbx_validate_torsion.auth_comp_id 
_pdbx_validate_torsion.auth_asym_id 
_pdbx_validate_torsion.auth_seq_id 
_pdbx_validate_torsion.PDB_ins_code 
_pdbx_validate_torsion.label_alt_id 
_pdbx_validate_torsion.phi 
_pdbx_validate_torsion.psi 
1 1 ILE A 44 ? ? -78.50 -90.23 
2 1 ILE B 44 ? ? -35.34 -80.19 
# 
loop_
_pdbx_struct_special_symmetry.id 
_pdbx_struct_special_symmetry.PDB_model_num 
_pdbx_struct_special_symmetry.auth_asym_id 
_pdbx_struct_special_symmetry.auth_comp_id 
_pdbx_struct_special_symmetry.auth_seq_id 
_pdbx_struct_special_symmetry.PDB_ins_code 
_pdbx_struct_special_symmetry.label_asym_id 
_pdbx_struct_special_symmetry.label_comp_id 
_pdbx_struct_special_symmetry.label_seq_id 
1 1 A CL 1046 ? E CL . 
2 1 B CL 1046 ? F CL . 
# 
loop_
_chem_comp_atom.comp_id 
_chem_comp_atom.atom_id 
_chem_comp_atom.type_symbol 
_chem_comp_atom.pdbx_aromatic_flag 
_chem_comp_atom.pdbx_stereo_config 
_chem_comp_atom.pdbx_ordinal 
ACE C    C  N N 1   
ACE O    O  N N 2   
ACE CH3  C  N N 3   
ACE H    H  N N 4   
ACE H1   H  N N 5   
ACE H2   H  N N 6   
ACE H3   H  N N 7   
ALA N    N  N N 8   
ALA CA   C  N S 9   
ALA C    C  N N 10  
ALA O    O  N N 11  
ALA CB   C  N N 12  
ALA OXT  O  N N 13  
ALA H    H  N N 14  
ALA H2   H  N N 15  
ALA HA   H  N N 16  
ALA HB1  H  N N 17  
ALA HB2  H  N N 18  
ALA HB3  H  N N 19  
ALA HXT  H  N N 20  
ARG N    N  N N 21  
ARG CA   C  N S 22  
ARG C    C  N N 23  
ARG O    O  N N 24  
ARG CB   C  N N 25  
ARG CG   C  N N 26  
ARG CD   C  N N 27  
ARG NE   N  N N 28  
ARG CZ   C  N N 29  
ARG NH1  N  N N 30  
ARG NH2  N  N N 31  
ARG OXT  O  N N 32  
ARG H    H  N N 33  
ARG H2   H  N N 34  
ARG HA   H  N N 35  
ARG HB2  H  N N 36  
ARG HB3  H  N N 37  
ARG HG2  H  N N 38  
ARG HG3  H  N N 39  
ARG HD2  H  N N 40  
ARG HD3  H  N N 41  
ARG HE   H  N N 42  
ARG HH11 H  N N 43  
ARG HH12 H  N N 44  
ARG HH21 H  N N 45  
ARG HH22 H  N N 46  
ARG HXT  H  N N 47  
ASN N    N  N N 48  
ASN CA   C  N S 49  
ASN C    C  N N 50  
ASN O    O  N N 51  
ASN CB   C  N N 52  
ASN CG   C  N N 53  
ASN OD1  O  N N 54  
ASN ND2  N  N N 55  
ASN OXT  O  N N 56  
ASN H    H  N N 57  
ASN H2   H  N N 58  
ASN HA   H  N N 59  
ASN HB2  H  N N 60  
ASN HB3  H  N N 61  
ASN HD21 H  N N 62  
ASN HD22 H  N N 63  
ASN HXT  H  N N 64  
ASP N    N  N N 65  
ASP CA   C  N S 66  
ASP C    C  N N 67  
ASP O    O  N N 68  
ASP CB   C  N N 69  
ASP CG   C  N N 70  
ASP OD1  O  N N 71  
ASP OD2  O  N N 72  
ASP OXT  O  N N 73  
ASP H    H  N N 74  
ASP H2   H  N N 75  
ASP HA   H  N N 76  
ASP HB2  H  N N 77  
ASP HB3  H  N N 78  
ASP HD2  H  N N 79  
ASP HXT  H  N N 80  
CL  CL   CL N N 81  
GLN N    N  N N 82  
GLN CA   C  N S 83  
GLN C    C  N N 84  
GLN O    O  N N 85  
GLN CB   C  N N 86  
GLN CG   C  N N 87  
GLN CD   C  N N 88  
GLN OE1  O  N N 89  
GLN NE2  N  N N 90  
GLN OXT  O  N N 91  
GLN H    H  N N 92  
GLN H2   H  N N 93  
GLN HA   H  N N 94  
GLN HB2  H  N N 95  
GLN HB3  H  N N 96  
GLN HG2  H  N N 97  
GLN HG3  H  N N 98  
GLN HE21 H  N N 99  
GLN HE22 H  N N 100 
GLN HXT  H  N N 101 
GLU N    N  N N 102 
GLU CA   C  N S 103 
GLU C    C  N N 104 
GLU O    O  N N 105 
GLU CB   C  N N 106 
GLU CG   C  N N 107 
GLU CD   C  N N 108 
GLU OE1  O  N N 109 
GLU OE2  O  N N 110 
GLU OXT  O  N N 111 
GLU H    H  N N 112 
GLU H2   H  N N 113 
GLU HA   H  N N 114 
GLU HB2  H  N N 115 
GLU HB3  H  N N 116 
GLU HG2  H  N N 117 
GLU HG3  H  N N 118 
GLU HE2  H  N N 119 
GLU HXT  H  N N 120 
GLY N    N  N N 121 
GLY CA   C  N N 122 
GLY C    C  N N 123 
GLY O    O  N N 124 
GLY OXT  O  N N 125 
GLY H    H  N N 126 
GLY H2   H  N N 127 
GLY HA2  H  N N 128 
GLY HA3  H  N N 129 
GLY HXT  H  N N 130 
HIS N    N  N N 131 
HIS CA   C  N S 132 
HIS C    C  N N 133 
HIS O    O  N N 134 
HIS CB   C  N N 135 
HIS CG   C  Y N 136 
HIS ND1  N  Y N 137 
HIS CD2  C  Y N 138 
HIS CE1  C  Y N 139 
HIS NE2  N  Y N 140 
HIS OXT  O  N N 141 
HIS H    H  N N 142 
HIS H2   H  N N 143 
HIS HA   H  N N 144 
HIS HB2  H  N N 145 
HIS HB3  H  N N 146 
HIS HD1  H  N N 147 
HIS HD2  H  N N 148 
HIS HE1  H  N N 149 
HIS HE2  H  N N 150 
HIS HXT  H  N N 151 
HOH O    O  N N 152 
HOH H1   H  N N 153 
HOH H2   H  N N 154 
ILE N    N  N N 155 
ILE CA   C  N S 156 
ILE C    C  N N 157 
ILE O    O  N N 158 
ILE CB   C  N S 159 
ILE CG1  C  N N 160 
ILE CG2  C  N N 161 
ILE CD1  C  N N 162 
ILE OXT  O  N N 163 
ILE H    H  N N 164 
ILE H2   H  N N 165 
ILE HA   H  N N 166 
ILE HB   H  N N 167 
ILE HG12 H  N N 168 
ILE HG13 H  N N 169 
ILE HG21 H  N N 170 
ILE HG22 H  N N 171 
ILE HG23 H  N N 172 
ILE HD11 H  N N 173 
ILE HD12 H  N N 174 
ILE HD13 H  N N 175 
ILE HXT  H  N N 176 
LEU N    N  N N 177 
LEU CA   C  N S 178 
LEU C    C  N N 179 
LEU O    O  N N 180 
LEU CB   C  N N 181 
LEU CG   C  N N 182 
LEU CD1  C  N N 183 
LEU CD2  C  N N 184 
LEU OXT  O  N N 185 
LEU H    H  N N 186 
LEU H2   H  N N 187 
LEU HA   H  N N 188 
LEU HB2  H  N N 189 
LEU HB3  H  N N 190 
LEU HG   H  N N 191 
LEU HD11 H  N N 192 
LEU HD12 H  N N 193 
LEU HD13 H  N N 194 
LEU HD21 H  N N 195 
LEU HD22 H  N N 196 
LEU HD23 H  N N 197 
LEU HXT  H  N N 198 
LYS N    N  N N 199 
LYS CA   C  N S 200 
LYS C    C  N N 201 
LYS O    O  N N 202 
LYS CB   C  N N 203 
LYS CG   C  N N 204 
LYS CD   C  N N 205 
LYS CE   C  N N 206 
LYS NZ   N  N N 207 
LYS OXT  O  N N 208 
LYS H    H  N N 209 
LYS H2   H  N N 210 
LYS HA   H  N N 211 
LYS HB2  H  N N 212 
LYS HB3  H  N N 213 
LYS HG2  H  N N 214 
LYS HG3  H  N N 215 
LYS HD2  H  N N 216 
LYS HD3  H  N N 217 
LYS HE2  H  N N 218 
LYS HE3  H  N N 219 
LYS HZ1  H  N N 220 
LYS HZ2  H  N N 221 
LYS HZ3  H  N N 222 
LYS HXT  H  N N 223 
MET N    N  N N 224 
MET CA   C  N S 225 
MET C    C  N N 226 
MET O    O  N N 227 
MET CB   C  N N 228 
MET CG   C  N N 229 
MET SD   S  N N 230 
MET CE   C  N N 231 
MET OXT  O  N N 232 
MET H    H  N N 233 
MET H2   H  N N 234 
MET HA   H  N N 235 
MET HB2  H  N N 236 
MET HB3  H  N N 237 
MET HG2  H  N N 238 
MET HG3  H  N N 239 
MET HE1  H  N N 240 
MET HE2  H  N N 241 
MET HE3  H  N N 242 
MET HXT  H  N N 243 
N2P C1   C  N N 244 
N2P C2   C  N N 245 
N2P C3   C  N N 246 
N2P C4   C  N N 247 
N2P NE2  N  N N 248 
N2P C5   C  N N 249 
N2P N1   N  N N 250 
N2P H1C1 H  N N 251 
N2P H1C2 H  N N 252 
N2P H2C1 H  N N 253 
N2P H2C2 H  N N 254 
N2P H3C1 H  N N 255 
N2P H3C2 H  N N 256 
N2P H4C1 H  N N 257 
N2P H4C2 H  N N 258 
N2P HE21 H  N N 259 
N2P HE22 H  N N 260 
N2P H5C1 H  N N 261 
N2P H5C2 H  N N 262 
N2P H1N1 H  N N 263 
N2P H1N2 H  N N 264 
SER N    N  N N 265 
SER CA   C  N S 266 
SER C    C  N N 267 
SER O    O  N N 268 
SER CB   C  N N 269 
SER OG   O  N N 270 
SER OXT  O  N N 271 
SER H    H  N N 272 
SER H2   H  N N 273 
SER HA   H  N N 274 
SER HB2  H  N N 275 
SER HB3  H  N N 276 
SER HG   H  N N 277 
SER HXT  H  N N 278 
THR N    N  N N 279 
THR CA   C  N S 280 
THR C    C  N N 281 
THR O    O  N N 282 
THR CB   C  N R 283 
THR OG1  O  N N 284 
THR CG2  C  N N 285 
THR OXT  O  N N 286 
THR H    H  N N 287 
THR H2   H  N N 288 
THR HA   H  N N 289 
THR HB   H  N N 290 
THR HG1  H  N N 291 
THR HG21 H  N N 292 
THR HG22 H  N N 293 
THR HG23 H  N N 294 
THR HXT  H  N N 295 
TRP N    N  N N 296 
TRP CA   C  N S 297 
TRP C    C  N N 298 
TRP O    O  N N 299 
TRP CB   C  N N 300 
TRP CG   C  Y N 301 
TRP CD1  C  Y N 302 
TRP CD2  C  Y N 303 
TRP NE1  N  Y N 304 
TRP CE2  C  Y N 305 
TRP CE3  C  Y N 306 
TRP CZ2  C  Y N 307 
TRP CZ3  C  Y N 308 
TRP CH2  C  Y N 309 
TRP OXT  O  N N 310 
TRP H    H  N N 311 
TRP H2   H  N N 312 
TRP HA   H  N N 313 
TRP HB2  H  N N 314 
TRP HB3  H  N N 315 
TRP HD1  H  N N 316 
TRP HE1  H  N N 317 
TRP HE3  H  N N 318 
TRP HZ2  H  N N 319 
TRP HZ3  H  N N 320 
TRP HH2  H  N N 321 
TRP HXT  H  N N 322 
TYR N    N  N N 323 
TYR CA   C  N S 324 
TYR C    C  N N 325 
TYR O    O  N N 326 
TYR CB   C  N N 327 
TYR CG   C  Y N 328 
TYR CD1  C  Y N 329 
TYR CD2  C  Y N 330 
TYR CE1  C  Y N 331 
TYR CE2  C  Y N 332 
TYR CZ   C  Y N 333 
TYR OH   O  N N 334 
TYR OXT  O  N N 335 
TYR H    H  N N 336 
TYR H2   H  N N 337 
TYR HA   H  N N 338 
TYR HB2  H  N N 339 
TYR HB3  H  N N 340 
TYR HD1  H  N N 341 
TYR HD2  H  N N 342 
TYR HE1  H  N N 343 
TYR HE2  H  N N 344 
TYR HH   H  N N 345 
TYR HXT  H  N N 346 
VAL N    N  N N 347 
VAL CA   C  N S 348 
VAL C    C  N N 349 
VAL O    O  N N 350 
VAL CB   C  N N 351 
VAL CG1  C  N N 352 
VAL CG2  C  N N 353 
VAL OXT  O  N N 354 
VAL H    H  N N 355 
VAL H2   H  N N 356 
VAL HA   H  N N 357 
VAL HB   H  N N 358 
VAL HG11 H  N N 359 
VAL HG12 H  N N 360 
VAL HG13 H  N N 361 
VAL HG21 H  N N 362 
VAL HG22 H  N N 363 
VAL HG23 H  N N 364 
VAL HXT  H  N N 365 
# 
loop_
_chem_comp_bond.comp_id 
_chem_comp_bond.atom_id_1 
_chem_comp_bond.atom_id_2 
_chem_comp_bond.value_order 
_chem_comp_bond.pdbx_aromatic_flag 
_chem_comp_bond.pdbx_stereo_config 
_chem_comp_bond.pdbx_ordinal 
ACE C   O    doub N N 1   
ACE C   CH3  sing N N 2   
ACE C   H    sing N N 3   
ACE CH3 H1   sing N N 4   
ACE CH3 H2   sing N N 5   
ACE CH3 H3   sing N N 6   
ALA N   CA   sing N N 7   
ALA N   H    sing N N 8   
ALA N   H2   sing N N 9   
ALA CA  C    sing N N 10  
ALA CA  CB   sing N N 11  
ALA CA  HA   sing N N 12  
ALA C   O    doub N N 13  
ALA C   OXT  sing N N 14  
ALA CB  HB1  sing N N 15  
ALA CB  HB2  sing N N 16  
ALA CB  HB3  sing N N 17  
ALA OXT HXT  sing N N 18  
ARG N   CA   sing N N 19  
ARG N   H    sing N N 20  
ARG N   H2   sing N N 21  
ARG CA  C    sing N N 22  
ARG CA  CB   sing N N 23  
ARG CA  HA   sing N N 24  
ARG C   O    doub N N 25  
ARG C   OXT  sing N N 26  
ARG CB  CG   sing N N 27  
ARG CB  HB2  sing N N 28  
ARG CB  HB3  sing N N 29  
ARG CG  CD   sing N N 30  
ARG CG  HG2  sing N N 31  
ARG CG  HG3  sing N N 32  
ARG CD  NE   sing N N 33  
ARG CD  HD2  sing N N 34  
ARG CD  HD3  sing N N 35  
ARG NE  CZ   sing N N 36  
ARG NE  HE   sing N N 37  
ARG CZ  NH1  sing N N 38  
ARG CZ  NH2  doub N N 39  
ARG NH1 HH11 sing N N 40  
ARG NH1 HH12 sing N N 41  
ARG NH2 HH21 sing N N 42  
ARG NH2 HH22 sing N N 43  
ARG OXT HXT  sing N N 44  
ASN N   CA   sing N N 45  
ASN N   H    sing N N 46  
ASN N   H2   sing N N 47  
ASN CA  C    sing N N 48  
ASN CA  CB   sing N N 49  
ASN CA  HA   sing N N 50  
ASN C   O    doub N N 51  
ASN C   OXT  sing N N 52  
ASN CB  CG   sing N N 53  
ASN CB  HB2  sing N N 54  
ASN CB  HB3  sing N N 55  
ASN CG  OD1  doub N N 56  
ASN CG  ND2  sing N N 57  
ASN ND2 HD21 sing N N 58  
ASN ND2 HD22 sing N N 59  
ASN OXT HXT  sing N N 60  
ASP N   CA   sing N N 61  
ASP N   H    sing N N 62  
ASP N   H2   sing N N 63  
ASP CA  C    sing N N 64  
ASP CA  CB   sing N N 65  
ASP CA  HA   sing N N 66  
ASP C   O    doub N N 67  
ASP C   OXT  sing N N 68  
ASP CB  CG   sing N N 69  
ASP CB  HB2  sing N N 70  
ASP CB  HB3  sing N N 71  
ASP CG  OD1  doub N N 72  
ASP CG  OD2  sing N N 73  
ASP OD2 HD2  sing N N 74  
ASP OXT HXT  sing N N 75  
GLN N   CA   sing N N 76  
GLN N   H    sing N N 77  
GLN N   H2   sing N N 78  
GLN CA  C    sing N N 79  
GLN CA  CB   sing N N 80  
GLN CA  HA   sing N N 81  
GLN C   O    doub N N 82  
GLN C   OXT  sing N N 83  
GLN CB  CG   sing N N 84  
GLN CB  HB2  sing N N 85  
GLN CB  HB3  sing N N 86  
GLN CG  CD   sing N N 87  
GLN CG  HG2  sing N N 88  
GLN CG  HG3  sing N N 89  
GLN CD  OE1  doub N N 90  
GLN CD  NE2  sing N N 91  
GLN NE2 HE21 sing N N 92  
GLN NE2 HE22 sing N N 93  
GLN OXT HXT  sing N N 94  
GLU N   CA   sing N N 95  
GLU N   H    sing N N 96  
GLU N   H2   sing N N 97  
GLU CA  C    sing N N 98  
GLU CA  CB   sing N N 99  
GLU CA  HA   sing N N 100 
GLU C   O    doub N N 101 
GLU C   OXT  sing N N 102 
GLU CB  CG   sing N N 103 
GLU CB  HB2  sing N N 104 
GLU CB  HB3  sing N N 105 
GLU CG  CD   sing N N 106 
GLU CG  HG2  sing N N 107 
GLU CG  HG3  sing N N 108 
GLU CD  OE1  doub N N 109 
GLU CD  OE2  sing N N 110 
GLU OE2 HE2  sing N N 111 
GLU OXT HXT  sing N N 112 
GLY N   CA   sing N N 113 
GLY N   H    sing N N 114 
GLY N   H2   sing N N 115 
GLY CA  C    sing N N 116 
GLY CA  HA2  sing N N 117 
GLY CA  HA3  sing N N 118 
GLY C   O    doub N N 119 
GLY C   OXT  sing N N 120 
GLY OXT HXT  sing N N 121 
HIS N   CA   sing N N 122 
HIS N   H    sing N N 123 
HIS N   H2   sing N N 124 
HIS CA  C    sing N N 125 
HIS CA  CB   sing N N 126 
HIS CA  HA   sing N N 127 
HIS C   O    doub N N 128 
HIS C   OXT  sing N N 129 
HIS CB  CG   sing N N 130 
HIS CB  HB2  sing N N 131 
HIS CB  HB3  sing N N 132 
HIS CG  ND1  sing Y N 133 
HIS CG  CD2  doub Y N 134 
HIS ND1 CE1  doub Y N 135 
HIS ND1 HD1  sing N N 136 
HIS CD2 NE2  sing Y N 137 
HIS CD2 HD2  sing N N 138 
HIS CE1 NE2  sing Y N 139 
HIS CE1 HE1  sing N N 140 
HIS NE2 HE2  sing N N 141 
HIS OXT HXT  sing N N 142 
HOH O   H1   sing N N 143 
HOH O   H2   sing N N 144 
ILE N   CA   sing N N 145 
ILE N   H    sing N N 146 
ILE N   H2   sing N N 147 
ILE CA  C    sing N N 148 
ILE CA  CB   sing N N 149 
ILE CA  HA   sing N N 150 
ILE C   O    doub N N 151 
ILE C   OXT  sing N N 152 
ILE CB  CG1  sing N N 153 
ILE CB  CG2  sing N N 154 
ILE CB  HB   sing N N 155 
ILE CG1 CD1  sing N N 156 
ILE CG1 HG12 sing N N 157 
ILE CG1 HG13 sing N N 158 
ILE CG2 HG21 sing N N 159 
ILE CG2 HG22 sing N N 160 
ILE CG2 HG23 sing N N 161 
ILE CD1 HD11 sing N N 162 
ILE CD1 HD12 sing N N 163 
ILE CD1 HD13 sing N N 164 
ILE OXT HXT  sing N N 165 
LEU N   CA   sing N N 166 
LEU N   H    sing N N 167 
LEU N   H2   sing N N 168 
LEU CA  C    sing N N 169 
LEU CA  CB   sing N N 170 
LEU CA  HA   sing N N 171 
LEU C   O    doub N N 172 
LEU C   OXT  sing N N 173 
LEU CB  CG   sing N N 174 
LEU CB  HB2  sing N N 175 
LEU CB  HB3  sing N N 176 
LEU CG  CD1  sing N N 177 
LEU CG  CD2  sing N N 178 
LEU CG  HG   sing N N 179 
LEU CD1 HD11 sing N N 180 
LEU CD1 HD12 sing N N 181 
LEU CD1 HD13 sing N N 182 
LEU CD2 HD21 sing N N 183 
LEU CD2 HD22 sing N N 184 
LEU CD2 HD23 sing N N 185 
LEU OXT HXT  sing N N 186 
LYS N   CA   sing N N 187 
LYS N   H    sing N N 188 
LYS N   H2   sing N N 189 
LYS CA  C    sing N N 190 
LYS CA  CB   sing N N 191 
LYS CA  HA   sing N N 192 
LYS C   O    doub N N 193 
LYS C   OXT  sing N N 194 
LYS CB  CG   sing N N 195 
LYS CB  HB2  sing N N 196 
LYS CB  HB3  sing N N 197 
LYS CG  CD   sing N N 198 
LYS CG  HG2  sing N N 199 
LYS CG  HG3  sing N N 200 
LYS CD  CE   sing N N 201 
LYS CD  HD2  sing N N 202 
LYS CD  HD3  sing N N 203 
LYS CE  NZ   sing N N 204 
LYS CE  HE2  sing N N 205 
LYS CE  HE3  sing N N 206 
LYS NZ  HZ1  sing N N 207 
LYS NZ  HZ2  sing N N 208 
LYS NZ  HZ3  sing N N 209 
LYS OXT HXT  sing N N 210 
MET N   CA   sing N N 211 
MET N   H    sing N N 212 
MET N   H2   sing N N 213 
MET CA  C    sing N N 214 
MET CA  CB   sing N N 215 
MET CA  HA   sing N N 216 
MET C   O    doub N N 217 
MET C   OXT  sing N N 218 
MET CB  CG   sing N N 219 
MET CB  HB2  sing N N 220 
MET CB  HB3  sing N N 221 
MET CG  SD   sing N N 222 
MET CG  HG2  sing N N 223 
MET CG  HG3  sing N N 224 
MET SD  CE   sing N N 225 
MET CE  HE1  sing N N 226 
MET CE  HE2  sing N N 227 
MET CE  HE3  sing N N 228 
MET OXT HXT  sing N N 229 
N2P C1  C2   sing N N 230 
N2P C1  NE2  sing N N 231 
N2P C1  H1C1 sing N N 232 
N2P C1  H1C2 sing N N 233 
N2P C2  C3   sing N N 234 
N2P C2  H2C1 sing N N 235 
N2P C2  H2C2 sing N N 236 
N2P C3  C4   sing N N 237 
N2P C3  H3C1 sing N N 238 
N2P C3  H3C2 sing N N 239 
N2P C4  C5   sing N N 240 
N2P C4  H4C1 sing N N 241 
N2P C4  H4C2 sing N N 242 
N2P NE2 HE21 sing N N 243 
N2P NE2 HE22 sing N N 244 
N2P C5  N1   sing N N 245 
N2P C5  H5C1 sing N N 246 
N2P C5  H5C2 sing N N 247 
N2P N1  H1N1 sing N N 248 
N2P N1  H1N2 sing N N 249 
SER N   CA   sing N N 250 
SER N   H    sing N N 251 
SER N   H2   sing N N 252 
SER CA  C    sing N N 253 
SER CA  CB   sing N N 254 
SER CA  HA   sing N N 255 
SER C   O    doub N N 256 
SER C   OXT  sing N N 257 
SER CB  OG   sing N N 258 
SER CB  HB2  sing N N 259 
SER CB  HB3  sing N N 260 
SER OG  HG   sing N N 261 
SER OXT HXT  sing N N 262 
THR N   CA   sing N N 263 
THR N   H    sing N N 264 
THR N   H2   sing N N 265 
THR CA  C    sing N N 266 
THR CA  CB   sing N N 267 
THR CA  HA   sing N N 268 
THR C   O    doub N N 269 
THR C   OXT  sing N N 270 
THR CB  OG1  sing N N 271 
THR CB  CG2  sing N N 272 
THR CB  HB   sing N N 273 
THR OG1 HG1  sing N N 274 
THR CG2 HG21 sing N N 275 
THR CG2 HG22 sing N N 276 
THR CG2 HG23 sing N N 277 
THR OXT HXT  sing N N 278 
TRP N   CA   sing N N 279 
TRP N   H    sing N N 280 
TRP N   H2   sing N N 281 
TRP CA  C    sing N N 282 
TRP CA  CB   sing N N 283 
TRP CA  HA   sing N N 284 
TRP C   O    doub N N 285 
TRP C   OXT  sing N N 286 
TRP CB  CG   sing N N 287 
TRP CB  HB2  sing N N 288 
TRP CB  HB3  sing N N 289 
TRP CG  CD1  doub Y N 290 
TRP CG  CD2  sing Y N 291 
TRP CD1 NE1  sing Y N 292 
TRP CD1 HD1  sing N N 293 
TRP CD2 CE2  doub Y N 294 
TRP CD2 CE3  sing Y N 295 
TRP NE1 CE2  sing Y N 296 
TRP NE1 HE1  sing N N 297 
TRP CE2 CZ2  sing Y N 298 
TRP CE3 CZ3  doub Y N 299 
TRP CE3 HE3  sing N N 300 
TRP CZ2 CH2  doub Y N 301 
TRP CZ2 HZ2  sing N N 302 
TRP CZ3 CH2  sing Y N 303 
TRP CZ3 HZ3  sing N N 304 
TRP CH2 HH2  sing N N 305 
TRP OXT HXT  sing N N 306 
TYR N   CA   sing N N 307 
TYR N   H    sing N N 308 
TYR N   H2   sing N N 309 
TYR CA  C    sing N N 310 
TYR CA  CB   sing N N 311 
TYR CA  HA   sing N N 312 
TYR C   O    doub N N 313 
TYR C   OXT  sing N N 314 
TYR CB  CG   sing N N 315 
TYR CB  HB2  sing N N 316 
TYR CB  HB3  sing N N 317 
TYR CG  CD1  doub Y N 318 
TYR CG  CD2  sing Y N 319 
TYR CD1 CE1  sing Y N 320 
TYR CD1 HD1  sing N N 321 
TYR CD2 CE2  doub Y N 322 
TYR CD2 HD2  sing N N 323 
TYR CE1 CZ   doub Y N 324 
TYR CE1 HE1  sing N N 325 
TYR CE2 CZ   sing Y N 326 
TYR CE2 HE2  sing N N 327 
TYR CZ  OH   sing N N 328 
TYR OH  HH   sing N N 329 
TYR OXT HXT  sing N N 330 
VAL N   CA   sing N N 331 
VAL N   H    sing N N 332 
VAL N   H2   sing N N 333 
VAL CA  C    sing N N 334 
VAL CA  CB   sing N N 335 
VAL CA  HA   sing N N 336 
VAL C   O    doub N N 337 
VAL C   OXT  sing N N 338 
VAL CB  CG1  sing N N 339 
VAL CB  CG2  sing N N 340 
VAL CB  HB   sing N N 341 
VAL CG1 HG11 sing N N 342 
VAL CG1 HG12 sing N N 343 
VAL CG1 HG13 sing N N 344 
VAL CG2 HG21 sing N N 345 
VAL CG2 HG22 sing N N 346 
VAL CG2 HG23 sing N N 347 
VAL OXT HXT  sing N N 348 
# 
_pdbx_initial_refinement_model.accession_code   ? 
_pdbx_initial_refinement_model.id               1 
_pdbx_initial_refinement_model.entity_id_list   ? 
_pdbx_initial_refinement_model.type             other 
_pdbx_initial_refinement_model.source_name      ? 
_pdbx_initial_refinement_model.details          'UNBOUND IQN17 AND A MODEL OF C14LINKMID BOUND TO THE HYDROPHOBIC POCKET' 
# 
_atom_sites.entry_id                    1GZL 
_atom_sites.fract_transf_matrix[1][1]   0.00709971 
_atom_sites.fract_transf_matrix[1][2]   -0.01698750 
_atom_sites.fract_transf_matrix[1][3]   0.02381652 
_atom_sites.fract_transf_matrix[2][1]   0.02034345 
_atom_sites.fract_transf_matrix[2][2]   -0.02201827 
_atom_sites.fract_transf_matrix[2][3]   -0.00274421 
_atom_sites.fract_transf_matrix[3][1]   0.00428779 
_atom_sites.fract_transf_matrix[3][2]   0.00378452 
_atom_sites.fract_transf_matrix[3][3]   0.00142117 
_atom_sites.fract_transf_vector[1]      0.930021 
_atom_sites.fract_transf_vector[2]      0.717030 
_atom_sites.fract_transf_vector[3]      0.145439 
# 
loop_
_atom_type.symbol 
C  
CL 
N  
O  
S  
# 
loop_
_atom_site.group_PDB 
_atom_site.id 
_atom_site.type_symbol 
_atom_site.label_atom_id 
_atom_site.label_alt_id 
_atom_site.label_comp_id 
_atom_site.label_asym_id 
_atom_site.label_entity_id 
_atom_site.label_seq_id 
_atom_site.pdbx_PDB_ins_code 
_atom_site.Cartn_x 
_atom_site.Cartn_y 
_atom_site.Cartn_z 
_atom_site.occupancy 
_atom_site.B_iso_or_equiv 
_atom_site.pdbx_formal_charge 
_atom_site.auth_seq_id 
_atom_site.auth_comp_id 
_atom_site.auth_asym_id 
_atom_site.auth_atom_id 
_atom_site.pdbx_PDB_model_num 
HETATM 1    C  C   . ACE A 1 1  ? -34.282 -45.787 -25.823 1.00 33.89 ? 0    ACE A C   1 
HETATM 2    O  O   . ACE A 1 1  ? -33.201 -45.248 -25.581 1.00 32.76 ? 0    ACE A O   1 
HETATM 3    C  CH3 . ACE A 1 1  ? -34.322 -47.034 -26.668 1.00 34.84 ? 0    ACE A CH3 1 
ATOM   4    N  N   . ARG A 1 2  ? -35.445 -45.329 -25.355 1.00 33.10 ? 1    ARG A N   1 
ATOM   5    C  CA  . ARG A 1 2  ? -35.541 -44.119 -24.532 1.00 32.08 ? 1    ARG A CA  1 
ATOM   6    C  C   . ARG A 1 2  ? -34.847 -44.290 -23.183 1.00 32.63 ? 1    ARG A C   1 
ATOM   7    O  O   . ARG A 1 2  ? -34.294 -43.341 -22.623 1.00 30.40 ? 1    ARG A O   1 
ATOM   8    C  CB  . ARG A 1 2  ? -37.005 -43.748 -24.310 1.00 30.53 ? 1    ARG A CB  1 
ATOM   9    C  CG  . ARG A 1 2  ? -37.252 -42.268 -24.104 1.00 26.65 ? 1    ARG A CG  1 
ATOM   10   C  CD  . ARG A 1 2  ? -38.687 -42.048 -23.675 1.00 26.27 ? 1    ARG A CD  1 
ATOM   11   N  NE  . ARG A 1 2  ? -39.000 -40.643 -23.423 1.00 26.29 ? 1    ARG A NE  1 
ATOM   12   C  CZ  . ARG A 1 2  ? -40.235 -40.147 -23.393 1.00 26.63 ? 1    ARG A CZ  1 
ATOM   13   N  NH1 . ARG A 1 2  ? -41.279 -40.940 -23.599 1.00 28.64 ? 1    ARG A NH1 1 
ATOM   14   N  NH2 . ARG A 1 2  ? -40.436 -38.861 -23.154 1.00 24.92 ? 1    ARG A NH2 1 
ATOM   15   N  N   . MET A 1 3  ? -34.884 -45.515 -22.678 1.00 33.59 ? 2    MET A N   1 
ATOM   16   C  CA  . MET A 1 3  ? -34.233 -45.805 -21.421 1.00 35.38 ? 2    MET A CA  1 
ATOM   17   C  C   . MET A 1 3  ? -32.727 -45.739 -21.637 1.00 35.62 ? 2    MET A C   1 
ATOM   18   O  O   . MET A 1 3  ? -32.008 -44.946 -21.007 1.00 35.36 ? 2    MET A O   1 
ATOM   19   C  CB  . MET A 1 3  ? -34.620 -47.203 -20.907 1.00 37.90 ? 2    MET A CB  1 
ATOM   20   C  CG  . MET A 1 3  ? -35.848 -47.224 -20.013 1.00 41.50 ? 2    MET A CG  1 
ATOM   21   S  SD  . MET A 1 3  ? -35.638 -46.341 -18.466 1.00 47.20 ? 2    MET A SD  1 
ATOM   22   C  CE  . MET A 1 3  ? -34.317 -47.080 -17.822 1.00 43.53 ? 2    MET A CE  1 
ATOM   23   N  N   . LYS A 1 4  ? -32.264 -46.598 -22.536 1.00 35.24 ? 3    LYS A N   1 
ATOM   24   C  CA  . LYS A 1 4  ? -30.851 -46.708 -22.863 1.00 34.53 ? 3    LYS A CA  1 
ATOM   25   C  C   . LYS A 1 4  ? -30.191 -45.361 -23.165 1.00 33.64 ? 3    LYS A C   1 
ATOM   26   O  O   . LYS A 1 4  ? -29.116 -45.072 -22.648 1.00 33.78 ? 3    LYS A O   1 
ATOM   27   C  CB  . LYS A 1 4  ? -30.680 -47.642 -24.059 1.00 35.33 ? 3    LYS A CB  1 
ATOM   28   C  CG  . LYS A 1 4  ? -29.238 -47.894 -24.472 1.00 36.03 ? 3    LYS A CG  1 
ATOM   29   C  CD  . LYS A 1 4  ? -28.433 -48.511 -23.346 1.00 36.03 ? 3    LYS A CD  1 
ATOM   30   C  CE  . LYS A 1 4  ? -27.216 -49.232 -23.893 1.00 35.20 ? 3    LYS A CE  1 
ATOM   31   N  NZ  . LYS A 1 4  ? -27.621 -50.478 -24.611 1.00 37.77 ? 3    LYS A NZ  1 
ATOM   32   N  N   . GLN A 1 5  ? -30.823 -44.539 -23.997 1.00 31.70 ? 4    GLN A N   1 
ATOM   33   C  CA  . GLN A 1 5  ? -30.230 -43.253 -24.328 1.00 31.24 ? 4    GLN A CA  1 
ATOM   34   C  C   . GLN A 1 5  ? -30.147 -42.328 -23.134 1.00 30.02 ? 4    GLN A C   1 
ATOM   35   O  O   . GLN A 1 5  ? -29.272 -41.460 -23.076 1.00 29.69 ? 4    GLN A O   1 
ATOM   36   C  CB  . GLN A 1 5  ? -30.987 -42.585 -25.475 1.00 34.89 ? 4    GLN A CB  1 
ATOM   37   C  CG  . GLN A 1 5  ? -30.642 -43.187 -26.841 1.00 38.93 ? 4    GLN A CG  1 
ATOM   38   C  CD  . GLN A 1 5  ? -29.144 -43.116 -27.161 1.00 42.05 ? 4    GLN A CD  1 
ATOM   39   O  OE1 . GLN A 1 5  ? -28.752 -42.890 -28.308 1.00 43.79 ? 4    GLN A OE1 1 
ATOM   40   N  NE2 . GLN A 1 5  ? -28.307 -43.292 -26.140 1.00 42.35 ? 4    GLN A NE2 1 
ATOM   41   N  N   . ILE A 1 6  ? -31.051 -42.511 -22.179 1.00 28.61 ? 5    ILE A N   1 
ATOM   42   C  CA  . ILE A 1 6  ? -31.030 -41.700 -20.972 1.00 26.84 ? 5    ILE A CA  1 
ATOM   43   C  C   . ILE A 1 6  ? -29.881 -42.169 -20.087 1.00 26.28 ? 5    ILE A C   1 
ATOM   44   O  O   . ILE A 1 6  ? -29.313 -41.385 -19.330 1.00 25.98 ? 5    ILE A O   1 
ATOM   45   C  CB  . ILE A 1 6  ? -32.353 -41.800 -20.217 1.00 27.89 ? 5    ILE A CB  1 
ATOM   46   C  CG1 . ILE A 1 6  ? -33.383 -40.897 -20.899 1.00 28.40 ? 5    ILE A CG1 1 
ATOM   47   C  CG2 . ILE A 1 6  ? -32.164 -41.415 -18.757 1.00 26.09 ? 5    ILE A CG2 1 
ATOM   48   C  CD1 . ILE A 1 6  ? -34.743 -40.949 -20.269 1.00 32.69 ? 5    ILE A CD1 1 
ATOM   49   N  N   . GLU A 1 7  ? -29.533 -43.450 -20.190 1.00 25.06 ? 6    GLU A N   1 
ATOM   50   C  CA  . GLU A 1 7  ? -28.427 -44.000 -19.413 1.00 24.33 ? 6    GLU A CA  1 
ATOM   51   C  C   . GLU A 1 7  ? -27.125 -43.558 -20.060 1.00 24.16 ? 6    GLU A C   1 
ATOM   52   O  O   . GLU A 1 7  ? -26.101 -43.436 -19.396 1.00 24.87 ? 6    GLU A O   1 
ATOM   53   C  CB  . GLU A 1 7  ? -28.473 -45.520 -19.395 1.00 25.33 ? 6    GLU A CB  1 
ATOM   54   C  CG  . GLU A 1 7  ? -29.756 -46.106 -18.858 1.00 25.27 ? 6    GLU A CG  1 
ATOM   55   C  CD  . GLU A 1 7  ? -29.719 -47.618 -18.869 1.00 26.63 ? 6    GLU A CD  1 
ATOM   56   O  OE1 . GLU A 1 7  ? -29.208 -48.195 -19.862 1.00 25.50 ? 6    GLU A OE1 1 
ATOM   57   O  OE2 . GLU A 1 7  ? -30.204 -48.224 -17.890 1.00 27.72 ? 6    GLU A OE2 1 
ATOM   58   N  N   . ASP A 1 8  ? -27.158 -43.325 -21.366 1.00 24.92 ? 7    ASP A N   1 
ATOM   59   C  CA  . ASP A 1 8  ? -25.964 -42.874 -22.061 1.00 25.03 ? 7    ASP A CA  1 
ATOM   60   C  C   . ASP A 1 8  ? -25.751 -41.390 -21.791 1.00 25.08 ? 7    ASP A C   1 
ATOM   61   O  O   . ASP A 1 8  ? -24.609 -40.934 -21.734 1.00 25.16 ? 7    ASP A O   1 
ATOM   62   C  CB  . ASP A 1 8  ? -26.072 -43.141 -23.562 1.00 26.38 ? 7    ASP A CB  1 
ATOM   63   C  CG  . ASP A 1 8  ? -26.144 -44.626 -23.883 1.00 27.65 ? 7    ASP A CG  1 
ATOM   64   O  OD1 . ASP A 1 8  ? -25.547 -45.430 -23.136 1.00 27.53 ? 7    ASP A OD1 1 
ATOM   65   O  OD2 . ASP A 1 8  ? -26.786 -44.989 -24.891 1.00 31.78 ? 7    ASP A OD2 1 
ATOM   66   N  N   . LYS A 1 9  ? -26.842 -40.642 -21.617 1.00 23.57 ? 8    LYS A N   1 
ATOM   67   C  CA  . LYS A 1 9  ? -26.736 -39.212 -21.303 1.00 24.66 ? 8    LYS A CA  1 
ATOM   68   C  C   . LYS A 1 9  ? -26.001 -39.069 -19.966 1.00 24.08 ? 8    LYS A C   1 
ATOM   69   O  O   . LYS A 1 9  ? -25.081 -38.261 -19.823 1.00 23.78 ? 8    LYS A O   1 
ATOM   70   C  CB  . LYS A 1 9  ? -28.126 -38.570 -21.158 1.00 24.84 ? 8    LYS A CB  1 
ATOM   71   C  CG  . LYS A 1 9  ? -28.902 -38.396 -22.449 1.00 29.88 ? 8    LYS A CG  1 
ATOM   72   C  CD  . LYS A 1 9  ? -30.384 -38.003 -22.221 1.00 31.57 ? 8    LYS A CD  1 
ATOM   73   C  CE  . LYS A 1 9  ? -30.569 -36.551 -21.751 1.00 33.26 ? 8    LYS A CE  1 
ATOM   74   N  NZ  . LYS A 1 9  ? -32.011 -36.081 -21.733 1.00 27.81 ? 8    LYS A NZ  1 
ATOM   75   N  N   . ILE A 1 10 ? -26.422 -39.875 -18.995 1.00 24.39 ? 9    ILE A N   1 
ATOM   76   C  CA  . ILE A 1 10 ? -25.853 -39.865 -17.650 1.00 23.56 ? 9    ILE A CA  1 
ATOM   77   C  C   . ILE A 1 10 ? -24.387 -40.272 -17.595 1.00 23.03 ? 9    ILE A C   1 
ATOM   78   O  O   . ILE A 1 10 ? -23.624 -39.749 -16.775 1.00 21.78 ? 9    ILE A O   1 
ATOM   79   C  CB  . ILE A 1 10 ? -26.686 -40.758 -16.720 1.00 24.33 ? 9    ILE A CB  1 
ATOM   80   C  CG1 . ILE A 1 10 ? -28.099 -40.173 -16.615 1.00 22.31 ? 9    ILE A CG1 1 
ATOM   81   C  CG2 . ILE A 1 10 ? -26.018 -40.869 -15.350 1.00 22.78 ? 9    ILE A CG2 1 
ATOM   82   C  CD1 . ILE A 1 10 ? -29.106 -41.119 -16.057 1.00 24.25 ? 9    ILE A CD1 1 
ATOM   83   N  N   . GLU A 1 11 ? -23.988 -41.206 -18.451 1.00 22.71 ? 10   GLU A N   1 
ATOM   84   C  CA  . GLU A 1 11 ? -22.585 -41.602 -18.485 1.00 23.64 ? 10   GLU A CA  1 
ATOM   85   C  C   . GLU A 1 11 ? -21.776 -40.359 -18.854 1.00 23.99 ? 10   GLU A C   1 
ATOM   86   O  O   . GLU A 1 11 ? -20.775 -40.045 -18.202 1.00 23.44 ? 10   GLU A O   1 
ATOM   87   C  CB  . GLU A 1 11 ? -22.355 -42.699 -19.516 1.00 25.90 ? 10   GLU A CB  1 
ATOM   88   C  CG  . GLU A 1 11 ? -22.885 -44.053 -19.096 1.00 29.48 ? 10   GLU A CG  1 
ATOM   89   C  CD  . GLU A 1 11 ? -22.388 -45.170 -19.994 1.00 32.30 ? 10   GLU A CD  1 
ATOM   90   O  OE1 . GLU A 1 11 ? -22.882 -46.313 -19.848 1.00 32.06 ? 10   GLU A OE1 1 
ATOM   91   O  OE2 . GLU A 1 11 ? -21.500 -44.908 -20.837 1.00 33.77 ? 10   GLU A OE2 1 
ATOM   92   N  N   . GLU A 1 12 ? -22.224 -39.658 -19.897 1.00 23.43 ? 11   GLU A N   1 
ATOM   93   C  CA  . GLU A 1 12 ? -21.584 -38.427 -20.354 1.00 24.32 ? 11   GLU A CA  1 
ATOM   94   C  C   . GLU A 1 12 ? -21.526 -37.431 -19.206 1.00 23.05 ? 11   GLU A C   1 
ATOM   95   O  O   . GLU A 1 12 ? -20.459 -36.929 -18.864 1.00 24.06 ? 11   GLU A O   1 
ATOM   96   C  CB  . GLU A 1 12 ? -22.376 -37.804 -21.497 1.00 27.55 ? 11   GLU A CB  1 
ATOM   97   C  CG  . GLU A 1 12 ? -22.065 -38.382 -22.855 1.00 36.45 ? 11   GLU A CG  1 
ATOM   98   C  CD  . GLU A 1 12 ? -20.810 -37.786 -23.463 1.00 39.60 ? 11   GLU A CD  1 
ATOM   99   O  OE1 . GLU A 1 12 ? -20.376 -38.268 -24.536 1.00 41.48 ? 11   GLU A OE1 1 
ATOM   100  O  OE2 . GLU A 1 12 ? -20.263 -36.832 -22.868 1.00 43.15 ? 11   GLU A OE2 1 
ATOM   101  N  N   . ILE A 1 13 ? -22.680 -37.142 -18.616 1.00 20.86 ? 12   ILE A N   1 
ATOM   102  C  CA  . ILE A 1 13 ? -22.731 -36.210 -17.500 1.00 19.80 ? 12   ILE A CA  1 
ATOM   103  C  C   . ILE A 1 13 ? -21.713 -36.621 -16.435 1.00 19.73 ? 12   ILE A C   1 
ATOM   104  O  O   . ILE A 1 13 ? -20.909 -35.811 -15.992 1.00 18.06 ? 12   ILE A O   1 
ATOM   105  C  CB  . ILE A 1 13 ? -24.152 -36.156 -16.880 1.00 18.78 ? 12   ILE A CB  1 
ATOM   106  C  CG1 . ILE A 1 13 ? -25.126 -35.555 -17.902 1.00 20.96 ? 12   ILE A CG1 1 
ATOM   107  C  CG2 . ILE A 1 13 ? -24.143 -35.321 -15.597 1.00 18.84 ? 12   ILE A CG2 1 
ATOM   108  C  CD1 . ILE A 1 13 ? -26.592 -35.575 -17.478 1.00 20.24 ? 12   ILE A CD1 1 
ATOM   109  N  N   . GLU A 1 14 ? -21.736 -37.887 -16.038 1.00 20.13 ? 13   GLU A N   1 
ATOM   110  C  CA  . GLU A 1 14 ? -20.801 -38.355 -15.029 1.00 21.67 ? 13   GLU A CA  1 
ATOM   111  C  C   . GLU A 1 14 ? -19.352 -38.156 -15.483 1.00 22.00 ? 13   GLU A C   1 
ATOM   112  O  O   . GLU A 1 14 ? -18.496 -37.760 -14.698 1.00 19.93 ? 13   GLU A O   1 
ATOM   113  C  CB  . GLU A 1 14 ? -21.075 -39.825 -14.716 1.00 24.09 ? 13   GLU A CB  1 
ATOM   114  C  CG  . GLU A 1 14 ? -22.340 -40.054 -13.891 1.00 25.97 ? 13   GLU A CG  1 
ATOM   115  C  CD  . GLU A 1 14 ? -22.618 -41.533 -13.656 1.00 30.41 ? 13   GLU A CD  1 
ATOM   116  O  OE1 . GLU A 1 14 ? -23.446 -41.861 -12.771 1.00 33.83 ? 13   GLU A OE1 1 
ATOM   117  O  OE2 . GLU A 1 14 ? -22.010 -42.371 -14.363 1.00 30.65 ? 13   GLU A OE2 1 
ATOM   118  N  N   . SER A 1 15 ? -19.097 -38.413 -16.760 1.00 23.25 ? 14   SER A N   1 
ATOM   119  C  CA  . SER A 1 15 ? -17.767 -38.266 -17.345 1.00 24.69 ? 14   SER A CA  1 
ATOM   120  C  C   . SER A 1 15 ? -17.277 -36.808 -17.279 1.00 25.39 ? 14   SER A C   1 
ATOM   121  O  O   . SER A 1 15 ? -16.123 -36.536 -16.924 1.00 25.22 ? 14   SER A O   1 
ATOM   122  C  CB  . SER A 1 15 ? -17.818 -38.731 -18.802 1.00 26.59 ? 14   SER A CB  1 
ATOM   123  O  OG  . SER A 1 15 ? -16.581 -39.278 -19.226 1.00 31.45 ? 14   SER A OG  1 
ATOM   124  N  N   . LYS A 1 16 ? -18.161 -35.877 -17.630 1.00 23.94 ? 15   LYS A N   1 
ATOM   125  C  CA  . LYS A 1 16 ? -17.847 -34.450 -17.621 1.00 22.68 ? 15   LYS A CA  1 
ATOM   126  C  C   . LYS A 1 16 ? -17.679 -33.953 -16.189 1.00 20.77 ? 15   LYS A C   1 
ATOM   127  O  O   . LYS A 1 16 ? -16.912 -33.037 -15.934 1.00 21.41 ? 15   LYS A O   1 
ATOM   128  C  CB  . LYS A 1 16 ? -18.970 -33.675 -18.313 1.00 23.70 ? 15   LYS A CB  1 
ATOM   129  C  CG  . LYS A 1 16 ? -18.656 -32.226 -18.599 1.00 28.54 ? 15   LYS A CG  1 
ATOM   130  C  CD  . LYS A 1 16 ? -18.500 -31.980 -20.102 1.00 32.71 ? 15   LYS A CD  1 
ATOM   131  C  CE  . LYS A 1 16 ? -19.841 -32.104 -20.828 1.00 32.90 ? 15   LYS A CE  1 
ATOM   132  N  NZ  . LYS A 1 16 ? -19.727 -31.902 -22.302 1.00 34.77 ? 15   LYS A NZ  1 
ATOM   133  N  N   . GLN A 1 17 ? -18.390 -34.573 -15.253 1.00 19.47 ? 16   GLN A N   1 
ATOM   134  C  CA  . GLN A 1 17 ? -18.314 -34.187 -13.855 1.00 19.25 ? 16   GLN A CA  1 
ATOM   135  C  C   . GLN A 1 17 ? -16.977 -34.569 -13.221 1.00 18.58 ? 16   GLN A C   1 
ATOM   136  O  O   . GLN A 1 17 ? -16.496 -33.876 -12.331 1.00 18.84 ? 16   GLN A O   1 
ATOM   137  C  CB  . GLN A 1 17 ? -19.468 -34.826 -13.085 1.00 20.51 ? 16   GLN A CB  1 
ATOM   138  C  CG  . GLN A 1 17 ? -19.750 -34.174 -11.756 1.00 22.28 ? 16   GLN A CG  1 
ATOM   139  C  CD  . GLN A 1 17 ? -21.115 -34.550 -11.214 1.00 23.32 ? 16   GLN A CD  1 
ATOM   140  O  OE1 . GLN A 1 17 ? -21.358 -35.701 -10.845 1.00 25.09 ? 16   GLN A OE1 1 
ATOM   141  N  NE2 . GLN A 1 17 ? -22.020 -33.577 -11.174 1.00 21.89 ? 16   GLN A NE2 1 
ATOM   142  N  N   . LYS A 1 18 ? -16.386 -35.675 -13.666 1.00 19.82 ? 17   LYS A N   1 
ATOM   143  C  CA  . LYS A 1 18 ? -15.082 -36.119 -13.157 1.00 18.79 ? 17   LYS A CA  1 
ATOM   144  C  C   . LYS A 1 18 ? -14.062 -35.089 -13.634 1.00 19.58 ? 17   LYS A C   1 
ATOM   145  O  O   . LYS A 1 18 ? -13.192 -34.644 -12.873 1.00 19.01 ? 17   LYS A O   1 
ATOM   146  C  CB  . LYS A 1 18 ? -14.712 -37.495 -13.736 1.00 17.67 ? 17   LYS A CB  1 
ATOM   147  C  CG  . LYS A 1 18 ? -15.627 -38.614 -13.300 1.00 20.68 ? 17   LYS A CG  1 
ATOM   148  C  CD  . LYS A 1 18 ? -15.708 -39.765 -14.322 1.00 22.04 ? 17   LYS A CD  1 
ATOM   149  C  CE  . LYS A 1 18 ? -14.368 -40.415 -14.607 1.00 22.49 ? 17   LYS A CE  1 
ATOM   150  N  NZ  . LYS A 1 18 ? -13.910 -40.110 -15.997 1.00 18.20 ? 17   LYS A NZ  1 
ATOM   151  N  N   . LYS A 1 19 ? -14.181 -34.720 -14.907 1.00 19.77 ? 18   LYS A N   1 
ATOM   152  C  CA  . LYS A 1 19 ? -13.295 -33.740 -15.515 1.00 20.93 ? 18   LYS A CA  1 
ATOM   153  C  C   . LYS A 1 19 ? -13.320 -32.477 -14.656 1.00 20.40 ? 18   LYS A C   1 
ATOM   154  O  O   . LYS A 1 19 ? -12.268 -31.942 -14.290 1.00 20.46 ? 18   LYS A O   1 
ATOM   155  C  CB  . LYS A 1 19 ? -13.761 -33.442 -16.954 1.00 23.44 ? 18   LYS A CB  1 
ATOM   156  C  CG  . LYS A 1 19 ? -12.881 -32.467 -17.751 1.00 27.62 ? 18   LYS A CG  1 
ATOM   157  C  CD  . LYS A 1 19 ? -11.462 -32.996 -17.922 1.00 31.90 ? 18   LYS A CD  1 
ATOM   158  C  CE  . LYS A 1 19 ? -10.475 -31.906 -18.367 1.00 32.38 ? 18   LYS A CE  1 
ATOM   159  N  NZ  . LYS A 1 19 ? -9.080  -32.443 -18.533 1.00 31.01 ? 18   LYS A NZ  1 
ATOM   160  N  N   . ILE A 1 20 ? -14.532 -32.026 -14.326 1.00 20.18 ? 19   ILE A N   1 
ATOM   161  C  CA  . ILE A 1 20 ? -14.763 -30.831 -13.507 1.00 19.57 ? 19   ILE A CA  1 
ATOM   162  C  C   . ILE A 1 20 ? -14.082 -30.906 -12.140 1.00 20.09 ? 19   ILE A C   1 
ATOM   163  O  O   . ILE A 1 20 ? -13.422 -29.963 -11.717 1.00 20.41 ? 19   ILE A O   1 
ATOM   164  C  CB  . ILE A 1 20 ? -16.292 -30.598 -13.269 1.00 19.22 ? 19   ILE A CB  1 
ATOM   165  C  CG1 . ILE A 1 20 ? -16.969 -30.149 -14.570 1.00 20.82 ? 19   ILE A CG1 1 
ATOM   166  C  CG2 . ILE A 1 20 ? -16.504 -29.561 -12.181 1.00 18.83 ? 19   ILE A CG2 1 
ATOM   167  C  CD1 . ILE A 1 20 ? -18.470 -29.895 -14.445 1.00 20.66 ? 19   ILE A CD1 1 
ATOM   168  N  N   . GLU A 1 21 ? -14.263 -32.030 -11.452 1.00 20.63 ? 20   GLU A N   1 
ATOM   169  C  CA  . GLU A 1 21 ? -13.687 -32.233 -10.128 1.00 21.20 ? 20   GLU A CA  1 
ATOM   170  C  C   . GLU A 1 21 ? -12.163 -32.254 -10.146 1.00 20.62 ? 20   GLU A C   1 
ATOM   171  O  O   . GLU A 1 21 ? -11.525 -31.752 -9.226  1.00 18.38 ? 20   GLU A O   1 
ATOM   172  C  CB  . GLU A 1 21 ? -14.204 -33.544 -9.542  1.00 25.78 ? 20   GLU A CB  1 
ATOM   173  C  CG  . GLU A 1 21 ? -15.713 -33.686 -9.578  1.00 31.12 ? 20   GLU A CG  1 
ATOM   174  C  CD  . GLU A 1 21 ? -16.163 -35.051 -9.097  1.00 34.53 ? 20   GLU A CD  1 
ATOM   175  O  OE1 . GLU A 1 21 ? -16.403 -35.198 -7.881  1.00 36.38 ? 20   GLU A OE1 1 
ATOM   176  O  OE2 . GLU A 1 21 ? -16.260 -35.976 -9.936  1.00 35.47 ? 20   GLU A OE2 1 
ATOM   177  N  N   . ASN A 1 22 ? -11.585 -32.850 -11.188 1.00 20.31 ? 21   ASN A N   1 
ATOM   178  C  CA  . ASN A 1 22 ? -10.130 -32.919 -11.301 1.00 20.00 ? 21   ASN A CA  1 
ATOM   179  C  C   . ASN A 1 22 ? -9.574  -31.540 -11.590 1.00 18.90 ? 21   ASN A C   1 
ATOM   180  O  O   . ASN A 1 22 ? -8.543  -31.156 -11.043 1.00 17.95 ? 21   ASN A O   1 
ATOM   181  C  CB  . ASN A 1 22 ? -9.699  -33.905 -12.401 1.00 18.67 ? 21   ASN A CB  1 
ATOM   182  C  CG  . ASN A 1 22 ? -10.054 -35.334 -12.065 1.00 18.10 ? 21   ASN A CG  1 
ATOM   183  O  OD1 . ASN A 1 22 ? -10.035 -35.723 -10.901 1.00 22.04 ? 21   ASN A OD1 1 
ATOM   184  N  ND2 . ASN A 1 22 ? -10.380 -36.125 -13.073 1.00 20.32 ? 21   ASN A ND2 1 
ATOM   185  N  N   . GLU A 1 23 ? -10.263 -30.790 -12.438 1.00 18.49 ? 22   GLU A N   1 
ATOM   186  C  CA  . GLU A 1 23 ? -9.811  -29.450 -12.770 1.00 20.46 ? 22   GLU A CA  1 
ATOM   187  C  C   . GLU A 1 23 ? -9.840  -28.571 -11.514 1.00 20.32 ? 22   GLU A C   1 
ATOM   188  O  O   . GLU A 1 23 ? -8.904  -27.807 -11.247 1.00 19.12 ? 22   GLU A O   1 
ATOM   189  C  CB  . GLU A 1 23 ? -10.692 -28.861 -13.881 1.00 22.96 ? 22   GLU A CB  1 
ATOM   190  C  CG  . GLU A 1 23 ? -10.206 -27.504 -14.412 1.00 30.90 ? 22   GLU A CG  1 
ATOM   191  C  CD  . GLU A 1 23 ? -8.753  -27.512 -14.918 1.00 33.05 ? 22   GLU A CD  1 
ATOM   192  O  OE1 . GLU A 1 23 ? -8.125  -26.431 -14.924 1.00 32.67 ? 22   GLU A OE1 1 
ATOM   193  O  OE2 . GLU A 1 23 ? -8.245  -28.587 -15.316 1.00 34.30 ? 22   GLU A OE2 1 
ATOM   194  N  N   . ILE A 1 24 ? -10.907 -28.703 -10.730 1.00 20.12 ? 23   ILE A N   1 
ATOM   195  C  CA  . ILE A 1 24 ? -11.074 -27.934 -9.495  1.00 19.82 ? 23   ILE A CA  1 
ATOM   196  C  C   . ILE A 1 24 ? -9.991  -28.249 -8.453  1.00 18.37 ? 23   ILE A C   1 
ATOM   197  O  O   . ILE A 1 24 ? -9.565  -27.375 -7.687  1.00 16.10 ? 23   ILE A O   1 
ATOM   198  C  CB  . ILE A 1 24 ? -12.474 -28.196 -8.897  1.00 20.96 ? 23   ILE A CB  1 
ATOM   199  C  CG1 . ILE A 1 24 ? -13.515 -27.451 -9.736  1.00 21.68 ? 23   ILE A CG1 1 
ATOM   200  C  CG2 . ILE A 1 24 ? -12.510 -27.801 -7.412  1.00 22.05 ? 23   ILE A CG2 1 
ATOM   201  C  CD1 . ILE A 1 24 ? -14.913 -27.557 -9.208  1.00 26.44 ? 23   ILE A CD1 1 
ATOM   202  N  N   . ALA A 1 25 ? -9.558  -29.506 -8.431  1.00 18.49 ? 24   ALA A N   1 
ATOM   203  C  CA  . ALA A 1 25 ? -8.517  -29.947 -7.513  1.00 18.23 ? 24   ALA A CA  1 
ATOM   204  C  C   . ALA A 1 25 ? -7.250  -29.174 -7.868  1.00 18.69 ? 24   ALA A C   1 
ATOM   205  O  O   . ALA A 1 25 ? -6.571  -28.630 -6.993  1.00 17.75 ? 24   ALA A O   1 
ATOM   206  C  CB  . ALA A 1 25 ? -8.286  -31.453 -7.671  1.00 17.47 ? 24   ALA A CB  1 
ATOM   207  N  N   . ARG A 1 26 ? -6.951  -29.118 -9.165  1.00 18.61 ? 25   ARG A N   1 
ATOM   208  C  CA  . ARG A 1 26 ? -5.778  -28.413 -9.656  1.00 18.69 ? 25   ARG A CA  1 
ATOM   209  C  C   . ARG A 1 26 ? -5.892  -26.905 -9.450  1.00 19.29 ? 25   ARG A C   1 
ATOM   210  O  O   . ARG A 1 26 ? -4.884  -26.219 -9.277  1.00 20.76 ? 25   ARG A O   1 
ATOM   211  C  CB  . ARG A 1 26 ? -5.562  -28.707 -11.143 1.00 19.69 ? 25   ARG A CB  1 
ATOM   212  C  CG  . ARG A 1 26 ? -5.052  -30.106 -11.447 1.00 20.50 ? 25   ARG A CG  1 
ATOM   213  C  CD  . ARG A 1 26 ? -4.739  -30.284 -12.934 1.00 20.41 ? 25   ARG A CD  1 
ATOM   214  N  NE  . ARG A 1 26 ? -5.945  -30.468 -13.744 1.00 25.20 ? 25   ARG A NE  1 
ATOM   215  C  CZ  . ARG A 1 26 ? -6.480  -31.648 -14.067 1.00 23.80 ? 25   ARG A CZ  1 
ATOM   216  N  NH1 . ARG A 1 26 ? -5.919  -32.777 -13.656 1.00 24.27 ? 25   ARG A NH1 1 
ATOM   217  N  NH2 . ARG A 1 26 ? -7.586  -31.700 -14.802 1.00 21.52 ? 25   ARG A NH2 1 
ATOM   218  N  N   . ILE A 1 27 ? -7.114  -26.382 -9.484  1.00 18.52 ? 26   ILE A N   1 
ATOM   219  C  CA  . ILE A 1 27 ? -7.321  -24.948 -9.288  1.00 18.73 ? 26   ILE A CA  1 
ATOM   220  C  C   . ILE A 1 27 ? -7.069  -24.560 -7.825  1.00 19.81 ? 26   ILE A C   1 
ATOM   221  O  O   . ILE A 1 27 ? -6.518  -23.498 -7.535  1.00 20.16 ? 26   ILE A O   1 
ATOM   222  C  CB  . ILE A 1 27 ? -8.759  -24.527 -9.700  1.00 17.43 ? 26   ILE A CB  1 
ATOM   223  C  CG1 . ILE A 1 27 ? -8.886  -24.549 -11.234 1.00 15.52 ? 26   ILE A CG1 1 
ATOM   224  C  CG2 . ILE A 1 27 ? -9.090  -23.151 -9.110  1.00 16.90 ? 26   ILE A CG2 1 
ATOM   225  C  CD1 . ILE A 1 27 ? -10.279 -24.291 -11.770 1.00 12.53 ? 26   ILE A CD1 1 
ATOM   226  N  N   . LYS A 1 28 ? -7.473  -25.436 -6.911  1.00 20.10 ? 27   LYS A N   1 
ATOM   227  C  CA  . LYS A 1 28 ? -7.291  -25.207 -5.484  1.00 20.52 ? 27   LYS A CA  1 
ATOM   228  C  C   . LYS A 1 28 ? -5.815  -25.224 -5.098  1.00 19.66 ? 27   LYS A C   1 
ATOM   229  O  O   . LYS A 1 28 ? -5.375  -24.410 -4.289  1.00 20.61 ? 27   LYS A O   1 
ATOM   230  C  CB  . LYS A 1 28 ? -8.059  -26.273 -4.685  1.00 22.07 ? 27   LYS A CB  1 
ATOM   231  C  CG  . LYS A 1 28 ? -9.576  -26.154 -4.804  1.00 21.40 ? 27   LYS A CG  1 
ATOM   232  C  CD  . LYS A 1 28 ? -10.288 -27.450 -4.423  1.00 24.14 ? 27   LYS A CD  1 
ATOM   233  C  CE  . LYS A 1 28 ? -10.015 -27.857 -2.985  1.00 24.01 ? 27   LYS A CE  1 
ATOM   234  N  NZ  . LYS A 1 28 ? -10.407 -26.782 -2.036  1.00 25.48 ? 27   LYS A NZ  1 
ATOM   235  N  N   . LYS A 1 29 ? -5.053  -26.152 -5.670  1.00 18.25 ? 28   LYS A N   1 
ATOM   236  C  CA  . LYS A 1 29 ? -3.630  -26.236 -5.363  1.00 18.16 ? 28   LYS A CA  1 
ATOM   237  C  C   . LYS A 1 29 ? -2.948  -25.046 -6.015  1.00 17.77 ? 28   LYS A C   1 
ATOM   238  O  O   . LYS A 1 29 ? -2.066  -24.429 -5.433  1.00 16.68 ? 28   LYS A O   1 
ATOM   239  C  CB  . LYS A 1 29 ? -3.038  -27.536 -5.901  1.00 21.07 ? 28   LYS A CB  1 
ATOM   240  C  CG  . LYS A 1 29 ? -1.816  -28.021 -5.129  1.00 26.23 ? 28   LYS A CG  1 
ATOM   241  C  CD  . LYS A 1 29 ? -0.638  -27.066 -5.242  1.00 28.21 ? 28   LYS A CD  1 
ATOM   242  C  CE  . LYS A 1 29 ? 0.584   -27.586 -4.488  1.00 30.12 ? 28   LYS A CE  1 
ATOM   243  N  NZ  . LYS A 1 29 ? 0.386   -27.606 -3.009  1.00 31.73 ? 28   LYS A NZ  1 
ATOM   244  N  N   . LEU A 1 30 ? -3.382  -24.715 -7.226  1.00 18.72 ? 29   LEU A N   1 
ATOM   245  C  CA  . LEU A 1 30 ? -2.826  -23.586 -7.955  1.00 21.29 ? 29   LEU A CA  1 
ATOM   246  C  C   . LEU A 1 30 ? -3.028  -22.298 -7.156  1.00 22.36 ? 29   LEU A C   1 
ATOM   247  O  O   . LEU A 1 30 ? -2.182  -21.403 -7.167  1.00 23.13 ? 29   LEU A O   1 
ATOM   248  C  CB  . LEU A 1 30 ? -3.503  -23.477 -9.316  1.00 23.22 ? 29   LEU A CB  1 
ATOM   249  C  CG  . LEU A 1 30 ? -2.664  -22.895 -10.453 1.00 26.31 ? 29   LEU A CG  1 
ATOM   250  C  CD1 . LEU A 1 30 ? -1.321  -23.624 -10.551 1.00 27.29 ? 29   LEU A CD1 1 
ATOM   251  C  CD2 . LEU A 1 30 ? -3.434  -23.037 -11.751 1.00 28.40 ? 29   LEU A CD2 1 
ATOM   252  N  N   . LEU A 1 31 ? -4.152  -22.223 -6.452  1.00 23.89 ? 30   LEU A N   1 
ATOM   253  C  CA  . LEU A 1 31 ? -4.480  -21.065 -5.624  1.00 24.93 ? 30   LEU A CA  1 
ATOM   254  C  C   . LEU A 1 31 ? -3.650  -21.095 -4.349  1.00 24.83 ? 30   LEU A C   1 
ATOM   255  O  O   . LEU A 1 31 ? -3.324  -20.053 -3.793  1.00 25.48 ? 30   LEU A O   1 
ATOM   256  C  CB  . LEU A 1 31 ? -5.968  -21.080 -5.281  1.00 27.20 ? 30   LEU A CB  1 
ATOM   257  C  CG  . LEU A 1 31 ? -6.670  -19.807 -4.806  1.00 28.39 ? 30   LEU A CG  1 
ATOM   258  C  CD1 . LEU A 1 31 ? -6.380  -18.616 -5.721  1.00 27.48 ? 30   LEU A CD1 1 
ATOM   259  C  CD2 . LEU A 1 31 ? -8.166  -20.102 -4.782  1.00 29.93 ? 30   LEU A CD2 1 
ATOM   260  N  N   . GLN A 1 32 ? -3.317  -22.295 -3.882  1.00 25.31 ? 31   GLN A N   1 
ATOM   261  C  CA  . GLN A 1 32 ? -2.494  -22.437 -2.684  1.00 25.74 ? 31   GLN A CA  1 
ATOM   262  C  C   . GLN A 1 32 ? -1.145  -21.814 -2.996  1.00 23.84 ? 31   GLN A C   1 
ATOM   263  O  O   . GLN A 1 32 ? -0.569  -21.105 -2.179  1.00 21.56 ? 31   GLN A O   1 
ATOM   264  C  CB  . GLN A 1 32 ? -2.269  -23.909 -2.338  1.00 28.58 ? 31   GLN A CB  1 
ATOM   265  C  CG  . GLN A 1 32 ? -3.450  -24.626 -1.744  1.00 33.54 ? 31   GLN A CG  1 
ATOM   266  C  CD  . GLN A 1 32 ? -3.094  -26.045 -1.320  1.00 37.80 ? 31   GLN A CD  1 
ATOM   267  O  OE1 . GLN A 1 32 ? -2.147  -26.256 -0.551  1.00 36.43 ? 31   GLN A OE1 1 
ATOM   268  N  NE2 . GLN A 1 32 ? -3.849  -27.028 -1.823  1.00 40.13 ? 31   GLN A NE2 1 
ATOM   269  N  N   . LEU A 1 33 ? -0.648  -22.100 -4.192  1.00 23.00 ? 32   LEU A N   1 
ATOM   270  C  CA  . LEU A 1 33 ? 0.637   -21.574 -4.619  1.00 24.54 ? 32   LEU A CA  1 
ATOM   271  C  C   . LEU A 1 33 ? 0.647   -20.051 -4.801  1.00 23.83 ? 32   LEU A C   1 
ATOM   272  O  O   . LEU A 1 33 ? 1.622   -19.398 -4.435  1.00 26.07 ? 32   LEU A O   1 
ATOM   273  C  CB  . LEU A 1 33 ? 1.101   -22.274 -5.912  1.00 23.18 ? 32   LEU A CB  1 
ATOM   274  C  CG  . LEU A 1 33 ? 1.359   -23.782 -5.788  1.00 23.25 ? 32   LEU A CG  1 
ATOM   275  C  CD1 . LEU A 1 33 ? 1.758   -24.351 -7.124  1.00 23.12 ? 32   LEU A CD1 1 
ATOM   276  C  CD2 . LEU A 1 33 ? 2.447   -24.037 -4.761  1.00 25.65 ? 32   LEU A CD2 1 
ATOM   277  N  N   . THR A 1 34 ? -0.416  -19.467 -5.348  1.00 22.99 ? 33   THR A N   1 
ATOM   278  C  CA  . THR A 1 34 ? -0.407  -18.018 -5.529  1.00 24.31 ? 33   THR A CA  1 
ATOM   279  C  C   . THR A 1 34 ? -0.512  -17.315 -4.182  1.00 24.72 ? 33   THR A C   1 
ATOM   280  O  O   . THR A 1 34 ? -0.097  -16.170 -4.042  1.00 24.74 ? 33   THR A O   1 
ATOM   281  C  CB  . THR A 1 34 ? -1.548  -17.529 -6.430  1.00 23.78 ? 33   THR A CB  1 
ATOM   282  O  OG1 . THR A 1 34 ? -2.792  -17.610 -5.724  1.00 24.35 ? 33   THR A OG1 1 
ATOM   283  C  CG2 . THR A 1 34 ? -1.605  -18.360 -7.694  1.00 24.28 ? 33   THR A CG2 1 
ATOM   284  N  N   . VAL A 1 35 ? -1.066  -18.011 -3.194  1.00 24.32 ? 34   VAL A N   1 
ATOM   285  C  CA  . VAL A 1 35 ? -1.198  -17.472 -1.840  1.00 25.31 ? 34   VAL A CA  1 
ATOM   286  C  C   . VAL A 1 35 ? 0.185   -17.386 -1.198  1.00 25.48 ? 34   VAL A C   1 
ATOM   287  O  O   . VAL A 1 35 ? 0.536   -16.399 -0.559  1.00 25.39 ? 34   VAL A O   1 
ATOM   288  C  CB  . VAL A 1 35 ? -2.085  -18.377 -0.969  1.00 23.76 ? 34   VAL A CB  1 
ATOM   289  C  CG1 . VAL A 1 35 ? -1.932  -18.002 0.505   1.00 24.14 ? 34   VAL A CG1 1 
ATOM   290  C  CG2 . VAL A 1 35 ? -3.538  -18.256 -1.417  1.00 23.73 ? 34   VAL A CG2 1 
ATOM   291  N  N   . TRP A 1 36 ? 0.961   -18.445 -1.374  1.00 27.45 ? 35   TRP A N   1 
ATOM   292  C  CA  . TRP A 1 36 ? 2.311   -18.517 -0.842  1.00 28.09 ? 35   TRP A CA  1 
ATOM   293  C  C   . TRP A 1 36 ? 3.112   -17.337 -1.375  1.00 29.26 ? 35   TRP A C   1 
ATOM   294  O  O   . TRP A 1 36 ? 3.696   -16.566 -0.605  1.00 30.56 ? 35   TRP A O   1 
ATOM   295  C  CB  . TRP A 1 36 ? 2.965   -19.823 -1.283  1.00 25.84 ? 35   TRP A CB  1 
ATOM   296  C  CG  . TRP A 1 36 ? 4.290   -20.047 -0.664  1.00 26.79 ? 35   TRP A CG  1 
ATOM   297  C  CD1 . TRP A 1 36 ? 4.541   -20.484 0.601   1.00 27.03 ? 35   TRP A CD1 1 
ATOM   298  C  CD2 . TRP A 1 36 ? 5.562   -19.813 -1.272  1.00 28.16 ? 35   TRP A CD2 1 
ATOM   299  N  NE1 . TRP A 1 36 ? 5.896   -20.538 0.821   1.00 29.53 ? 35   TRP A NE1 1 
ATOM   300  C  CE2 . TRP A 1 36 ? 6.545   -20.130 -0.314  1.00 28.88 ? 35   TRP A CE2 1 
ATOM   301  C  CE3 . TRP A 1 36 ? 5.968   -19.365 -2.537  1.00 27.32 ? 35   TRP A CE3 1 
ATOM   302  C  CZ2 . TRP A 1 36 ? 7.914   -20.015 -0.581  1.00 30.42 ? 35   TRP A CZ2 1 
ATOM   303  C  CZ3 . TRP A 1 36 ? 7.325   -19.252 -2.802  1.00 27.79 ? 35   TRP A CZ3 1 
ATOM   304  C  CH2 . TRP A 1 36 ? 8.281   -19.575 -1.829  1.00 29.38 ? 35   TRP A CH2 1 
ATOM   305  N  N   . GLY A 1 37 ? 3.130   -17.211 -2.698  1.00 29.45 ? 36   GLY A N   1 
ATOM   306  C  CA  . GLY A 1 37 ? 3.848   -16.135 -3.352  1.00 30.41 ? 36   GLY A CA  1 
ATOM   307  C  C   . GLY A 1 37 ? 3.398   -14.756 -2.915  1.00 32.33 ? 36   GLY A C   1 
ATOM   308  O  O   . GLY A 1 37 ? 4.216   -13.851 -2.785  1.00 32.48 ? 36   GLY A O   1 
ATOM   309  N  N   . ILE A 1 38 ? 2.100   -14.579 -2.698  1.00 35.30 ? 37   ILE A N   1 
ATOM   310  C  CA  . ILE A 1 38 ? 1.581   -13.284 -2.265  1.00 38.04 ? 37   ILE A CA  1 
ATOM   311  C  C   . ILE A 1 38 ? 2.156   -12.979 -0.893  1.00 40.69 ? 37   ILE A C   1 
ATOM   312  O  O   . ILE A 1 38 ? 2.699   -11.901 -0.657  1.00 42.02 ? 37   ILE A O   1 
ATOM   313  C  CB  . ILE A 1 38 ? 0.034   -13.285 -2.147  1.00 37.76 ? 37   ILE A CB  1 
ATOM   314  C  CG1 . ILE A 1 38 ? -0.600  -13.421 -3.529  1.00 38.37 ? 37   ILE A CG1 1 
ATOM   315  C  CG2 . ILE A 1 38 ? -0.444  -11.999 -1.476  1.00 37.72 ? 37   ILE A CG2 1 
ATOM   316  C  CD1 . ILE A 1 38 ? -2.106  -13.547 -3.508  1.00 37.70 ? 37   ILE A CD1 1 
ATOM   317  N  N   . LYS A 1 39 ? 2.034   -13.945 0.009   1.00 42.72 ? 38   LYS A N   1 
ATOM   318  C  CA  . LYS A 1 39 ? 2.521   -13.789 1.367   1.00 45.62 ? 38   LYS A CA  1 
ATOM   319  C  C   . LYS A 1 39 ? 4.041   -13.696 1.443   1.00 47.22 ? 38   LYS A C   1 
ATOM   320  O  O   . LYS A 1 39 ? 4.581   -13.007 2.309   1.00 46.75 ? 38   LYS A O   1 
ATOM   321  C  CB  . LYS A 1 39 ? 1.992   -14.938 2.220   1.00 46.34 ? 38   LYS A CB  1 
ATOM   322  C  CG  . LYS A 1 39 ? 0.475   -14.901 2.373   1.00 46.69 ? 38   LYS A CG  1 
ATOM   323  C  CD  . LYS A 1 39 ? -0.091  -16.207 2.912   1.00 47.45 ? 38   LYS A CD  1 
ATOM   324  C  CE  . LYS A 1 39 ? 0.419   -16.528 4.306   1.00 48.60 ? 38   LYS A CE  1 
ATOM   325  N  NZ  . LYS A 1 39 ? 1.877   -16.844 4.328   1.00 50.28 ? 38   LYS A NZ  1 
ATOM   326  N  N   . GLN A 1 40 ? 4.732   -14.383 0.540   1.00 49.80 ? 39   GLN A N   1 
ATOM   327  C  CA  . GLN A 1 40 ? 6.192   -14.332 0.518   1.00 52.84 ? 39   GLN A CA  1 
ATOM   328  C  C   . GLN A 1 40 ? 6.647   -12.921 0.145   1.00 54.63 ? 39   GLN A C   1 
ATOM   329  O  O   . GLN A 1 40 ? 7.474   -12.331 0.840   1.00 55.13 ? 39   GLN A O   1 
ATOM   330  C  CB  . GLN A 1 40 ? 6.762   -15.348 -0.480  1.00 52.07 ? 39   GLN A CB  1 
ATOM   331  C  CG  . GLN A 1 40 ? 7.394   -16.565 0.178   1.00 53.04 ? 39   GLN A CG  1 
ATOM   332  C  CD  . GLN A 1 40 ? 8.772   -16.277 0.766   1.00 53.41 ? 39   GLN A CD  1 
ATOM   333  O  OE1 . GLN A 1 40 ? 9.013   -15.209 1.328   1.00 54.23 ? 39   GLN A OE1 1 
ATOM   334  N  NE2 . GLN A 1 40 ? 9.679   -17.243 0.646   1.00 52.76 ? 39   GLN A NE2 1 
ATOM   335  N  N   . LEU A 1 41 ? 6.098   -12.380 -0.941  1.00 56.21 ? 40   LEU A N   1 
ATOM   336  C  CA  . LEU A 1 41 ? 6.462   -11.036 -1.381  1.00 57.90 ? 40   LEU A CA  1 
ATOM   337  C  C   . LEU A 1 41 ? 6.217   -10.010 -0.285  1.00 59.23 ? 40   LEU A C   1 
ATOM   338  O  O   . LEU A 1 41 ? 6.923   -9.009  -0.189  1.00 59.96 ? 40   LEU A O   1 
ATOM   339  C  CB  . LEU A 1 41 ? 5.676   -10.647 -2.637  1.00 57.17 ? 40   LEU A CB  1 
ATOM   340  C  CG  . LEU A 1 41 ? 6.179   -11.249 -3.948  1.00 56.38 ? 40   LEU A CG  1 
ATOM   341  C  CD1 . LEU A 1 41 ? 5.330   -10.738 -5.099  1.00 56.41 ? 40   LEU A CD1 1 
ATOM   342  C  CD2 . LEU A 1 41 ? 7.632   -10.864 -4.159  1.00 56.05 ? 40   LEU A CD2 1 
ATOM   343  N  N   . GLN A 1 42 ? 5.212   -10.258 0.542   1.00 60.59 ? 41   GLN A N   1 
ATOM   344  C  CA  . GLN A 1 42 ? 4.902   -9.348  1.627   1.00 62.75 ? 41   GLN A CA  1 
ATOM   345  C  C   . GLN A 1 42 ? 6.029   -9.300  2.648   1.00 64.28 ? 41   GLN A C   1 
ATOM   346  O  O   . GLN A 1 42 ? 6.442   -8.224  3.078   1.00 64.21 ? 41   GLN A O   1 
ATOM   347  C  CB  . GLN A 1 42 ? 3.618   -9.770  2.320   1.00 63.47 ? 41   GLN A CB  1 
ATOM   348  C  CG  . GLN A 1 42 ? 2.421   -8.944  1.941   1.00 66.11 ? 41   GLN A CG  1 
ATOM   349  C  CD  . GLN A 1 42 ? 1.277   -9.167  2.897   1.00 69.22 ? 41   GLN A CD  1 
ATOM   350  O  OE1 . GLN A 1 42 ? 0.688   -10.249 2.935   1.00 69.91 ? 41   GLN A OE1 1 
ATOM   351  N  NE2 . GLN A 1 42 ? 0.964   -8.147  3.695   1.00 70.30 ? 41   GLN A NE2 1 
ATOM   352  N  N   . ALA A 1 43 ? 6.523   -10.472 3.037   1.00 66.14 ? 42   ALA A N   1 
ATOM   353  C  CA  . ALA A 1 43 ? 7.606   -10.567 4.010   1.00 67.63 ? 42   ALA A CA  1 
ATOM   354  C  C   . ALA A 1 43 ? 8.805   -9.719  3.586   1.00 68.95 ? 42   ALA A C   1 
ATOM   355  O  O   . ALA A 1 43 ? 9.212   -8.817  4.316   1.00 68.55 ? 42   ALA A O   1 
ATOM   356  C  CB  . ALA A 1 43 ? 8.022   -12.024 4.183   1.00 67.70 ? 42   ALA A CB  1 
ATOM   357  N  N   . ARG A 1 44 ? 9.363   -10.012 2.412   1.00 71.47 ? 43   ARG A N   1 
ATOM   358  C  CA  . ARG A 1 44 ? 10.508  -9.268  1.875   1.00 74.01 ? 43   ARG A CA  1 
ATOM   359  C  C   . ARG A 1 44 ? 10.261  -7.764  1.968   1.00 74.39 ? 43   ARG A C   1 
ATOM   360  O  O   . ARG A 1 44 ? 10.997  -7.026  2.628   1.00 74.25 ? 43   ARG A O   1 
ATOM   361  C  CB  . ARG A 1 44 ? 10.737  -9.634  0.404   1.00 75.93 ? 43   ARG A CB  1 
ATOM   362  C  CG  . ARG A 1 44 ? 11.128  -11.073 0.176   1.00 80.09 ? 43   ARG A CG  1 
ATOM   363  C  CD  . ARG A 1 44 ? 12.535  -11.364 0.698   1.00 84.52 ? 43   ARG A CD  1 
ATOM   364  N  NE  . ARG A 1 44 ? 12.855  -12.792 0.657   1.00 88.40 ? 43   ARG A NE  1 
ATOM   365  C  CZ  . ARG A 1 44 ? 13.980  -13.331 1.120   1.00 89.41 ? 43   ARG A CZ  1 
ATOM   366  N  NH1 . ARG A 1 44 ? 14.931  -12.564 1.649   1.00 90.77 ? 43   ARG A NH1 1 
ATOM   367  N  NH2 . ARG A 1 44 ? 14.156  -14.644 1.051   1.00 90.06 ? 43   ARG A NH2 1 
ATOM   368  N  N   . ILE A 1 45 ? 9.223   -7.330  1.266   1.00 74.88 ? 44   ILE A N   1 
ATOM   369  C  CA  . ILE A 1 45 ? 8.810   -5.937  1.234   1.00 75.07 ? 44   ILE A CA  1 
ATOM   370  C  C   . ILE A 1 45 ? 8.039   -5.613  2.511   1.00 75.48 ? 44   ILE A C   1 
ATOM   371  O  O   . ILE A 1 45 ? 8.602   -5.057  3.458   1.00 75.90 ? 44   ILE A O   1 
ATOM   372  C  CB  . ILE A 1 45 ? 7.916   -5.678  -0.011  1.00 75.22 ? 44   ILE A CB  1 
ATOM   373  C  CG1 . ILE A 1 45 ? 8.760   -5.774  -1.275  1.00 75.54 ? 44   ILE A CG1 1 
ATOM   374  C  CG2 . ILE A 1 45 ? 7.305   -4.309  0.039   1.00 75.72 ? 44   ILE A CG2 1 
ATOM   375  C  CD1 . ILE A 1 45 ? 9.940   -4.804  -1.279  1.00 76.81 ? 44   ILE A CD1 1 
ATOM   376  N  N   . LEU A 1 46 ? 6.720   -5.795  2.473   1.00 80.63 ? 45   LEU A N   1 
ATOM   377  C  CA  . LEU A 1 46 ? 5.862   -5.464  3.615   1.00 80.20 ? 45   LEU A CA  1 
ATOM   378  C  C   . LEU A 1 46 ? 4.390   -5.715  3.256   1.00 80.37 ? 45   LEU A C   1 
ATOM   379  O  O   . LEU A 1 46 ? 3.571   -4.779  3.394   1.00 79.85 ? 45   LEU A O   1 
ATOM   380  C  CB  . LEU A 1 46 ? 6.068   -3.984  3.996   1.00 80.03 ? 45   LEU A CB  1 
ATOM   381  C  CG  . LEU A 1 46 ? 5.501   -3.405  5.303   1.00 79.90 ? 45   LEU A CG  1 
ATOM   382  C  CD1 . LEU A 1 46 ? 6.075   -4.158  6.506   1.00 78.60 ? 45   LEU A CD1 1 
ATOM   383  C  CD2 . LEU A 1 46 ? 5.841   -1.910  5.390   1.00 78.00 ? 45   LEU A CD2 1 
ATOM   384  O  OXT . LEU A 1 46 ? 4.066   -6.849  2.841   1.00 79.51 ? 45   LEU A OXT 1 
HETATM 385  C  C   . ACE B 1 1  ? 30.515  55.278  13.191  1.00 36.87 ? 0    ACE B C   1 
HETATM 386  O  O   . ACE B 1 1  ? 29.430  54.702  13.174  1.00 36.74 ? 0    ACE B O   1 
HETATM 387  C  CH3 . ACE B 1 1  ? 30.714  56.468  14.083  1.00 36.42 ? 0    ACE B CH3 1 
ATOM   388  N  N   . ARG B 1 2  ? 31.555  54.887  12.454  1.00 36.40 ? 1    ARG B N   1 
ATOM   389  C  CA  . ARG B 1 2  ? 31.476  53.749  11.537  1.00 35.89 ? 1    ARG B CA  1 
ATOM   390  C  C   . ARG B 1 2  ? 31.145  52.436  12.247  1.00 35.47 ? 1    ARG B C   1 
ATOM   391  O  O   . ARG B 1 2  ? 30.193  51.757  11.877  1.00 36.10 ? 1    ARG B O   1 
ATOM   392  C  CB  . ARG B 1 2  ? 32.790  53.594  10.777  1.00 35.61 ? 1    ARG B CB  1 
ATOM   393  C  CG  . ARG B 1 2  ? 32.706  52.715  9.537   1.00 35.34 ? 1    ARG B CG  1 
ATOM   394  C  CD  . ARG B 1 2  ? 34.079  52.616  8.882   1.00 36.51 ? 1    ARG B CD  1 
ATOM   395  N  NE  . ARG B 1 2  ? 34.024  52.326  7.450   1.00 37.42 ? 1    ARG B NE  1 
ATOM   396  C  CZ  . ARG B 1 2  ? 35.087  52.336  6.645   1.00 36.87 ? 1    ARG B CZ  1 
ATOM   397  N  NH1 . ARG B 1 2  ? 36.288  52.615  7.132   1.00 36.35 ? 1    ARG B NH1 1 
ATOM   398  N  NH2 . ARG B 1 2  ? 34.951  52.081  5.352   1.00 34.29 ? 1    ARG B NH2 1 
ATOM   399  N  N   . MET B 1 3  ? 31.932  52.080  13.261  1.00 34.68 ? 2    MET B N   1 
ATOM   400  C  CA  . MET B 1 3  ? 31.710  50.848  14.017  1.00 33.98 ? 2    MET B CA  1 
ATOM   401  C  C   . MET B 1 3  ? 30.303  50.747  14.631  1.00 33.66 ? 2    MET B C   1 
ATOM   402  O  O   . MET B 1 3  ? 29.731  49.661  14.684  1.00 32.72 ? 2    MET B O   1 
ATOM   403  C  CB  . MET B 1 3  ? 32.773  50.693  15.111  1.00 34.68 ? 2    MET B CB  1 
ATOM   404  C  CG  . MET B 1 3  ? 34.148  50.316  14.569  1.00 36.89 ? 2    MET B CG  1 
ATOM   405  S  SD  . MET B 1 3  ? 35.466  50.257  15.822  1.00 41.67 ? 2    MET B SD  1 
ATOM   406  C  CE  . MET B 1 3  ? 35.949  52.007  15.927  1.00 38.47 ? 2    MET B CE  1 
ATOM   407  N  N   . LYS B 1 4  ? 29.744  51.862  15.094  1.00 32.53 ? 3    LYS B N   1 
ATOM   408  C  CA  . LYS B 1 4  ? 28.396  51.839  15.660  1.00 31.96 ? 3    LYS B CA  1 
ATOM   409  C  C   . LYS B 1 4  ? 27.397  51.494  14.552  1.00 30.81 ? 3    LYS B C   1 
ATOM   410  O  O   . LYS B 1 4  ? 26.463  50.713  14.760  1.00 29.82 ? 3    LYS B O   1 
ATOM   411  C  CB  . LYS B 1 4  ? 28.043  53.198  16.279  1.00 33.42 ? 3    LYS B CB  1 
ATOM   412  C  CG  . LYS B 1 4  ? 26.595  53.299  16.792  1.00 34.08 ? 3    LYS B CG  1 
ATOM   413  C  CD  . LYS B 1 4  ? 26.366  52.513  18.082  1.00 31.56 ? 3    LYS B CD  1 
ATOM   414  C  CE  . LYS B 1 4  ? 24.877  52.261  18.319  1.00 31.91 ? 3    LYS B CE  1 
ATOM   415  N  NZ  . LYS B 1 4  ? 24.017  53.486  18.300  1.00 32.57 ? 3    LYS B NZ  1 
ATOM   416  N  N   . GLN B 1 5  ? 27.598  52.087  13.378  1.00 28.30 ? 4    GLN B N   1 
ATOM   417  C  CA  . GLN B 1 5  ? 26.743  51.825  12.229  1.00 27.11 ? 4    GLN B CA  1 
ATOM   418  C  C   . GLN B 1 5  ? 26.760  50.315  12.010  1.00 26.02 ? 4    GLN B C   1 
ATOM   419  O  O   . GLN B 1 5  ? 25.714  49.684  11.870  1.00 25.43 ? 4    GLN B O   1 
ATOM   420  C  CB  . GLN B 1 5  ? 27.299  52.517  10.977  1.00 29.20 ? 4    GLN B CB  1 
ATOM   421  C  CG  . GLN B 1 5  ? 27.457  54.038  11.084  1.00 32.80 ? 4    GLN B CG  1 
ATOM   422  C  CD  . GLN B 1 5  ? 28.309  54.655  9.953   1.00 34.42 ? 4    GLN B CD  1 
ATOM   423  O  OE1 . GLN B 1 5  ? 28.453  55.882  9.868   1.00 34.95 ? 4    GLN B OE1 1 
ATOM   424  N  NE2 . GLN B 1 5  ? 28.875  53.806  9.093   1.00 33.04 ? 4    GLN B NE2 1 
ATOM   425  N  N   . ILE B 1 6  ? 27.971  49.754  11.984  1.00 25.95 ? 5    ILE B N   1 
ATOM   426  C  CA  . ILE B 1 6  ? 28.201  48.319  11.780  1.00 24.52 ? 5    ILE B CA  1 
ATOM   427  C  C   . ILE B 1 6  ? 27.520  47.449  12.841  1.00 23.82 ? 5    ILE B C   1 
ATOM   428  O  O   . ILE B 1 6  ? 26.871  46.456  12.504  1.00 20.74 ? 5    ILE B O   1 
ATOM   429  C  CB  . ILE B 1 6  ? 29.722  48.012  11.760  1.00 24.78 ? 5    ILE B CB  1 
ATOM   430  C  CG1 . ILE B 1 6  ? 30.369  48.698  10.544  1.00 25.01 ? 5    ILE B CG1 1 
ATOM   431  C  CG2 . ILE B 1 6  ? 29.956  46.505  11.734  1.00 24.25 ? 5    ILE B CG2 1 
ATOM   432  C  CD1 . ILE B 1 6  ? 31.897  48.802  10.595  1.00 23.26 ? 5    ILE B CD1 1 
ATOM   433  N  N   . GLU B 1 7  ? 27.674  47.815  14.115  1.00 22.90 ? 6    GLU B N   1 
ATOM   434  C  CA  . GLU B 1 7  ? 27.045  47.074  15.204  1.00 22.55 ? 6    GLU B CA  1 
ATOM   435  C  C   . GLU B 1 7  ? 25.534  47.259  15.099  1.00 22.81 ? 6    GLU B C   1 
ATOM   436  O  O   . GLU B 1 7  ? 24.768  46.386  15.500  1.00 21.07 ? 6    GLU B O   1 
ATOM   437  C  CB  . GLU B 1 7  ? 27.558  47.575  16.547  1.00 23.91 ? 6    GLU B CB  1 
ATOM   438  C  CG  . GLU B 1 7  ? 29.044  47.314  16.717  1.00 24.74 ? 6    GLU B CG  1 
ATOM   439  C  CD  . GLU B 1 7  ? 29.683  48.209  17.757  1.00 27.42 ? 6    GLU B CD  1 
ATOM   440  O  OE1 . GLU B 1 7  ? 29.075  49.255  18.069  1.00 27.49 ? 6    GLU B OE1 1 
ATOM   441  O  OE2 . GLU B 1 7  ? 30.793  47.878  18.246  1.00 26.90 ? 6    GLU B OE2 1 
ATOM   442  N  N   . ASP B 1 8  ? 25.110  48.399  14.556  1.00 24.53 ? 7    ASP B N   1 
ATOM   443  C  CA  . ASP B 1 8  ? 23.681  48.654  14.358  1.00 25.66 ? 7    ASP B CA  1 
ATOM   444  C  C   . ASP B 1 8  ? 23.133  47.641  13.347  1.00 24.12 ? 7    ASP B C   1 
ATOM   445  O  O   . ASP B 1 8  ? 22.173  46.936  13.635  1.00 24.36 ? 7    ASP B O   1 
ATOM   446  C  CB  . ASP B 1 8  ? 23.433  50.076  13.832  1.00 29.76 ? 7    ASP B CB  1 
ATOM   447  C  CG  . ASP B 1 8  ? 23.518  51.133  14.924  1.00 32.30 ? 7    ASP B CG  1 
ATOM   448  O  OD1 . ASP B 1 8  ? 23.635  50.753  16.110  1.00 34.38 ? 7    ASP B OD1 1 
ATOM   449  O  OD2 . ASP B 1 8  ? 23.458  52.340  14.588  1.00 33.29 ? 7    ASP B OD2 1 
ATOM   450  N  N   . LYS B 1 9  ? 23.745  47.574  12.169  1.00 21.73 ? 8    LYS B N   1 
ATOM   451  C  CA  . LYS B 1 9  ? 23.312  46.628  11.149  1.00 20.90 ? 8    LYS B CA  1 
ATOM   452  C  C   . LYS B 1 9  ? 23.374  45.183  11.636  1.00 18.38 ? 8    LYS B C   1 
ATOM   453  O  O   . LYS B 1 9  ? 22.584  44.352  11.200  1.00 18.60 ? 8    LYS B O   1 
ATOM   454  C  CB  . LYS B 1 9  ? 24.164  46.752  9.879   1.00 21.88 ? 8    LYS B CB  1 
ATOM   455  C  CG  . LYS B 1 9  ? 23.991  48.056  9.133   1.00 25.97 ? 8    LYS B CG  1 
ATOM   456  C  CD  . LYS B 1 9  ? 24.593  47.987  7.733   1.00 30.89 ? 8    LYS B CD  1 
ATOM   457  C  CE  . LYS B 1 9  ? 24.580  49.356  7.038   1.00 32.03 ? 8    LYS B CE  1 
ATOM   458  N  NZ  . LYS B 1 9  ? 23.201  49.935  6.957   1.00 37.31 ? 8    LYS B NZ  1 
ATOM   459  N  N   . ILE B 1 10 ? 24.319  44.877  12.521  1.00 17.66 ? 9    ILE B N   1 
ATOM   460  C  CA  . ILE B 1 10 ? 24.449  43.510  13.034  1.00 18.28 ? 9    ILE B CA  1 
ATOM   461  C  C   . ILE B 1 10 ? 23.233  43.142  13.868  1.00 19.56 ? 9    ILE B C   1 
ATOM   462  O  O   . ILE B 1 10 ? 22.698  42.043  13.744  1.00 21.33 ? 9    ILE B O   1 
ATOM   463  C  CB  . ILE B 1 10 ? 25.745  43.314  13.862  1.00 16.77 ? 9    ILE B CB  1 
ATOM   464  C  CG1 . ILE B 1 10 ? 26.960  43.358  12.925  1.00 19.29 ? 9    ILE B CG1 1 
ATOM   465  C  CG2 . ILE B 1 10 ? 25.720  41.968  14.592  1.00 15.71 ? 9    ILE B CG2 1 
ATOM   466  C  CD1 . ILE B 1 10 ? 28.300  43.119  13.610  1.00 19.67 ? 9    ILE B CD1 1 
ATOM   467  N  N   . GLU B 1 11 ? 22.788  44.063  14.711  1.00 19.67 ? 10   GLU B N   1 
ATOM   468  C  CA  . GLU B 1 11 ? 21.611  43.807  15.520  1.00 20.87 ? 10   GLU B CA  1 
ATOM   469  C  C   . GLU B 1 11 ? 20.403  43.537  14.633  1.00 22.61 ? 10   GLU B C   1 
ATOM   470  O  O   . GLU B 1 11 ? 19.663  42.575  14.848  1.00 22.19 ? 10   GLU B O   1 
ATOM   471  C  CB  . GLU B 1 11 ? 21.315  45.002  16.427  1.00 22.57 ? 10   GLU B CB  1 
ATOM   472  C  CG  . GLU B 1 11 ? 21.974  44.911  17.792  1.00 23.94 ? 10   GLU B CG  1 
ATOM   473  C  CD  . GLU B 1 11 ? 21.625  46.090  18.684  1.00 25.67 ? 10   GLU B CD  1 
ATOM   474  O  OE1 . GLU B 1 11 ? 20.414  46.370  18.862  1.00 27.60 ? 10   GLU B OE1 1 
ATOM   475  O  OE2 . GLU B 1 11 ? 22.560  46.733  19.209  1.00 22.84 ? 10   GLU B OE2 1 
ATOM   476  N  N   . GLU B 1 12 ? 20.201  44.385  13.632  1.00 23.22 ? 11   GLU B N   1 
ATOM   477  C  CA  . GLU B 1 12 ? 19.070  44.212  12.739  1.00 24.32 ? 11   GLU B CA  1 
ATOM   478  C  C   . GLU B 1 12 ? 19.155  42.898  11.982  1.00 22.84 ? 11   GLU B C   1 
ATOM   479  O  O   . GLU B 1 12 ? 18.144  42.243  11.757  1.00 22.28 ? 11   GLU B O   1 
ATOM   480  C  CB  . GLU B 1 12 ? 18.975  45.396  11.781  1.00 27.20 ? 11   GLU B CB  1 
ATOM   481  C  CG  . GLU B 1 12 ? 18.820  46.718  12.534  1.00 33.08 ? 11   GLU B CG  1 
ATOM   482  C  CD  . GLU B 1 12 ? 17.628  46.725  13.505  1.00 35.99 ? 11   GLU B CD  1 
ATOM   483  O  OE1 . GLU B 1 12 ? 16.472  46.886  13.045  1.00 40.06 ? 11   GLU B OE1 1 
ATOM   484  O  OE2 . GLU B 1 12 ? 17.843  46.567  14.727  1.00 35.72 ? 11   GLU B OE2 1 
ATOM   485  N  N   . ILE B 1 13 ? 20.363  42.494  11.610  1.00 21.37 ? 12   ILE B N   1 
ATOM   486  C  CA  . ILE B 1 13 ? 20.525  41.234  10.904  1.00 21.21 ? 12   ILE B CA  1 
ATOM   487  C  C   . ILE B 1 13 ? 20.264  40.074  11.861  1.00 21.48 ? 12   ILE B C   1 
ATOM   488  O  O   . ILE B 1 13 ? 19.667  39.077  11.477  1.00 22.61 ? 12   ILE B O   1 
ATOM   489  C  CB  . ILE B 1 13 ? 21.935  41.109  10.284  1.00 20.86 ? 12   ILE B CB  1 
ATOM   490  C  CG1 . ILE B 1 13 ? 22.047  42.060  9.088   1.00 20.20 ? 12   ILE B CG1 1 
ATOM   491  C  CG2 . ILE B 1 13 ? 22.191  39.664  9.856   1.00 19.23 ? 12   ILE B CG2 1 
ATOM   492  C  CD1 . ILE B 1 13 ? 23.383  42.026  8.390   1.00 23.39 ? 12   ILE B CD1 1 
ATOM   493  N  N   . GLU B 1 14 ? 20.705  40.208  13.108  1.00 22.49 ? 13   GLU B N   1 
ATOM   494  C  CA  . GLU B 1 14 ? 20.486  39.169  14.107  1.00 22.85 ? 13   GLU B CA  1 
ATOM   495  C  C   . GLU B 1 14 ? 18.981  38.994  14.369  1.00 21.74 ? 13   GLU B C   1 
ATOM   496  O  O   . GLU B 1 14 ? 18.502  37.883  14.572  1.00 21.60 ? 13   GLU B O   1 
ATOM   497  C  CB  . GLU B 1 14 ? 21.209  39.529  15.410  1.00 26.42 ? 13   GLU B CB  1 
ATOM   498  C  CG  . GLU B 1 14 ? 22.716  39.257  15.428  1.00 31.27 ? 13   GLU B CG  1 
ATOM   499  C  CD  . GLU B 1 14 ? 23.411  39.919  16.630  1.00 34.82 ? 13   GLU B CD  1 
ATOM   500  O  OE1 . GLU B 1 14 ? 24.583  39.586  16.924  1.00 35.33 ? 13   GLU B OE1 1 
ATOM   501  O  OE2 . GLU B 1 14 ? 22.781  40.788  17.277  1.00 36.79 ? 13   GLU B OE2 1 
ATOM   502  N  N   . SER B 1 15 ? 18.234  40.093  14.367  1.00 20.62 ? 14   SER B N   1 
ATOM   503  C  CA  . SER B 1 15 ? 16.790  40.027  14.583  1.00 21.33 ? 14   SER B CA  1 
ATOM   504  C  C   . SER B 1 15 ? 16.068  39.361  13.401  1.00 20.14 ? 14   SER B C   1 
ATOM   505  O  O   . SER B 1 15 ? 15.171  38.541  13.590  1.00 17.97 ? 14   SER B O   1 
ATOM   506  C  CB  . SER B 1 15 ? 16.219  41.433  14.804  1.00 21.36 ? 14   SER B CB  1 
ATOM   507  O  OG  . SER B 1 15 ? 16.726  41.999  15.994  1.00 25.46 ? 14   SER B OG  1 
ATOM   508  N  N   . LYS B 1 16 ? 16.453  39.719  12.181  1.00 19.89 ? 15   LYS B N   1 
ATOM   509  C  CA  . LYS B 1 16 ? 15.827  39.123  11.001  1.00 21.27 ? 15   LYS B CA  1 
ATOM   510  C  C   . LYS B 1 16 ? 16.140  37.631  10.919  1.00 20.73 ? 15   LYS B C   1 
ATOM   511  O  O   . LYS B 1 16 ? 15.332  36.846  10.431  1.00 23.10 ? 15   LYS B O   1 
ATOM   512  C  CB  . LYS B 1 16 ? 16.297  39.832  9.728   1.00 21.63 ? 15   LYS B CB  1 
ATOM   513  C  CG  . LYS B 1 16 ? 15.854  41.287  9.647   1.00 23.61 ? 15   LYS B CG  1 
ATOM   514  C  CD  . LYS B 1 16 ? 16.277  41.938  8.331   1.00 28.11 ? 15   LYS B CD  1 
ATOM   515  C  CE  . LYS B 1 16 ? 15.681  41.216  7.120   1.00 28.95 ? 15   LYS B CE  1 
ATOM   516  N  NZ  . LYS B 1 16 ? 14.183  41.148  7.157   1.00 27.57 ? 15   LYS B NZ  1 
ATOM   517  N  N   . GLN B 1 17 ? 17.317  37.253  11.405  1.00 19.60 ? 16   GLN B N   1 
ATOM   518  C  CA  . GLN B 1 17 ? 17.764  35.863  11.418  1.00 20.65 ? 16   GLN B CA  1 
ATOM   519  C  C   . GLN B 1 17 ? 16.927  35.106  12.453  1.00 21.37 ? 16   GLN B C   1 
ATOM   520  O  O   . GLN B 1 17 ? 16.572  33.951  12.262  1.00 21.09 ? 16   GLN B O   1 
ATOM   521  C  CB  . GLN B 1 17 ? 19.241  35.838  11.794  1.00 19.52 ? 16   GLN B CB  1 
ATOM   522  C  CG  . GLN B 1 17 ? 19.917  34.510  11.731  1.00 23.25 ? 16   GLN B CG  1 
ATOM   523  C  CD  . GLN B 1 17 ? 21.430  34.654  11.863  1.00 24.39 ? 16   GLN B CD  1 
ATOM   524  O  OE1 . GLN B 1 17 ? 21.945  35.072  12.906  1.00 21.69 ? 16   GLN B OE1 1 
ATOM   525  N  NE2 . GLN B 1 17 ? 22.147  34.323  10.790  1.00 26.05 ? 16   GLN B NE2 1 
ATOM   526  N  N   . LYS B 1 18 ? 16.622  35.782  13.558  1.00 23.62 ? 17   LYS B N   1 
ATOM   527  C  CA  . LYS B 1 18 ? 15.806  35.222  14.638  1.00 23.71 ? 17   LYS B CA  1 
ATOM   528  C  C   . LYS B 1 18 ? 14.410  34.955  14.090  1.00 23.80 ? 17   LYS B C   1 
ATOM   529  O  O   . LYS B 1 18 ? 13.847  33.876  14.284  1.00 24.88 ? 17   LYS B O   1 
ATOM   530  C  CB  . LYS B 1 18 ? 15.721  36.225  15.796  1.00 24.25 ? 17   LYS B CB  1 
ATOM   531  C  CG  . LYS B 1 18 ? 14.504  36.063  16.695  1.00 26.40 ? 17   LYS B CG  1 
ATOM   532  C  CD  . LYS B 1 18 ? 14.404  37.199  17.739  1.00 31.61 ? 17   LYS B CD  1 
ATOM   533  C  CE  . LYS B 1 18 ? 14.350  38.606  17.116  1.00 30.61 ? 17   LYS B CE  1 
ATOM   534  N  NZ  . LYS B 1 18 ? 13.172  38.812  16.207  1.00 29.60 ? 17   LYS B NZ  1 
ATOM   535  N  N   . LYS B 1 19 ? 13.866  35.948  13.396  1.00 22.47 ? 18   LYS B N   1 
ATOM   536  C  CA  . LYS B 1 19 ? 12.541  35.844  12.813  1.00 22.68 ? 18   LYS B CA  1 
ATOM   537  C  C   . LYS B 1 19 ? 12.450  34.707  11.798  1.00 21.06 ? 18   LYS B C   1 
ATOM   538  O  O   . LYS B 1 19 ? 11.462  33.972  11.768  1.00 20.77 ? 18   LYS B O   1 
ATOM   539  C  CB  . LYS B 1 19 ? 12.150  37.177  12.159  1.00 25.89 ? 18   LYS B CB  1 
ATOM   540  C  CG  . LYS B 1 19 ? 10.784  37.153  11.476  1.00 31.44 ? 18   LYS B CG  1 
ATOM   541  C  CD  . LYS B 1 19 ? 9.730   36.443  12.346  1.00 35.48 ? 18   LYS B CD  1 
ATOM   542  C  CE  . LYS B 1 19 ? 8.452   36.133  11.568  1.00 38.48 ? 18   LYS B CE  1 
ATOM   543  N  NZ  . LYS B 1 19 ? 7.433   35.434  12.410  1.00 39.95 ? 18   LYS B NZ  1 
ATOM   544  N  N   . ILE B 1 20 ? 13.482  34.568  10.970  1.00 20.01 ? 19   ILE B N   1 
ATOM   545  C  CA  . ILE B 1 20 ? 13.525  33.509  9.961   1.00 18.36 ? 19   ILE B CA  1 
ATOM   546  C  C   . ILE B 1 20 ? 13.496  32.160  10.660  1.00 18.65 ? 19   ILE B C   1 
ATOM   547  O  O   . ILE B 1 20 ? 12.721  31.278  10.302  1.00 17.93 ? 19   ILE B O   1 
ATOM   548  C  CB  . ILE B 1 20 ? 14.808  33.608  9.089   1.00 17.47 ? 19   ILE B CB  1 
ATOM   549  C  CG1 . ILE B 1 20 ? 14.730  34.857  8.192   1.00 17.77 ? 19   ILE B CG1 1 
ATOM   550  C  CG2 . ILE B 1 20 ? 14.972  32.354  8.267   1.00 16.08 ? 19   ILE B CG2 1 
ATOM   551  C  CD1 . ILE B 1 20 ? 16.033  35.257  7.503   1.00 17.28 ? 19   ILE B CD1 1 
ATOM   552  N  N   . GLU B 1 21 ? 14.343  32.018  11.671  1.00 18.56 ? 20   GLU B N   1 
ATOM   553  C  CA  . GLU B 1 21 ? 14.433  30.791  12.429  1.00 20.11 ? 20   GLU B CA  1 
ATOM   554  C  C   . GLU B 1 21 ? 13.079  30.383  13.005  1.00 21.26 ? 20   GLU B C   1 
ATOM   555  O  O   . GLU B 1 21 ? 12.697  29.207  12.952  1.00 19.55 ? 20   GLU B O   1 
ATOM   556  C  CB  . GLU B 1 21 ? 15.456  30.977  13.538  1.00 25.01 ? 20   GLU B CB  1 
ATOM   557  C  CG  . GLU B 1 21 ? 16.877  31.076  13.018  1.00 31.83 ? 20   GLU B CG  1 
ATOM   558  C  CD  . GLU B 1 21 ? 17.793  31.811  13.975  1.00 37.72 ? 20   GLU B CD  1 
ATOM   559  O  OE1 . GLU B 1 21 ? 17.782  31.485  15.185  1.00 38.59 ? 20   GLU B OE1 1 
ATOM   560  O  OE2 . GLU B 1 21 ? 18.522  32.716  13.511  1.00 41.41 ? 20   GLU B OE2 1 
ATOM   561  N  N   . ASN B 1 22 ? 12.349  31.359  13.544  1.00 20.82 ? 21   ASN B N   1 
ATOM   562  C  CA  . ASN B 1 22 ? 11.036  31.085  14.119  1.00 20.21 ? 21   ASN B CA  1 
ATOM   563  C  C   . ASN B 1 22 ? 10.038  30.672  13.051  1.00 20.50 ? 21   ASN B C   1 
ATOM   564  O  O   . ASN B 1 22 ? 9.230   29.773  13.273  1.00 18.80 ? 21   ASN B O   1 
ATOM   565  C  CB  . ASN B 1 22 ? 10.496  32.305  14.889  1.00 19.74 ? 21   ASN B CB  1 
ATOM   566  C  CG  . ASN B 1 22 ? 11.207  32.522  16.218  1.00 19.46 ? 21   ASN B CG  1 
ATOM   567  O  OD1 . ASN B 1 22 ? 11.770  31.587  16.790  1.00 18.85 ? 21   ASN B OD1 1 
ATOM   568  N  ND2 . ASN B 1 22 ? 11.175  33.751  16.716  1.00 16.76 ? 21   ASN B ND2 1 
ATOM   569  N  N   . GLU B 1 23 ? 10.096  31.316  11.890  1.00 21.68 ? 22   GLU B N   1 
ATOM   570  C  CA  . GLU B 1 23 ? 9.168   30.979  10.814  1.00 23.12 ? 22   GLU B CA  1 
ATOM   571  C  C   . GLU B 1 23 ? 9.429   29.576  10.250  1.00 22.08 ? 22   GLU B C   1 
ATOM   572  O  O   . GLU B 1 23 ? 8.510   28.877  9.813   1.00 21.66 ? 22   GLU B O   1 
ATOM   573  C  CB  . GLU B 1 23 ? 9.242   32.032  9.707   1.00 26.00 ? 22   GLU B CB  1 
ATOM   574  C  CG  . GLU B 1 23 ? 8.143   31.874  8.663   1.00 32.00 ? 22   GLU B CG  1 
ATOM   575  C  CD  . GLU B 1 23 ? 6.796   31.477  9.277   1.00 34.90 ? 22   GLU B CD  1 
ATOM   576  O  OE1 . GLU B 1 23 ? 6.239   32.251  10.092  1.00 31.25 ? 22   GLU B OE1 1 
ATOM   577  O  OE2 . GLU B 1 23 ? 6.301   30.376  8.939   1.00 37.77 ? 22   GLU B OE2 1 
ATOM   578  N  N   . ILE B 1 24 ? 10.688  29.164  10.276  1.00 20.92 ? 23   ILE B N   1 
ATOM   579  C  CA  . ILE B 1 24 ? 11.069  27.846  9.794   1.00 20.72 ? 23   ILE B CA  1 
ATOM   580  C  C   . ILE B 1 24 ? 10.491  26.795  10.730  1.00 21.98 ? 23   ILE B C   1 
ATOM   581  O  O   . ILE B 1 24 ? 9.964   25.777  10.284  1.00 22.75 ? 23   ILE B O   1 
ATOM   582  C  CB  . ILE B 1 24 ? 12.611  27.710  9.740   1.00 20.79 ? 23   ILE B CB  1 
ATOM   583  C  CG1 . ILE B 1 24 ? 13.160  28.573  8.594   1.00 22.02 ? 23   ILE B CG1 1 
ATOM   584  C  CG2 . ILE B 1 24 ? 13.015  26.246  9.578   1.00 20.90 ? 23   ILE B CG2 1 
ATOM   585  C  CD1 . ILE B 1 24 ? 14.660  28.458  8.385   1.00 22.67 ? 23   ILE B CD1 1 
ATOM   586  N  N   . ALA B 1 25 ? 10.585  27.048  12.034  1.00 21.71 ? 24   ALA B N   1 
ATOM   587  C  CA  . ALA B 1 25 ? 10.060  26.112  13.025  1.00 20.68 ? 24   ALA B CA  1 
ATOM   588  C  C   . ALA B 1 25 ? 8.561   25.912  12.811  1.00 19.54 ? 24   ALA B C   1 
ATOM   589  O  O   . ALA B 1 25 ? 8.018   24.846  13.105  1.00 20.52 ? 24   ALA B O   1 
ATOM   590  C  CB  . ALA B 1 25 ? 10.332  26.625  14.442  1.00 19.49 ? 24   ALA B CB  1 
ATOM   591  N  N   . ARG B 1 26 ? 7.894   26.935  12.289  1.00 19.48 ? 25   ARG B N   1 
ATOM   592  C  CA  . ARG B 1 26 ? 6.462   26.851  12.023  1.00 21.31 ? 25   ARG B CA  1 
ATOM   593  C  C   . ARG B 1 26 ? 6.217   26.076  10.732  1.00 21.28 ? 25   ARG B C   1 
ATOM   594  O  O   . ARG B 1 26 ? 5.377   25.183  10.700  1.00 21.79 ? 25   ARG B O   1 
ATOM   595  C  CB  . ARG B 1 26 ? 5.850   28.249  11.919  1.00 22.74 ? 25   ARG B CB  1 
ATOM   596  C  CG  . ARG B 1 26 ? 4.762   28.541  12.953  1.00 28.11 ? 25   ARG B CG  1 
ATOM   597  C  CD  . ARG B 1 26 ? 5.222   28.305  14.402  1.00 31.08 ? 25   ARG B CD  1 
ATOM   598  N  NE  . ARG B 1 26 ? 6.481   28.981  14.738  1.00 34.25 ? 25   ARG B NE  1 
ATOM   599  C  CZ  . ARG B 1 26 ? 7.044   28.987  15.949  1.00 31.91 ? 25   ARG B CZ  1 
ATOM   600  N  NH1 . ARG B 1 26 ? 6.461   28.353  16.963  1.00 30.11 ? 25   ARG B NH1 1 
ATOM   601  N  NH2 . ARG B 1 26 ? 8.204   29.609  16.141  1.00 26.82 ? 25   ARG B NH2 1 
ATOM   602  N  N   . ILE B 1 27 ? 6.957   26.410  9.675   1.00 21.47 ? 26   ILE B N   1 
ATOM   603  C  CA  . ILE B 1 27 ? 6.832   25.711  8.390   1.00 21.15 ? 26   ILE B CA  1 
ATOM   604  C  C   . ILE B 1 27 ? 7.047   24.205  8.628   1.00 19.83 ? 26   ILE B C   1 
ATOM   605  O  O   . ILE B 1 27 ? 6.306   23.371  8.121   1.00 17.82 ? 26   ILE B O   1 
ATOM   606  C  CB  . ILE B 1 27 ? 7.893   26.254  7.364   1.00 20.95 ? 26   ILE B CB  1 
ATOM   607  C  CG1 . ILE B 1 27 ? 7.533   27.684  6.957   1.00 17.89 ? 26   ILE B CG1 1 
ATOM   608  C  CG2 . ILE B 1 27 ? 7.986   25.338  6.145   1.00 20.64 ? 26   ILE B CG2 1 
ATOM   609  C  CD1 . ILE B 1 27 ? 8.601   28.380  6.129   1.00 19.96 ? 26   ILE B CD1 1 
ATOM   610  N  N   . LYS B 1 28 ? 8.063   23.875  9.417   1.00 19.70 ? 27   LYS B N   1 
ATOM   611  C  CA  . LYS B 1 28 ? 8.374   22.489  9.738   1.00 21.71 ? 27   LYS B CA  1 
ATOM   612  C  C   . LYS B 1 28 ? 7.214   21.810  10.460  1.00 21.76 ? 27   LYS B C   1 
ATOM   613  O  O   . LYS B 1 28 ? 6.952   20.631  10.252  1.00 22.07 ? 27   LYS B O   1 
ATOM   614  C  CB  . LYS B 1 28 ? 9.641   22.425  10.602  1.00 23.25 ? 27   LYS B CB  1 
ATOM   615  C  CG  . LYS B 1 28 ? 10.930  22.741  9.846   1.00 24.66 ? 27   LYS B CG  1 
ATOM   616  C  CD  . LYS B 1 28 ? 11.686  21.471  9.431   1.00 26.65 ? 27   LYS B CD  1 
ATOM   617  C  CE  . LYS B 1 28 ? 10.827  20.526  8.573   1.00 29.74 ? 27   LYS B CE  1 
ATOM   618  N  NZ  . LYS B 1 28 ? 11.403  19.159  8.432   1.00 26.16 ? 27   LYS B NZ  1 
ATOM   619  N  N   . LYS B 1 29 ? 6.515   22.545  11.318  1.00 23.85 ? 28   LYS B N   1 
ATOM   620  C  CA  . LYS B 1 29 ? 5.379   21.957  12.030  1.00 24.57 ? 28   LYS B CA  1 
ATOM   621  C  C   . LYS B 1 29 ? 4.259   21.672  11.030  1.00 23.15 ? 28   LYS B C   1 
ATOM   622  O  O   . LYS B 1 29 ? 3.584   20.645  11.107  1.00 22.86 ? 28   LYS B O   1 
ATOM   623  C  CB  . LYS B 1 29 ? 4.863   22.902  13.110  1.00 25.55 ? 28   LYS B CB  1 
ATOM   624  C  CG  . LYS B 1 29 ? 3.787   22.288  13.986  1.00 29.31 ? 28   LYS B CG  1 
ATOM   625  C  CD  . LYS B 1 29 ? 4.364   21.345  15.053  1.00 33.34 ? 28   LYS B CD  1 
ATOM   626  C  CE  . LYS B 1 29 ? 4.823   20.008  14.485  1.00 34.30 ? 28   LYS B CE  1 
ATOM   627  N  NZ  . LYS B 1 29 ? 5.569   19.207  15.496  1.00 35.04 ? 28   LYS B NZ  1 
ATOM   628  N  N   . LEU B 1 30 ? 4.077   22.594  10.089  1.00 23.68 ? 29   LEU B N   1 
ATOM   629  C  CA  . LEU B 1 30 ? 3.062   22.464  9.046   1.00 22.12 ? 29   LEU B CA  1 
ATOM   630  C  C   . LEU B 1 30 ? 3.351   21.297  8.113   1.00 21.52 ? 29   LEU B C   1 
ATOM   631  O  O   . LEU B 1 30 ? 2.442   20.580  7.707   1.00 19.86 ? 29   LEU B O   1 
ATOM   632  C  CB  . LEU B 1 30 ? 2.978   23.752  8.241   1.00 21.50 ? 29   LEU B CB  1 
ATOM   633  C  CG  . LEU B 1 30 ? 2.041   24.775  8.862   1.00 24.07 ? 29   LEU B CG  1 
ATOM   634  C  CD1 . LEU B 1 30 ? 2.323   26.165  8.308   1.00 25.52 ? 29   LEU B CD1 1 
ATOM   635  C  CD2 . LEU B 1 30 ? 0.604   24.329  8.589   1.00 26.65 ? 29   LEU B CD2 1 
ATOM   636  N  N   . LEU B 1 31 ? 4.617   21.108  7.765   1.00 20.96 ? 30   LEU B N   1 
ATOM   637  C  CA  . LEU B 1 31 ? 4.977   20.001  6.896   1.00 22.62 ? 30   LEU B CA  1 
ATOM   638  C  C   . LEU B 1 31 ? 4.602   18.690  7.583   1.00 23.99 ? 30   LEU B C   1 
ATOM   639  O  O   . LEU B 1 31 ? 3.967   17.835  6.968   1.00 25.65 ? 30   LEU B O   1 
ATOM   640  C  CB  . LEU B 1 31 ? 6.478   20.028  6.579   1.00 22.03 ? 30   LEU B CB  1 
ATOM   641  C  CG  . LEU B 1 31 ? 6.940   20.288  5.134   1.00 19.02 ? 30   LEU B CG  1 
ATOM   642  C  CD1 . LEU B 1 31 ? 5.842   20.868  4.283   1.00 17.97 ? 30   LEU B CD1 1 
ATOM   643  C  CD2 . LEU B 1 31 ? 8.145   21.221  5.186   1.00 17.81 ? 30   LEU B CD2 1 
ATOM   644  N  N   . GLN B 1 32 ? 4.977   18.537  8.854   1.00 25.56 ? 31   GLN B N   1 
ATOM   645  C  CA  . GLN B 1 32 ? 4.648   17.323  9.599   1.00 27.27 ? 31   GLN B CA  1 
ATOM   646  C  C   . GLN B 1 32 ? 3.150   17.079  9.610   1.00 26.11 ? 31   GLN B C   1 
ATOM   647  O  O   . GLN B 1 32 ? 2.699   15.934  9.584   1.00 26.14 ? 31   GLN B O   1 
ATOM   648  C  CB  . GLN B 1 32 ? 5.154   17.403  11.041  1.00 30.54 ? 31   GLN B CB  1 
ATOM   649  C  CG  . GLN B 1 32 ? 6.634   17.108  11.201  1.00 35.52 ? 31   GLN B CG  1 
ATOM   650  C  CD  . GLN B 1 32 ? 7.029   16.916  12.656  1.00 40.36 ? 31   GLN B CD  1 
ATOM   651  O  OE1 . GLN B 1 32 ? 6.561   15.986  13.321  1.00 41.23 ? 31   GLN B OE1 1 
ATOM   652  N  NE2 . GLN B 1 32 ? 7.893   17.797  13.161  1.00 42.56 ? 31   GLN B NE2 1 
ATOM   653  N  N   . LEU B 1 33 ? 2.379   18.159  9.665   1.00 24.96 ? 32   LEU B N   1 
ATOM   654  C  CA  . LEU B 1 33 ? 0.927   18.040  9.649   1.00 24.64 ? 32   LEU B CA  1 
ATOM   655  C  C   . LEU B 1 33 ? 0.462   17.524  8.278   1.00 23.60 ? 32   LEU B C   1 
ATOM   656  O  O   . LEU B 1 33 ? -0.321  16.573  8.197   1.00 23.22 ? 32   LEU B O   1 
ATOM   657  C  CB  . LEU B 1 33 ? 0.274   19.393  9.968   1.00 24.49 ? 32   LEU B CB  1 
ATOM   658  C  CG  . LEU B 1 33 ? 0.307   19.825  11.444  1.00 26.01 ? 32   LEU B CG  1 
ATOM   659  C  CD1 . LEU B 1 33 ? -0.342  21.195  11.598  1.00 25.56 ? 32   LEU B CD1 1 
ATOM   660  C  CD2 . LEU B 1 33 ? -0.431  18.798  12.297  1.00 25.37 ? 32   LEU B CD2 1 
ATOM   661  N  N   . THR B 1 34 ? 0.958   18.136  7.206   1.00 21.95 ? 33   THR B N   1 
ATOM   662  C  CA  . THR B 1 34 ? 0.583   17.712  5.862   1.00 22.92 ? 33   THR B CA  1 
ATOM   663  C  C   . THR B 1 34 ? 1.015   16.270  5.609   1.00 22.33 ? 33   THR B C   1 
ATOM   664  O  O   . THR B 1 34 ? 0.244   15.477  5.086   1.00 23.37 ? 33   THR B O   1 
ATOM   665  C  CB  . THR B 1 34 ? 1.197   18.627  4.788   1.00 22.40 ? 33   THR B CB  1 
ATOM   666  O  OG1 . THR B 1 34 ? 2.624   18.638  4.925   1.00 24.01 ? 33   THR B OG1 1 
ATOM   667  C  CG2 . THR B 1 34 ? 0.648   20.047  4.924   1.00 21.33 ? 33   THR B CG2 1 
ATOM   668  N  N   . VAL B 1 35 ? 2.243   15.927  5.989   1.00 23.13 ? 34   VAL B N   1 
ATOM   669  C  CA  . VAL B 1 35 ? 2.740   14.559  5.819   1.00 24.27 ? 34   VAL B CA  1 
ATOM   670  C  C   . VAL B 1 35 ? 1.817   13.579  6.546   1.00 25.22 ? 34   VAL B C   1 
ATOM   671  O  O   . VAL B 1 35 ? 1.680   12.424  6.146   1.00 27.57 ? 34   VAL B O   1 
ATOM   672  C  CB  . VAL B 1 35 ? 4.175   14.394  6.387   1.00 23.09 ? 34   VAL B CB  1 
ATOM   673  C  CG1 . VAL B 1 35 ? 4.603   12.944  6.310   1.00 24.36 ? 34   VAL B CG1 1 
ATOM   674  C  CG2 . VAL B 1 35 ? 5.148   15.262  5.606   1.00 25.19 ? 34   VAL B CG2 1 
ATOM   675  N  N   . TRP B 1 36 ? 1.193   14.047  7.623   1.00 26.25 ? 35   TRP B N   1 
ATOM   676  C  CA  . TRP B 1 36 ? 0.269   13.225  8.406   1.00 25.93 ? 35   TRP B CA  1 
ATOM   677  C  C   . TRP B 1 36 ? -1.063  13.097  7.677   1.00 24.09 ? 35   TRP B C   1 
ATOM   678  O  O   . TRP B 1 36 ? -1.661  12.022  7.640   1.00 24.16 ? 35   TRP B O   1 
ATOM   679  C  CB  . TRP B 1 36 ? 0.011   13.862  9.777   1.00 26.99 ? 35   TRP B CB  1 
ATOM   680  C  CG  . TRP B 1 36 ? -1.099  13.182  10.533  1.00 29.01 ? 35   TRP B CG  1 
ATOM   681  C  CD1 . TRP B 1 36 ? -0.976  12.163  11.434  1.00 28.69 ? 35   TRP B CD1 1 
ATOM   682  C  CD2 . TRP B 1 36 ? -2.505  13.417  10.384  1.00 29.31 ? 35   TRP B CD2 1 
ATOM   683  N  NE1 . TRP B 1 36 ? -2.216  11.746  11.849  1.00 29.30 ? 35   TRP B NE1 1 
ATOM   684  C  CE2 . TRP B 1 36 ? -3.172  12.500  11.219  1.00 31.53 ? 35   TRP B CE2 1 
ATOM   685  C  CE3 . TRP B 1 36 ? -3.267  14.313  9.621   1.00 30.42 ? 35   TRP B CE3 1 
ATOM   686  C  CZ2 . TRP B 1 36 ? -4.573  12.453  11.315  1.00 30.65 ? 35   TRP B CZ2 1 
ATOM   687  C  CZ3 . TRP B 1 36 ? -4.653  14.266  9.715   1.00 29.33 ? 35   TRP B CZ3 1 
ATOM   688  C  CH2 . TRP B 1 36 ? -5.289  13.343  10.556  1.00 29.62 ? 35   TRP B CH2 1 
ATOM   689  N  N   . GLY B 1 37 ? -1.523  14.219  7.128   1.00 24.20 ? 36   GLY B N   1 
ATOM   690  C  CA  . GLY B 1 37 ? -2.779  14.249  6.412   1.00 22.99 ? 36   GLY B CA  1 
ATOM   691  C  C   . GLY B 1 37 ? -2.718  13.352  5.203   1.00 24.52 ? 36   GLY B C   1 
ATOM   692  O  O   . GLY B 1 37 ? -3.633  12.569  4.964   1.00 26.83 ? 36   GLY B O   1 
ATOM   693  N  N   . ILE B 1 38 ? -1.634  13.451  4.443   1.00 24.23 ? 37   ILE B N   1 
ATOM   694  C  CA  . ILE B 1 38 ? -1.465  12.639  3.239   1.00 24.24 ? 37   ILE B CA  1 
ATOM   695  C  C   . ILE B 1 38 ? -1.449  11.159  3.576   1.00 26.43 ? 37   ILE B C   1 
ATOM   696  O  O   . ILE B 1 38 ? -2.110  10.357  2.914   1.00 26.24 ? 37   ILE B O   1 
ATOM   697  C  CB  . ILE B 1 38 ? -0.159  13.004  2.492   1.00 21.97 ? 37   ILE B CB  1 
ATOM   698  C  CG1 . ILE B 1 38 ? -0.251  14.440  1.972   1.00 20.66 ? 37   ILE B CG1 1 
ATOM   699  C  CG2 . ILE B 1 38 ? 0.073   12.049  1.340   1.00 20.35 ? 37   ILE B CG2 1 
ATOM   700  C  CD1 . ILE B 1 38 ? 1.061   15.014  1.460   1.00 21.62 ? 37   ILE B CD1 1 
ATOM   701  N  N   . LYS B 1 39 ? -0.691  10.791  4.602   1.00 28.65 ? 38   LYS B N   1 
ATOM   702  C  CA  . LYS B 1 39 ? -0.625  9.395   4.993   1.00 33.02 ? 38   LYS B CA  1 
ATOM   703  C  C   . LYS B 1 39 ? -2.008  8.873   5.405   1.00 34.10 ? 38   LYS B C   1 
ATOM   704  O  O   . LYS B 1 39 ? -2.333  7.707   5.171   1.00 35.71 ? 38   LYS B O   1 
ATOM   705  C  CB  . LYS B 1 39 ? 0.414   9.210   6.105   1.00 34.25 ? 38   LYS B CB  1 
ATOM   706  C  CG  . LYS B 1 39 ? 1.842   9.438   5.604   1.00 37.35 ? 38   LYS B CG  1 
ATOM   707  C  CD  . LYS B 1 39 ? 2.902   9.116   6.653   1.00 39.36 ? 38   LYS B CD  1 
ATOM   708  C  CE  . LYS B 1 39 ? 4.316   9.381   6.114   1.00 41.50 ? 38   LYS B CE  1 
ATOM   709  N  NZ  . LYS B 1 39 ? 5.416   8.955   7.038   1.00 39.06 ? 38   LYS B NZ  1 
ATOM   710  N  N   . GLN B 1 40 ? -2.832  9.739   5.986   1.00 35.14 ? 39   GLN B N   1 
ATOM   711  C  CA  . GLN B 1 40 ? -4.184  9.348   6.395   1.00 35.63 ? 39   GLN B CA  1 
ATOM   712  C  C   . GLN B 1 40 ? -5.062  9.012   5.196   1.00 35.73 ? 39   GLN B C   1 
ATOM   713  O  O   . GLN B 1 40 ? -5.856  8.078   5.250   1.00 36.89 ? 39   GLN B O   1 
ATOM   714  C  CB  . GLN B 1 40 ? -4.860  10.468  7.186   1.00 35.29 ? 39   GLN B CB  1 
ATOM   715  C  CG  . GLN B 1 40 ? -4.297  10.695  8.568   1.00 36.65 ? 39   GLN B CG  1 
ATOM   716  C  CD  . GLN B 1 40 ? -4.619  9.559   9.516   1.00 37.70 ? 39   GLN B CD  1 
ATOM   717  O  OE1 . GLN B 1 40 ? -5.772  9.146   9.631   1.00 38.81 ? 39   GLN B OE1 1 
ATOM   718  N  NE2 . GLN B 1 40 ? -3.600  9.053   10.207  1.00 36.98 ? 39   GLN B NE2 1 
ATOM   719  N  N   . LEU B 1 41 ? -4.917  9.782   4.119   1.00 35.56 ? 40   LEU B N   1 
ATOM   720  C  CA  . LEU B 1 41 ? -5.705  9.587   2.901   1.00 35.84 ? 40   LEU B CA  1 
ATOM   721  C  C   . LEU B 1 41 ? -5.218  8.424   2.053   1.00 36.24 ? 40   LEU B C   1 
ATOM   722  O  O   . LEU B 1 41 ? -6.014  7.637   1.552   1.00 35.46 ? 40   LEU B O   1 
ATOM   723  C  CB  . LEU B 1 41 ? -5.696  10.862  2.053   1.00 34.75 ? 40   LEU B CB  1 
ATOM   724  C  CG  . LEU B 1 41 ? -6.439  12.065  2.631   1.00 34.00 ? 40   LEU B CG  1 
ATOM   725  C  CD1 . LEU B 1 41 ? -6.079  13.311  1.857   1.00 33.96 ? 40   LEU B CD1 1 
ATOM   726  C  CD2 . LEU B 1 41 ? -7.931  11.804  2.585   1.00 33.40 ? 40   LEU B CD2 1 
ATOM   727  N  N   . GLN B 1 42 ? -3.907  8.327   1.881   1.00 37.27 ? 41   GLN B N   1 
ATOM   728  C  CA  . GLN B 1 42 ? -3.334  7.258   1.085   1.00 38.06 ? 41   GLN B CA  1 
ATOM   729  C  C   . GLN B 1 42 ? -3.634  5.927   1.766   1.00 37.09 ? 41   GLN B C   1 
ATOM   730  O  O   . GLN B 1 42 ? -3.801  4.913   1.105   1.00 35.78 ? 41   GLN B O   1 
ATOM   731  C  CB  . GLN B 1 42 ? -1.826  7.473   0.946   1.00 39.71 ? 41   GLN B CB  1 
ATOM   732  C  CG  . GLN B 1 42 ? -1.058  7.259   2.231   1.00 43.77 ? 41   GLN B CG  1 
ATOM   733  C  CD  . GLN B 1 42 ? -0.280  5.953   2.225   1.00 45.99 ? 41   GLN B CD  1 
ATOM   734  O  OE1 . GLN B 1 42 ? -0.773  4.919   1.759   1.00 46.08 ? 41   GLN B OE1 1 
ATOM   735  N  NE2 . GLN B 1 42 ? 0.943   5.994   2.748   1.00 46.00 ? 41   GLN B NE2 1 
ATOM   736  N  N   . ALA B 1 43 ? -3.706  5.950   3.094   1.00 38.28 ? 42   ALA B N   1 
ATOM   737  C  CA  . ALA B 1 43 ? -3.999  4.765   3.889   1.00 40.20 ? 42   ALA B CA  1 
ATOM   738  C  C   . ALA B 1 43 ? -5.426  4.309   3.603   1.00 43.18 ? 42   ALA B C   1 
ATOM   739  O  O   . ALA B 1 43 ? -5.674  3.133   3.318   1.00 44.44 ? 42   ALA B O   1 
ATOM   740  C  CB  . ALA B 1 43 ? -3.840  5.078   5.364   1.00 38.27 ? 42   ALA B CB  1 
ATOM   741  N  N   . ARG B 1 44 ? -6.367  5.242   3.691   1.00 45.23 ? 43   ARG B N   1 
ATOM   742  C  CA  . ARG B 1 44 ? -7.756  4.925   3.408   1.00 46.59 ? 43   ARG B CA  1 
ATOM   743  C  C   . ARG B 1 44 ? -7.835  4.627   1.917   1.00 47.17 ? 43   ARG B C   1 
ATOM   744  O  O   . ARG B 1 44 ? -8.216  3.530   1.512   1.00 47.62 ? 43   ARG B O   1 
ATOM   745  C  CB  . ARG B 1 44 ? -8.657  6.119   3.738   1.00 48.34 ? 43   ARG B CB  1 
ATOM   746  C  CG  . ARG B 1 44 ? -8.475  6.658   5.153   1.00 51.03 ? 43   ARG B CG  1 
ATOM   747  C  CD  . ARG B 1 44 ? -9.125  8.036   5.318   1.00 53.24 ? 43   ARG B CD  1 
ATOM   748  N  NE  . ARG B 1 44 ? -8.712  8.736   6.538   1.00 55.26 ? 43   ARG B NE  1 
ATOM   749  C  CZ  . ARG B 1 44 ? -8.845  8.259   7.779   1.00 56.46 ? 43   ARG B CZ  1 
ATOM   750  N  NH1 . ARG B 1 44 ? -9.375  7.058   7.984   1.00 58.12 ? 43   ARG B NH1 1 
ATOM   751  N  NH2 . ARG B 1 44 ? -8.451  8.989   8.816   1.00 55.46 ? 43   ARG B NH2 1 
ATOM   752  N  N   . ILE B 1 45 ? -7.462  5.609   1.106   1.00 48.47 ? 44   ILE B N   1 
ATOM   753  C  CA  . ILE B 1 45 ? -7.500  5.477   -0.343  1.00 51.25 ? 44   ILE B CA  1 
ATOM   754  C  C   . ILE B 1 45 ? -7.160  4.091   -0.816  1.00 53.59 ? 44   ILE B C   1 
ATOM   755  O  O   . ILE B 1 45 ? -8.034  3.312   -1.199  1.00 55.02 ? 44   ILE B O   1 
ATOM   756  C  CB  . ILE B 1 45 ? -6.550  6.483   -1.040  1.00 51.73 ? 44   ILE B CB  1 
ATOM   757  C  CG1 . ILE B 1 45 ? -7.097  7.898   -0.851  1.00 52.27 ? 44   ILE B CG1 1 
ATOM   758  C  CG2 . ILE B 1 45 ? -6.389  6.147   -2.518  1.00 51.47 ? 44   ILE B CG2 1 
ATOM   759  C  CD1 . ILE B 1 45 ? -8.632  7.946   -0.680  1.00 52.30 ? 44   ILE B CD1 1 
ATOM   760  N  N   . LEU B 1 46 ? -5.871  3.806   -0.859  1.00 69.15 ? 45   LEU B N   1 
ATOM   761  C  CA  . LEU B 1 46 ? -5.429  2.519   -1.340  1.00 70.57 ? 45   LEU B CA  1 
ATOM   762  C  C   . LEU B 1 46 ? -4.373  1.932   -0.406  1.00 70.29 ? 45   LEU B C   1 
ATOM   763  O  O   . LEU B 1 46 ? -3.223  1.749   -0.854  1.00 70.94 ? 45   LEU B O   1 
ATOM   764  C  CB  . LEU B 1 46 ? -4.891  2.673   -2.781  1.00 71.82 ? 45   LEU B CB  1 
ATOM   765  C  CG  . LEU B 1 46 ? -5.769  3.409   -3.827  1.00 72.28 ? 45   LEU B CG  1 
ATOM   766  C  CD1 . LEU B 1 46 ? -5.086  3.413   -5.184  1.00 71.03 ? 45   LEU B CD1 1 
ATOM   767  C  CD2 . LEU B 1 46 ? -7.134  2.746   -3.951  1.00 72.10 ? 45   LEU B CD2 1 
ATOM   768  O  OXT . LEU B 1 46 ? -4.715  1.664   0.768   1.00 68.98 ? 45   LEU B OXT 1 
ATOM   769  N  N   . TRP C 2 1  ? 11.648  -20.775 -4.503  1.00 45.51 ? 628  TRP C N   1 
ATOM   770  C  CA  . TRP C 2 1  ? 10.770  -20.153 -5.536  1.00 45.37 ? 628  TRP C CA  1 
ATOM   771  C  C   . TRP C 2 1  ? 10.797  -20.882 -6.870  1.00 45.69 ? 628  TRP C C   1 
ATOM   772  O  O   . TRP C 2 1  ? 10.009  -20.566 -7.762  1.00 44.85 ? 628  TRP C O   1 
ATOM   773  C  CB  . TRP C 2 1  ? 11.153  -18.690 -5.773  1.00 45.88 ? 628  TRP C CB  1 
ATOM   774  C  CG  . TRP C 2 1  ? 10.561  -17.716 -4.791  1.00 45.50 ? 628  TRP C CG  1 
ATOM   775  C  CD1 . TRP C 2 1  ? 11.099  -17.316 -3.601  1.00 45.14 ? 628  TRP C CD1 1 
ATOM   776  C  CD2 . TRP C 2 1  ? 9.320   -17.006 -4.931  1.00 45.40 ? 628  TRP C CD2 1 
ATOM   777  N  NE1 . TRP C 2 1  ? 10.273  -16.397 -2.994  1.00 45.05 ? 628  TRP C NE1 1 
ATOM   778  C  CE2 . TRP C 2 1  ? 9.176   -16.190 -3.788  1.00 45.67 ? 628  TRP C CE2 1 
ATOM   779  C  CE3 . TRP C 2 1  ? 8.318   -16.982 -5.913  1.00 44.55 ? 628  TRP C CE3 1 
ATOM   780  C  CZ2 . TRP C 2 1  ? 8.067   -15.351 -3.599  1.00 45.45 ? 628  TRP C CZ2 1 
ATOM   781  C  CZ3 . TRP C 2 1  ? 7.213   -16.150 -5.723  1.00 44.07 ? 628  TRP C CZ3 1 
ATOM   782  C  CH2 . TRP C 2 1  ? 7.100   -15.346 -4.575  1.00 45.05 ? 628  TRP C CH2 1 
ATOM   783  N  N   . GLU C 2 2  ? 11.711  -21.839 -7.019  1.00 47.00 ? 629  GLU C N   1 
ATOM   784  C  CA  . GLU C 2 2  ? 11.798  -22.602 -8.262  1.00 48.40 ? 629  GLU C CA  1 
ATOM   785  C  C   . GLU C 2 2  ? 10.733  -23.681 -8.150  1.00 48.92 ? 629  GLU C C   1 
ATOM   786  O  O   . GLU C 2 2  ? 10.017  -23.954 -9.120  1.00 47.34 ? 629  GLU C O   1 
ATOM   787  C  CB  . GLU C 2 2  ? 13.204  -23.214 -8.435  1.00 50.63 ? 629  GLU C CB  1 
ATOM   788  C  CG  . GLU C 2 2  ? 13.483  -23.925 -9.784  1.00 52.79 ? 629  GLU C CG  1 
ATOM   789  C  CD  . GLU C 2 2  ? 13.251  -23.044 -11.004 1.00 54.29 ? 629  GLU C CD  1 
ATOM   790  O  OE1 . GLU C 2 2  ? 14.106  -22.258 -11.394 1.00 52.97 ? 629  GLU C OE1 1 
ATOM   791  N  N   . GLU C 2 3  ? 10.628  -24.287 -6.961  1.00 50.17 ? 630  GLU C N   1 
ATOM   792  C  CA  . GLU C 2 3  ? 9.610   -25.300 -6.714  1.00 51.17 ? 630  GLU C CA  1 
ATOM   793  C  C   . GLU C 2 3  ? 8.286   -24.601 -6.958  1.00 50.83 ? 630  GLU C C   1 
ATOM   794  O  O   . GLU C 2 3  ? 7.408   -25.138 -7.624  1.00 51.77 ? 630  GLU C O   1 
ATOM   795  C  CB  . GLU C 2 3  ? 9.659   -25.807 -5.267  1.00 52.49 ? 630  GLU C CB  1 
ATOM   796  C  CG  . GLU C 2 3  ? 10.759  -26.820 -4.974  1.00 54.88 ? 630  GLU C CG  1 
ATOM   797  C  CD  . GLU C 2 3  ? 10.581  -27.504 -3.623  1.00 56.38 ? 630  GLU C CD  1 
ATOM   798  O  OE1 . GLU C 2 3  ? 9.498   -28.078 -3.379  1.00 58.17 ? 630  GLU C OE1 1 
ATOM   799  O  OE2 . GLU C 2 3  ? 11.523  -27.475 -2.805  1.00 57.32 ? 630  GLU C OE2 1 
ATOM   800  N  N   . TRP C 2 4  ? 8.161   -23.391 -6.419  1.00 49.85 ? 631  TRP C N   1 
ATOM   801  C  CA  . TRP C 2 4  ? 6.953   -22.593 -6.590  1.00 49.01 ? 631  TRP C CA  1 
ATOM   802  C  C   . TRP C 2 4  ? 6.658   -22.415 -8.085  1.00 48.73 ? 631  TRP C C   1 
ATOM   803  O  O   . TRP C 2 4  ? 5.531   -22.634 -8.535  1.00 47.14 ? 631  TRP C O   1 
ATOM   804  C  CB  . TRP C 2 4  ? 7.125   -21.210 -5.942  1.00 47.17 ? 631  TRP C CB  1 
ATOM   805  C  CG  . TRP C 2 4  ? 5.915   -20.314 -6.110  1.00 45.73 ? 631  TRP C CG  1 
ATOM   806  C  CD1 . TRP C 2 4  ? 4.785   -20.295 -5.330  1.00 44.81 ? 631  TRP C CD1 1 
ATOM   807  C  CD2 . TRP C 2 4  ? 5.688   -19.361 -7.161  1.00 44.47 ? 631  TRP C CD2 1 
ATOM   808  N  NE1 . TRP C 2 4  ? 3.876   -19.392 -5.831  1.00 41.91 ? 631  TRP C NE1 1 
ATOM   809  C  CE2 . TRP C 2 4  ? 4.400   -18.805 -6.952  1.00 43.52 ? 631  TRP C CE2 1 
ATOM   810  C  CE3 . TRP C 2 4  ? 6.446   -18.924 -8.260  1.00 43.58 ? 631  TRP C CE3 1 
ATOM   811  C  CZ2 . TRP C 2 4  ? 3.853   -17.834 -7.804  1.00 43.02 ? 631  TRP C CZ2 1 
ATOM   812  C  CZ3 . TRP C 2 4  ? 5.900   -17.957 -9.111  1.00 43.15 ? 631  TRP C CZ3 1 
ATOM   813  C  CH2 . TRP C 2 4  ? 4.614   -17.425 -8.873  1.00 44.13 ? 631  TRP C CH2 1 
ATOM   814  N  N   . ASP C 2 5  ? 7.684   -22.025 -8.845  1.00 48.86 ? 632  ASP C N   1 
ATOM   815  C  CA  . ASP C 2 5  ? 7.551   -21.799 -10.285 1.00 49.18 ? 632  ASP C CA  1 
ATOM   816  C  C   . ASP C 2 5  ? 7.420   -23.082 -11.110 1.00 48.45 ? 632  ASP C C   1 
ATOM   817  O  O   . ASP C 2 5  ? 6.747   -23.085 -12.140 1.00 47.61 ? 632  ASP C O   1 
ATOM   818  C  CB  . ASP C 2 5  ? 8.728   -20.962 -10.798 1.00 50.63 ? 632  ASP C CB  1 
ATOM   819  C  CG  . ASP C 2 5  ? 8.523   -20.475 -12.226 1.00 51.63 ? 632  ASP C CG  1 
ATOM   820  O  OD1 . ASP C 2 5  ? 7.453   -19.894 -12.518 1.00 49.61 ? 632  ASP C OD1 1 
ATOM   821  O  OD2 . ASP C 2 5  ? 9.441   -20.667 -13.055 1.00 53.17 ? 632  ASP C OD2 1 
ATOM   822  N  N   . ARG C 2 6  ? 8.067   -24.163 -10.680 1.00 48.14 ? 633  ARG C N   1 
ATOM   823  C  CA  . ARG C 2 6  ? 7.948   -25.430 -11.403 1.00 48.38 ? 633  ARG C CA  1 
ATOM   824  C  C   . ARG C 2 6  ? 6.503   -25.887 -11.244 1.00 47.45 ? 633  ARG C C   1 
ATOM   825  O  O   . ARG C 2 6  ? 5.863   -26.314 -12.200 1.00 47.43 ? 633  ARG C O   1 
ATOM   826  C  CB  . ARG C 2 6  ? 8.848   -26.522 -10.812 1.00 50.16 ? 633  ARG C CB  1 
ATOM   827  C  CG  . ARG C 2 6  ? 10.343  -26.253 -10.797 1.00 50.93 ? 633  ARG C CG  1 
ATOM   828  C  CD  . ARG C 2 6  ? 11.110  -27.574 -10.849 1.00 50.78 ? 633  ARG C CD  1 
ATOM   829  N  NE  . ARG C 2 6  ? 12.420  -27.463 -10.230 1.00 51.22 ? 633  ARG C NE  1 
ATOM   830  C  CZ  . ARG C 2 6  ? 12.621  -27.429 -8.917  1.00 52.15 ? 633  ARG C CZ  1 
ATOM   831  N  NH1 . ARG C 2 6  ? 11.593  -27.505 -8.087  1.00 52.61 ? 633  ARG C NH1 1 
ATOM   832  N  NH2 . ARG C 2 6  ? 13.848  -27.301 -8.434  1.00 52.95 ? 633  ARG C NH2 1 
ATOM   833  N  N   . GLU C 2 7  ? 6.012   -25.791 -10.011 1.00 47.25 ? 634  GLU C N   1 
ATOM   834  C  CA  . GLU C 2 7  ? 4.653   -26.178 -9.650  1.00 48.15 ? 634  GLU C CA  1 
ATOM   835  C  C   . GLU C 2 7  ? 3.584   -25.350 -10.346 1.00 48.56 ? 634  GLU C C   1 
ATOM   836  O  O   . GLU C 2 7  ? 2.474   -25.832 -10.571 1.00 47.58 ? 634  GLU C O   1 
ATOM   837  C  CB  . GLU C 2 7  ? 4.458   -26.052 -8.141  1.00 49.04 ? 634  GLU C CB  1 
ATOM   838  C  CG  . GLU C 2 7  ? 5.222   -27.065 -7.327  1.00 53.41 ? 634  GLU C CG  1 
ATOM   839  C  CD  . GLU C 2 7  ? 4.828   -28.491 -7.655  1.00 55.14 ? 634  GLU C CD  1 
ATOM   840  O  OE1 . GLU C 2 7  ? 5.087   -28.934 -8.796  1.00 55.53 ? 634  GLU C OE1 1 
ATOM   841  O  OE2 . GLU C 2 7  ? 4.256   -29.163 -6.768  1.00 57.82 ? 634  GLU C OE2 1 
ATOM   842  N  N   . ILE C 2 8  ? 3.909   -24.100 -10.662 1.00 49.69 ? 635  ILE C N   1 
ATOM   843  C  CA  . ILE C 2 8  ? 2.961   -23.216 -11.328 1.00 50.18 ? 635  ILE C CA  1 
ATOM   844  C  C   . ILE C 2 8  ? 2.573   -23.750 -12.696 1.00 51.67 ? 635  ILE C C   1 
ATOM   845  O  O   . ILE C 2 8  ? 1.396   -23.984 -12.965 1.00 52.62 ? 635  ILE C O   1 
ATOM   846  C  CB  . ILE C 2 8  ? 3.525   -21.794 -11.489 1.00 48.74 ? 635  ILE C CB  1 
ATOM   847  C  CG1 . ILE C 2 8  ? 3.653   -21.137 -10.112 1.00 47.47 ? 635  ILE C CG1 1 
ATOM   848  C  CG2 . ILE C 2 8  ? 2.637   -20.982 -12.422 1.00 49.46 ? 635  ILE C CG2 1 
ATOM   849  C  CD1 . ILE C 2 8  ? 2.411   -21.247 -9.240  1.00 45.57 ? 635  ILE C CD1 1 
ATOM   850  N  N   . GLU C 2 9  ? 3.554   -23.930 -13.564 1.00 53.22 ? 636  GLU C N   1 
ATOM   851  C  CA  . GLU C 2 9  ? 3.267   -24.447 -14.891 1.00 54.88 ? 636  GLU C CA  1 
ATOM   852  C  C   . GLU C 2 9  ? 2.816   -25.916 -14.802 1.00 55.45 ? 636  GLU C C   1 
ATOM   853  O  O   . GLU C 2 9  ? 2.104   -26.398 -15.685 1.00 54.82 ? 636  GLU C O   1 
ATOM   854  C  CB  . GLU C 2 9  ? 4.502   -24.262 -15.780 1.00 55.59 ? 636  GLU C CB  1 
ATOM   855  C  CG  . GLU C 2 9  ? 5.759   -24.021 -14.980 1.00 57.40 ? 636  GLU C CG  1 
ATOM   856  C  CD  . GLU C 2 9  ? 6.859   -23.310 -15.756 1.00 59.00 ? 636  GLU C CD  1 
ATOM   857  O  OE1 . GLU C 2 9  ? 6.844   -23.243 -16.990 1.00 59.48 ? 636  GLU C OE1 1 
ATOM   858  N  N   . ASN C 2 10 ? 3.176   -26.590 -13.703 1.00 56.38 ? 637  ASN C N   1 
ATOM   859  C  CA  . ASN C 2 10 ? 2.828   -27.997 -13.470 1.00 57.43 ? 637  ASN C CA  1 
ATOM   860  C  C   . ASN C 2 10 ? 1.318   -28.204 -13.290 1.00 58.07 ? 637  ASN C C   1 
ATOM   861  O  O   . ASN C 2 10 ? 0.716   -29.035 -13.972 1.00 57.10 ? 637  ASN C O   1 
ATOM   862  C  CB  . ASN C 2 10 ? 3.573   -28.525 -12.228 1.00 58.04 ? 637  ASN C CB  1 
ATOM   863  C  CG  . ASN C 2 10 ? 3.320   -30.016 -11.962 1.00 59.08 ? 637  ASN C CG  1 
ATOM   864  O  OD1 . ASN C 2 10 ? 2.893   -30.399 -10.872 1.00 60.43 ? 637  ASN C OD1 1 
ATOM   865  N  ND2 . ASN C 2 10 ? 3.570   -30.854 -12.969 1.00 57.51 ? 637  ASN C ND2 1 
ATOM   866  N  N   . TYR C 2 11 ? 0.717   -27.447 -12.372 1.00 59.35 ? 638  TYR C N   1 
ATOM   867  C  CA  . TYR C 2 11 ? -0.717  -27.552 -12.086 1.00 59.96 ? 638  TYR C CA  1 
ATOM   868  C  C   . TYR C 2 11 ? -1.610  -26.761 -13.043 1.00 61.31 ? 638  TYR C C   1 
ATOM   869  O  O   . TYR C 2 11 ? -2.834  -26.923 -13.024 1.00 62.29 ? 638  TYR C O   1 
ATOM   870  C  CB  . TYR C 2 11 ? -1.002  -27.122 -10.637 1.00 58.62 ? 638  TYR C CB  1 
ATOM   871  C  CG  . TYR C 2 11 ? -0.640  -28.174 -9.609  1.00 58.37 ? 638  TYR C CG  1 
ATOM   872  C  CD1 . TYR C 2 11 ? -1.386  -29.351 -9.494  1.00 58.36 ? 638  TYR C CD1 1 
ATOM   873  C  CD2 . TYR C 2 11 ? 0.480   -28.025 -8.791  1.00 58.61 ? 638  TYR C CD2 1 
ATOM   874  C  CE1 . TYR C 2 11 ? -1.020  -30.358 -8.592  1.00 58.26 ? 638  TYR C CE1 1 
ATOM   875  C  CE2 . TYR C 2 11 ? 0.856   -29.028 -7.888  1.00 58.34 ? 638  TYR C CE2 1 
ATOM   876  C  CZ  . TYR C 2 11 ? 0.104   -30.189 -7.796  1.00 58.21 ? 638  TYR C CZ  1 
ATOM   877  O  OH  . TYR C 2 11 ? 0.488   -31.181 -6.922  1.00 57.48 ? 638  TYR C OH  1 
ATOM   878  N  N   . THR C 2 12 ? -1.001  -25.919 -13.878 1.00 61.86 ? 639  THR C N   1 
ATOM   879  C  CA  . THR C 2 12 ? -1.747  -25.106 -14.841 1.00 62.08 ? 639  THR C CA  1 
ATOM   880  C  C   . THR C 2 12 ? -1.888  -25.811 -16.189 1.00 61.66 ? 639  THR C C   1 
ATOM   881  O  O   . THR C 2 12 ? -1.233  -26.854 -16.367 1.00 61.59 ? 639  THR C O   1 
ATOM   882  C  CB  . THR C 2 12 ? -1.052  -23.748 -15.076 1.00 62.76 ? 639  THR C CB  1 
ATOM   883  O  OG1 . THR C 2 12 ? -0.945  -23.047 -13.831 1.00 63.11 ? 639  THR C OG1 1 
ATOM   884  C  CG2 . THR C 2 12 ? -1.849  -22.897 -16.064 1.00 62.87 ? 639  THR C CG2 1 
ATOM   885  O  OXT . THR C 2 12 ? -2.641  -25.312 -17.054 1.00 62.17 ? 639  THR C OXT 1 
ATOM   886  N  N   . TRP D 2 1  ? -8.743  14.269  12.999  1.00 49.42 ? 628  TRP D N   1 
ATOM   887  C  CA  . TRP D 2 1  ? -8.638  15.185  11.821  1.00 48.93 ? 628  TRP D CA  1 
ATOM   888  C  C   . TRP D 2 1  ? -9.041  16.608  12.175  1.00 48.82 ? 628  TRP D C   1 
ATOM   889  O  O   . TRP D 2 1  ? -8.493  17.568  11.632  1.00 47.56 ? 628  TRP D O   1 
ATOM   890  C  CB  . TRP D 2 1  ? -9.533  14.706  10.668  1.00 49.42 ? 628  TRP D CB  1 
ATOM   891  C  CG  . TRP D 2 1  ? -8.875  13.788  9.676   1.00 49.01 ? 628  TRP D CG  1 
ATOM   892  C  CD1 . TRP D 2 1  ? -8.883  12.422  9.690   1.00 49.41 ? 628  TRP D CD1 1 
ATOM   893  C  CD2 . TRP D 2 1  ? -8.112  14.176  8.519   1.00 49.32 ? 628  TRP D CD2 1 
ATOM   894  N  NE1 . TRP D 2 1  ? -8.175  11.934  8.614   1.00 49.54 ? 628  TRP D NE1 1 
ATOM   895  C  CE2 . TRP D 2 1  ? -7.692  12.988  7.881   1.00 49.63 ? 628  TRP D CE2 1 
ATOM   896  C  CE3 . TRP D 2 1  ? -7.743  15.411  7.962   1.00 48.25 ? 628  TRP D CE3 1 
ATOM   897  C  CZ2 . TRP D 2 1  ? -6.918  12.998  6.709   1.00 48.73 ? 628  TRP D CZ2 1 
ATOM   898  C  CZ3 . TRP D 2 1  ? -6.975  15.418  6.799   1.00 47.29 ? 628  TRP D CZ3 1 
ATOM   899  C  CH2 . TRP D 2 1  ? -6.573  14.219  6.187   1.00 47.79 ? 628  TRP D CH2 1 
ATOM   900  N  N   . GLU D 2 2  ? -10.015 16.770  13.071  1.00 50.38 ? 629  GLU D N   1 
ATOM   901  C  CA  . GLU D 2 2  ? -10.470 18.121  13.425  1.00 52.13 ? 629  GLU D CA  1 
ATOM   902  C  C   . GLU D 2 2  ? -9.423  18.804  14.288  1.00 51.12 ? 629  GLU D C   1 
ATOM   903  O  O   . GLU D 2 2  ? -9.443  20.023  14.461  1.00 49.45 ? 629  GLU D O   1 
ATOM   904  C  CB  . GLU D 2 2  ? -11.856 18.089  14.109  1.00 55.14 ? 629  GLU D CB  1 
ATOM   905  C  CG  . GLU D 2 2  ? -12.577 19.474  14.296  1.00 60.69 ? 629  GLU D CG  1 
ATOM   906  C  CD  . GLU D 2 2  ? -12.757 20.303  12.997  1.00 64.58 ? 629  GLU D CD  1 
ATOM   907  O  OE1 . GLU D 2 2  ? -12.897 19.732  11.909  1.00 66.86 ? 629  GLU D OE1 1 
ATOM   908  N  N   . GLU D 2 3  ? -8.506  18.008  14.833  1.00 52.01 ? 630  GLU D N   1 
ATOM   909  C  CA  . GLU D 2 3  ? -7.403  18.584  15.586  1.00 53.16 ? 630  GLU D CA  1 
ATOM   910  C  C   . GLU D 2 3  ? -6.415  19.121  14.545  1.00 53.27 ? 630  GLU D C   1 
ATOM   911  O  O   . GLU D 2 3  ? -5.776  20.158  14.751  1.00 53.36 ? 630  GLU D O   1 
ATOM   912  C  CB  . GLU D 2 3  ? -6.736  17.514  16.453  1.00 54.13 ? 630  GLU D CB  1 
ATOM   913  C  CG  . GLU D 2 3  ? -6.378  17.998  17.853  1.00 56.18 ? 630  GLU D CG  1 
ATOM   914  C  CD  . GLU D 2 3  ? -5.450  19.200  17.845  1.00 55.91 ? 630  GLU D CD  1 
ATOM   915  O  OE1 . GLU D 2 3  ? -4.275  19.038  17.465  1.00 56.37 ? 630  GLU D OE1 1 
ATOM   916  O  OE2 . GLU D 2 3  ? -5.896  20.308  18.216  1.00 56.96 ? 630  GLU D OE2 1 
ATOM   917  N  N   . TRP D 2 4  ? -6.320  18.401  13.423  1.00 53.22 ? 631  TRP D N   1 
ATOM   918  C  CA  . TRP D 2 4  ? -5.454  18.752  12.289  1.00 51.61 ? 631  TRP D CA  1 
ATOM   919  C  C   . TRP D 2 4  ? -5.898  20.093  11.693  1.00 49.92 ? 631  TRP D C   1 
ATOM   920  O  O   . TRP D 2 4  ? -5.082  20.972  11.418  1.00 46.54 ? 631  TRP D O   1 
ATOM   921  C  CB  . TRP D 2 4  ? -5.542  17.660  11.205  1.00 51.63 ? 631  TRP D CB  1 
ATOM   922  C  CG  . TRP D 2 4  ? -4.691  17.924  9.980   1.00 51.30 ? 631  TRP D CG  1 
ATOM   923  C  CD1 . TRP D 2 4  ? -3.338  17.759  9.871   1.00 51.10 ? 631  TRP D CD1 1 
ATOM   924  C  CD2 . TRP D 2 4  ? -5.132  18.444  8.715   1.00 50.32 ? 631  TRP D CD2 1 
ATOM   925  N  NE1 . TRP D 2 4  ? -2.910  18.143  8.622   1.00 50.28 ? 631  TRP D NE1 1 
ATOM   926  C  CE2 . TRP D 2 4  ? -3.988  18.569  7.892   1.00 50.06 ? 631  TRP D CE2 1 
ATOM   927  C  CE3 . TRP D 2 4  ? -6.382  18.819  8.199   1.00 50.73 ? 631  TRP D CE3 1 
ATOM   928  C  CZ2 . TRP D 2 4  ? -4.054  19.054  6.580   1.00 49.94 ? 631  TRP D CZ2 1 
ATOM   929  C  CZ3 . TRP D 2 4  ? -6.449  19.303  6.891   1.00 51.11 ? 631  TRP D CZ3 1 
ATOM   930  C  CH2 . TRP D 2 4  ? -5.288  19.416  6.098   1.00 51.38 ? 631  TRP D CH2 1 
ATOM   931  N  N   . ASP D 2 5  ? -7.205  20.227  11.490  1.00 50.02 ? 632  ASP D N   1 
ATOM   932  C  CA  . ASP D 2 5  ? -7.782  21.443  10.936  1.00 50.35 ? 632  ASP D CA  1 
ATOM   933  C  C   . ASP D 2 5  ? -7.485  22.643  11.827  1.00 49.58 ? 632  ASP D C   1 
ATOM   934  O  O   . ASP D 2 5  ? -7.383  23.767  11.343  1.00 49.19 ? 632  ASP D O   1 
ATOM   935  C  CB  . ASP D 2 5  ? -9.295  21.272  10.781  1.00 52.73 ? 632  ASP D CB  1 
ATOM   936  C  CG  . ASP D 2 5  ? -9.977  22.535  10.298  1.00 54.64 ? 632  ASP D CG  1 
ATOM   937  O  OD1 . ASP D 2 5  ? -9.957  23.542  11.038  1.00 55.76 ? 632  ASP D OD1 1 
ATOM   938  O  OD2 . ASP D 2 5  ? -10.533 22.521  9.179   1.00 54.72 ? 632  ASP D OD2 1 
ATOM   939  N  N   . ARG D 2 6  ? -7.349  22.401  13.129  1.00 48.88 ? 633  ARG D N   1 
ATOM   940  C  CA  . ARG D 2 6  ? -7.059  23.475  14.076  1.00 48.34 ? 633  ARG D CA  1 
ATOM   941  C  C   . ARG D 2 6  ? -5.553  23.687  14.204  1.00 47.09 ? 633  ARG D C   1 
ATOM   942  O  O   . ARG D 2 6  ? -5.092  24.801  14.428  1.00 46.40 ? 633  ARG D O   1 
ATOM   943  C  CB  . ARG D 2 6  ? -7.669  23.156  15.446  1.00 49.23 ? 633  ARG D CB  1 
ATOM   944  C  CG  . ARG D 2 6  ? -7.725  24.346  16.410  1.00 48.40 ? 633  ARG D CG  1 
ATOM   945  C  CD  . ARG D 2 6  ? -8.246  25.620  15.734  1.00 47.93 ? 633  ARG D CD  1 
ATOM   946  N  NE  . ARG D 2 6  ? -9.347  25.360  14.811  1.00 47.88 ? 633  ARG D NE  1 
ATOM   947  C  CZ  . ARG D 2 6  ? -10.041 26.307  14.183  1.00 48.81 ? 633  ARG D CZ  1 
ATOM   948  N  NH1 . ARG D 2 6  ? -9.754  27.586  14.380  1.00 49.55 ? 633  ARG D NH1 1 
ATOM   949  N  NH2 . ARG D 2 6  ? -11.021 25.975  13.350  1.00 49.00 ? 633  ARG D NH2 1 
ATOM   950  N  N   . GLU D 2 7  ? -4.795  22.607  14.064  1.00 46.35 ? 634  GLU D N   1 
ATOM   951  C  CA  . GLU D 2 7  ? -3.340  22.677  14.120  1.00 46.28 ? 634  GLU D CA  1 
ATOM   952  C  C   . GLU D 2 7  ? -2.819  23.508  12.951  1.00 46.08 ? 634  GLU D C   1 
ATOM   953  O  O   . GLU D 2 7  ? -1.992  24.400  13.136  1.00 46.27 ? 634  GLU D O   1 
ATOM   954  C  CB  . GLU D 2 7  ? -2.747  21.276  14.039  1.00 46.98 ? 634  GLU D CB  1 
ATOM   955  C  CG  . GLU D 2 7  ? -2.742  20.528  15.349  1.00 49.13 ? 634  GLU D CG  1 
ATOM   956  C  CD  . GLU D 2 7  ? -1.660  21.021  16.281  1.00 50.75 ? 634  GLU D CD  1 
ATOM   957  O  OE1 . GLU D 2 7  ? -1.637  22.240  16.561  1.00 52.23 ? 634  GLU D OE1 1 
ATOM   958  O  OE2 . GLU D 2 7  ? -0.839  20.190  16.732  1.00 50.93 ? 634  GLU D OE2 1 
ATOM   959  N  N   . ILE D 2 8  ? -3.300  23.197  11.747  1.00 46.42 ? 635  ILE D N   1 
ATOM   960  C  CA  . ILE D 2 8  ? -2.901  23.914  10.533  1.00 45.78 ? 635  ILE D CA  1 
ATOM   961  C  C   . ILE D 2 8  ? -3.200  25.401  10.697  1.00 46.11 ? 635  ILE D C   1 
ATOM   962  O  O   . ILE D 2 8  ? -2.330  26.248  10.512  1.00 45.89 ? 635  ILE D O   1 
ATOM   963  C  CB  . ILE D 2 8  ? -3.681  23.413  9.284   1.00 45.07 ? 635  ILE D CB  1 
ATOM   964  C  CG1 . ILE D 2 8  ? -3.444  21.915  9.066   1.00 44.11 ? 635  ILE D CG1 1 
ATOM   965  C  CG2 . ILE D 2 8  ? -3.251  24.204  8.055   1.00 44.36 ? 635  ILE D CG2 1 
ATOM   966  C  CD1 . ILE D 2 8  ? -2.039  21.555  8.646   1.00 43.39 ? 635  ILE D CD1 1 
ATOM   967  N  N   . GLU D 2 9  ? -4.446  25.701  11.057  1.00 47.12 ? 636  GLU D N   1 
ATOM   968  C  CA  . GLU D 2 9  ? -4.896  27.073  11.240  1.00 48.05 ? 636  GLU D CA  1 
ATOM   969  C  C   . GLU D 2 9  ? -4.007  27.873  12.175  1.00 47.29 ? 636  GLU D C   1 
ATOM   970  O  O   . GLU D 2 9  ? -3.687  29.021  11.876  1.00 46.02 ? 636  GLU D O   1 
ATOM   971  C  CB  . GLU D 2 9  ? -6.351  27.096  11.725  1.00 50.18 ? 636  GLU D CB  1 
ATOM   972  C  CG  . GLU D 2 9  ? -7.356  26.774  10.614  1.00 54.70 ? 636  GLU D CG  1 
ATOM   973  C  CD  . GLU D 2 9  ? -8.795  27.060  11.014  1.00 58.20 ? 636  GLU D CD  1 
ATOM   974  O  OE1 . GLU D 2 9  ? -9.029  27.867  11.908  1.00 59.70 ? 636  GLU D OE1 1 
ATOM   975  N  N   . ASN D 2 10 ? -3.600  27.263  13.293  1.00 47.17 ? 637  ASN D N   1 
ATOM   976  C  CA  . ASN D 2 10 ? -2.737  27.903  14.290  1.00 47.02 ? 637  ASN D CA  1 
ATOM   977  C  C   . ASN D 2 10 ? -1.316  28.155  13.790  1.00 47.40 ? 637  ASN D C   1 
ATOM   978  O  O   . ASN D 2 10 ? -0.670  29.132  14.186  1.00 47.04 ? 637  ASN D O   1 
ATOM   979  C  CB  . ASN D 2 10 ? -2.673  27.062  15.573  1.00 45.29 ? 637  ASN D CB  1 
ATOM   980  C  CG  . ASN D 2 10 ? -4.019  26.939  16.260  1.00 44.22 ? 637  ASN D CG  1 
ATOM   981  O  OD1 . ASN D 2 10 ? -4.774  27.907  16.349  1.00 43.04 ? 637  ASN D OD1 1 
ATOM   982  N  ND2 . ASN D 2 10 ? -4.321  25.747  16.763  1.00 44.46 ? 637  ASN D ND2 1 
ATOM   983  N  N   . TYR D 2 11 ? -0.834  27.269  12.924  1.00 47.60 ? 638  TYR D N   1 
ATOM   984  C  CA  . TYR D 2 11 ? 0.509   27.391  12.373  1.00 48.12 ? 638  TYR D CA  1 
ATOM   985  C  C   . TYR D 2 11 ? 0.497   28.113  11.030  1.00 48.66 ? 638  TYR D C   1 
ATOM   986  O  O   . TYR D 2 11 ? 1.537   28.549  10.534  1.00 48.63 ? 638  TYR D O   1 
ATOM   987  C  CB  . TYR D 2 11 ? 1.142   26.005  12.245  1.00 45.64 ? 638  TYR D CB  1 
ATOM   988  C  CG  . TYR D 2 11 ? 1.712   25.493  13.547  1.00 43.41 ? 638  TYR D CG  1 
ATOM   989  C  CD1 . TYR D 2 11 ? 2.915   25.992  14.044  1.00 43.12 ? 638  TYR D CD1 1 
ATOM   990  C  CD2 . TYR D 2 11 ? 1.049   24.523  14.286  1.00 42.72 ? 638  TYR D CD2 1 
ATOM   991  C  CE1 . TYR D 2 11 ? 3.448   25.530  15.249  1.00 43.63 ? 638  TYR D CE1 1 
ATOM   992  C  CE2 . TYR D 2 11 ? 1.566   24.056  15.495  1.00 43.49 ? 638  TYR D CE2 1 
ATOM   993  C  CZ  . TYR D 2 11 ? 2.771   24.557  15.973  1.00 44.25 ? 638  TYR D CZ  1 
ATOM   994  O  OH  . TYR D 2 11 ? 3.309   24.057  17.151  1.00 43.73 ? 638  TYR D OH  1 
ATOM   995  N  N   . THR D 2 12 ? -0.693  28.239  10.456  1.00 50.19 ? 639  THR D N   1 
ATOM   996  C  CA  . THR D 2 12 ? -0.865  28.932  9.189   1.00 52.67 ? 639  THR D CA  1 
ATOM   997  C  C   . THR D 2 12 ? -1.508  30.281  9.485   1.00 53.84 ? 639  THR D C   1 
ATOM   998  O  O   . THR D 2 12 ? -0.772  31.286  9.506   1.00 53.98 ? 639  THR D O   1 
ATOM   999  C  CB  . THR D 2 12 ? -1.788  28.150  8.231   1.00 53.63 ? 639  THR D CB  1 
ATOM   1000 O  OG1 . THR D 2 12 ? -1.140  26.941  7.815   1.00 54.66 ? 639  THR D OG1 1 
ATOM   1001 C  CG2 . THR D 2 12 ? -2.121  28.991  7.008   1.00 53.90 ? 639  THR D CG2 1 
ATOM   1002 O  OXT . THR D 2 12 ? -2.738  30.311  9.715   1.00 55.78 ? 639  THR D OXT 1 
HETATM 1003 CL CL  . CL  E 3 .  ? -21.607 -31.210 -12.881 0.50 38.29 ? 1046 CL  A CL  1 
HETATM 1004 CL CL  . CL  F 3 .  ? 19.604  34.572  7.758   0.50 36.61 ? 1046 CL  B CL  1 
HETATM 1005 C  C1  . N2P G 4 .  ? 9.003   -22.071 -15.501 1.00 62.00 ? 1640 N2P C C1  1 
HETATM 1006 C  C2  . N2P G 4 .  ? 10.250  -22.981 -15.447 1.00 62.26 ? 1640 N2P C C2  1 
HETATM 1007 C  C3  . N2P G 4 .  ? 11.571  -22.214 -15.290 1.00 60.85 ? 1640 N2P C C3  1 
HETATM 1008 C  C4  . N2P G 4 .  ? 12.365  -22.754 -14.087 1.00 60.30 ? 1640 N2P C C4  1 
HETATM 1009 N  NE2 . N2P G 4 .  ? 7.814   -22.776 -15.001 1.00 60.46 ? 1640 N2P C NE2 1 
HETATM 1010 C  C5  . N2P G 4 .  ? 11.624  -22.432 -12.777 1.00 59.89 ? 1640 N2P C C5  1 
HETATM 1011 N  N1  . N2P G 4 .  ? 12.066  -23.182 -11.601 1.00 57.49 ? 1640 N2P C N1  1 
HETATM 1012 C  C1  . N2P H 4 .  ? -11.199 26.546  10.596  1.00 63.61 ? 1640 N2P D C1  1 
HETATM 1013 C  C2  . N2P H 4 .  ? -11.912 25.159  10.630  1.00 65.19 ? 1640 N2P D C2  1 
HETATM 1014 C  C3  . N2P H 4 .  ? -13.267 25.119  11.370  1.00 65.69 ? 1640 N2P D C3  1 
HETATM 1015 C  C4  . N2P H 4 .  ? -13.284 24.042  12.490  1.00 66.56 ? 1640 N2P D C4  1 
HETATM 1016 N  NE2 . N2P H 4 .  ? -9.754  26.416  10.339  1.00 60.84 ? 1640 N2P D NE2 1 
HETATM 1017 C  C5  . N2P H 4 .  ? -12.938 22.601  12.017  1.00 66.46 ? 1640 N2P D C5  1 
HETATM 1018 N  N1  . N2P H 4 .  ? -12.781 21.641  13.132  1.00 66.09 ? 1640 N2P D N1  1 
HETATM 1019 O  O   . HOH I 5 .  ? -33.917 -48.512 -23.513 1.00 20.88 ? 2001 HOH A O   1 
HETATM 1020 O  O   . HOH I 5 .  ? -31.530 -39.840 -24.346 1.00 38.37 ? 2002 HOH A O   1 
HETATM 1021 O  O   . HOH I 5 .  ? -26.692 -48.945 -20.230 1.00 22.24 ? 2003 HOH A O   1 
HETATM 1022 O  O   . HOH I 5 .  ? -30.199 -48.063 -14.918 1.00 42.24 ? 2004 HOH A O   1 
HETATM 1023 O  O   . HOH I 5 .  ? -7.734  -34.840 -8.124  1.00 29.81 ? 2005 HOH A O   1 
HETATM 1024 O  O   . HOH I 5 .  ? -10.898 -30.930 -4.712  1.00 25.50 ? 2006 HOH A O   1 
HETATM 1025 O  O   . HOH I 5 .  ? -22.166 -42.293 -22.649 1.00 33.37 ? 2007 HOH A O   1 
HETATM 1026 O  O   . HOH I 5 .  ? -8.354  -31.300 -3.569  1.00 36.78 ? 2008 HOH A O   1 
HETATM 1027 O  O   . HOH I 5 .  ? -30.874 -33.808 -22.644 1.00 20.63 ? 2009 HOH A O   1 
HETATM 1028 O  O   . HOH I 5 .  ? -33.905 -36.817 -23.309 1.00 26.07 ? 2010 HOH A O   1 
HETATM 1029 O  O   . HOH I 5 .  ? -25.092 -47.191 -20.733 1.00 25.28 ? 2011 HOH A O   1 
HETATM 1030 O  O   . HOH I 5 .  ? -21.074 -38.476 -27.182 1.00 47.80 ? 2012 HOH A O   1 
HETATM 1031 O  O   . HOH I 5 .  ? -18.526 -38.492 -11.391 1.00 30.41 ? 2013 HOH A O   1 
HETATM 1032 O  O   . HOH I 5 .  ? -24.364 -41.034 -10.676 1.00 19.25 ? 2014 HOH A O   1 
HETATM 1033 O  O   . HOH I 5 .  ? -13.733 -37.414 -17.500 1.00 22.01 ? 2015 HOH A O   1 
HETATM 1034 O  O   . HOH I 5 .  ? -18.339 -41.111 -21.208 1.00 29.57 ? 2016 HOH A O   1 
HETATM 1035 O  O   . HOH I 5 .  ? -16.117 -31.812 -18.143 1.00 26.84 ? 2017 HOH A O   1 
HETATM 1036 O  O   . HOH I 5 .  ? -21.142 -38.104 -10.818 1.00 40.29 ? 2018 HOH A O   1 
HETATM 1037 O  O   . HOH I 5 .  ? -11.246 -34.547 -8.265  1.00 25.60 ? 2019 HOH A O   1 
HETATM 1038 O  O   . HOH I 5 .  ? -12.052 -31.739 -6.722  1.00 25.35 ? 2020 HOH A O   1 
HETATM 1039 O  O   . HOH I 5 .  ? -6.547  -33.709 -10.174 1.00 35.53 ? 2021 HOH A O   1 
HETATM 1040 O  O   . HOH I 5 .  ? -5.521  -27.200 -15.010 1.00 36.08 ? 2022 HOH A O   1 
HETATM 1041 O  O   . HOH I 5 .  ? -6.075  -29.745 -4.543  1.00 25.74 ? 2023 HOH A O   1 
HETATM 1042 O  O   . HOH I 5 .  ? -9.900  -32.641 -15.594 1.00 13.35 ? 2024 HOH A O   1 
HETATM 1043 O  O   . HOH I 5 .  ? -6.632  -23.912 -2.246  1.00 39.30 ? 2025 HOH A O   1 
HETATM 1044 O  O   . HOH I 5 .  ? -0.248  -20.110 -9.644  1.00 39.59 ? 2026 HOH A O   1 
HETATM 1045 O  O   . HOH I 5 .  ? 8.169   -20.312 3.662   1.00 34.76 ? 2027 HOH A O   1 
HETATM 1046 O  O   . HOH I 5 .  ? 11.113  -19.110 -0.387  1.00 33.38 ? 2028 HOH A O   1 
HETATM 1047 O  O   . HOH I 5 .  ? 1.150   -12.447 4.705   1.00 29.96 ? 2029 HOH A O   1 
HETATM 1048 O  O   . HOH I 5 .  ? 1.791   -3.857  2.316   1.00 36.08 ? 2030 HOH A O   1 
HETATM 1049 O  O   . HOH J 5 .  ? 28.884  43.766  16.422  1.00 33.66 ? 2001 HOH B O   1 
HETATM 1050 O  O   . HOH J 5 .  ? 29.600  43.697  18.838  1.00 29.76 ? 2002 HOH B O   1 
HETATM 1051 O  O   . HOH J 5 .  ? 11.961  23.190  14.721  1.00 46.04 ? 2003 HOH B O   1 
HETATM 1052 O  O   . HOH J 5 .  ? 25.964  54.229  13.979  1.00 64.60 ? 2004 HOH B O   1 
HETATM 1053 O  O   . HOH J 5 .  ? 31.271  54.821  8.408   1.00 36.37 ? 2005 HOH B O   1 
HETATM 1054 O  O   . HOH J 5 .  ? 30.853  47.874  21.544  1.00 32.47 ? 2006 HOH B O   1 
HETATM 1055 O  O   . HOH J 5 .  ? 31.578  45.339  18.587  1.00 36.78 ? 2007 HOH B O   1 
HETATM 1056 O  O   . HOH J 5 .  ? 25.967  44.348  17.248  1.00 15.55 ? 2008 HOH B O   1 
HETATM 1057 O  O   . HOH J 5 .  ? 13.294  24.384  13.048  1.00 24.84 ? 2009 HOH B O   1 
HETATM 1058 O  O   . HOH J 5 .  ? 24.210  48.873  17.972  1.00 23.27 ? 2010 HOH B O   1 
HETATM 1059 O  O   . HOH J 5 .  ? 23.343  53.760  12.620  1.00 36.79 ? 2011 HOH B O   1 
HETATM 1060 O  O   . HOH J 5 .  ? 20.135  48.622  14.833  1.00 37.07 ? 2012 HOH B O   1 
HETATM 1061 O  O   . HOH J 5 .  ? 19.329  48.488  17.497  1.00 34.91 ? 2013 HOH B O   1 
HETATM 1062 O  O   . HOH J 5 .  ? 3.283   10.855  9.698   1.00 29.22 ? 2014 HOH B O   1 
HETATM 1063 O  O   . HOH J 5 .  ? 16.762  45.610  16.676  1.00 36.42 ? 2015 HOH B O   1 
HETATM 1064 O  O   . HOH J 5 .  ? 19.326  35.647  15.742  1.00 18.11 ? 2016 HOH B O   1 
HETATM 1065 O  O   . HOH J 5 .  ? 22.555  39.889  20.736  1.00 30.45 ? 2017 HOH B O   1 
HETATM 1066 O  O   . HOH J 5 .  ? 24.524  42.436  18.138  1.00 20.01 ? 2018 HOH B O   1 
HETATM 1067 O  O   . HOH J 5 .  ? 6.952   32.979  12.863  1.00 37.19 ? 2019 HOH B O   1 
HETATM 1068 O  O   . HOH J 5 .  ? 19.116  33.117  17.120  1.00 27.18 ? 2020 HOH B O   1 
HETATM 1069 O  O   . HOH J 5 .  ? 13.966  26.952  13.297  1.00 34.18 ? 2021 HOH B O   1 
HETATM 1070 O  O   . HOH J 5 .  ? 14.531  30.624  17.799  1.00 43.20 ? 2022 HOH B O   1 
HETATM 1071 O  O   . HOH J 5 .  ? 5.032   31.234  13.372  1.00 29.55 ? 2023 HOH B O   1 
HETATM 1072 O  O   . HOH J 5 .  ? 8.782   17.951  8.540   1.00 59.63 ? 2024 HOH B O   1 
HETATM 1073 O  O   . HOH J 5 .  ? 5.948   21.688  18.092  1.00 49.30 ? 2025 HOH B O   1 
HETATM 1074 O  O   . HOH J 5 .  ? 7.471   19.227  17.265  1.00 29.66 ? 2026 HOH B O   1 
HETATM 1075 O  O   . HOH J 5 .  ? 4.039   13.572  10.387  1.00 29.32 ? 2027 HOH B O   1 
HETATM 1076 O  O   . HOH J 5 .  ? 8.593   17.058  16.344  1.00 36.57 ? 2028 HOH B O   1 
HETATM 1077 O  O   . HOH J 5 .  ? -3.409  10.140  14.153  1.00 32.88 ? 2029 HOH B O   1 
HETATM 1078 O  O   . HOH J 5 .  ? 0.069   5.620   5.717   1.00 32.65 ? 2030 HOH B O   1 
HETATM 1079 O  O   . HOH J 5 .  ? -7.690  1.104   1.780   1.00 51.15 ? 2031 HOH B O   1 
HETATM 1080 O  O   . HOH J 5 .  ? -9.821  1.066   -1.444  1.00 34.40 ? 2032 HOH B O   1 
HETATM 1081 O  O   . HOH K 5 .  ? 9.948   -22.458 -3.822  1.00 30.43 ? 2001 HOH C O   1 
HETATM 1082 O  O   . HOH K 5 .  ? 12.240  -23.196 -3.187  1.00 24.92 ? 2002 HOH C O   1 
HETATM 1083 O  O   . HOH K 5 .  ? 9.197   -28.879 -6.504  1.00 35.14 ? 2003 HOH C O   1 
HETATM 1084 O  O   . HOH K 5 .  ? 3.461   -32.702 -14.728 1.00 31.22 ? 2004 HOH C O   1 
HETATM 1085 O  O   . HOH K 5 .  ? -5.522  -25.116 -13.413 1.00 25.02 ? 2005 HOH C O   1 
HETATM 1086 O  O   . HOH K 5 .  ? 2.950   -32.755 -8.107  1.00 35.15 ? 2006 HOH C O   1 
HETATM 1087 O  O   . HOH K 5 .  ? 0.504   -31.988 -4.648  1.00 34.48 ? 2007 HOH C O   1 
HETATM 1088 O  O   . HOH L 5 .  ? -3.995  27.259  5.307   1.00 38.14 ? 2001 HOH D O   1 
HETATM 1089 O  O   . HOH L 5 .  ? -6.736  13.941  15.057  1.00 34.82 ? 2002 HOH D O   1 
HETATM 1090 O  O   . HOH L 5 .  ? -5.793  26.057  8.287   1.00 41.69 ? 2003 HOH D O   1 
HETATM 1091 O  O   . HOH L 5 .  ? -6.692  29.371  14.546  1.00 29.31 ? 2004 HOH D O   1 
HETATM 1092 O  O   . HOH L 5 .  ? -2.181  31.658  14.791  1.00 29.60 ? 2005 HOH D O   1 
HETATM 1093 O  O   . HOH L 5 .  ? 1.061   30.690  13.538  1.00 24.18 ? 2006 HOH D O   1 
HETATM 1094 O  O   . HOH L 5 .  ? 2.412   22.638  19.464  1.00 29.05 ? 2007 HOH D O   1 
HETATM 1095 O  O   . HOH L 5 .  ? -5.309  28.654  8.053   1.00 41.00 ? 2008 HOH D O   1 
# 
